data_1IVN
# 
_entry.id   1IVN 
# 
_audit_conform.dict_name       mmcif_pdbx.dic 
_audit_conform.dict_version    5.380 
_audit_conform.dict_location   http://mmcif.pdb.org/dictionaries/ascii/mmcif_pdbx.dic 
# 
loop_
_database_2.database_id 
_database_2.database_code 
_database_2.pdbx_database_accession 
_database_2.pdbx_DOI 
PDB   1IVN         pdb_00001ivn 10.2210/pdb1ivn/pdb 
RCSB  RCSB005315   ?            ?                   
WWPDB D_1000005315 ?            ?                   
# 
loop_
_pdbx_database_related.db_name 
_pdbx_database_related.db_id 
_pdbx_database_related.details 
_pdbx_database_related.content_type 
PDB 1J00 '1J00 is complexed with diethyl phosphono moiety structure.' unspecified 
PDB 1JRL '1JRL is L109P mutant.'                                      unspecified 
PDB 1NYV '1NYV is complexed with octanoic acid.'                      unspecified 
# 
_pdbx_database_status.entry_id                        1IVN 
_pdbx_database_status.deposit_site                    PDBJ 
_pdbx_database_status.process_site                    PDBJ 
_pdbx_database_status.recvd_initial_deposition_date   2002-03-27 
_pdbx_database_status.status_code                     REL 
_pdbx_database_status.status_code_sf                  REL 
_pdbx_database_status.SG_entry                        . 
_pdbx_database_status.status_code_mr                  ? 
_pdbx_database_status.status_code_cs                  ? 
_pdbx_database_status.pdb_format_compatible           Y 
_pdbx_database_status.status_code_nmr_data            ? 
_pdbx_database_status.methods_development_category    ? 
# 
loop_
_audit_author.name 
_audit_author.pdbx_ordinal 
'Lo, Y.-C.'   1 
'Shaw, J.-F.' 2 
'Liaw, Y.-C.' 3 
# 
_citation.id                        primary 
_citation.title                     
;Crystal Structure of Escherichia coli Thioesterase I/Protease I/Lysophospholipase L1: Consensus Sequence Blocks Constitute the Catalytic Center of SGNH-hydrolases through a Conserved Hydrogen Bond Network
;
_citation.journal_abbrev            J.Mol.Biol. 
_citation.journal_volume            330 
_citation.page_first                539 
_citation.page_last                 551 
_citation.year                      2003 
_citation.journal_id_ASTM           JMOBAK 
_citation.country                   UK 
_citation.journal_id_ISSN           0022-2836 
_citation.journal_id_CSD            0070 
_citation.book_publisher            ? 
_citation.pdbx_database_id_PubMed   12842470 
_citation.pdbx_database_id_DOI      '10.1016/S0022-2836(03)00637-5' 
# 
loop_
_citation_author.citation_id 
_citation_author.name 
_citation_author.ordinal 
_citation_author.identifier_ORCID 
primary 'Lo, Y.-C.'   1 ? 
primary 'Lin, S.-C.'  2 ? 
primary 'Shaw, J.-F.' 3 ? 
primary 'Liaw, Y.-C.' 4 ? 
# 
_cell.entry_id           1IVN 
_cell.length_a           49.936 
_cell.length_b           49.936 
_cell.length_c           170.364 
_cell.angle_alpha        90.00 
_cell.angle_beta         90.00 
_cell.angle_gamma        90.00 
_cell.pdbx_unique_axis   ? 
_cell.Z_PDB              8 
_cell.length_a_esd       ? 
_cell.length_b_esd       ? 
_cell.length_c_esd       ? 
_cell.angle_alpha_esd    ? 
_cell.angle_beta_esd     ? 
_cell.angle_gamma_esd    ? 
# 
_symmetry.entry_id                         1IVN 
_symmetry.space_group_name_H-M             'P 43 21 2' 
_symmetry.pdbx_full_space_group_name_H-M   ? 
_symmetry.Int_Tables_number                96 
_symmetry.cell_setting                     ? 
_symmetry.space_group_name_Hall            ? 
# 
loop_
_entity.id 
_entity.type 
_entity.src_method 
_entity.pdbx_description 
_entity.formula_weight 
_entity.pdbx_number_of_molecules 
_entity.pdbx_ec 
_entity.pdbx_mutation 
_entity.pdbx_fragment 
_entity.details 
1 polymer     man 'Thioesterase I' 21561.414 1   '3.1.1.5, 3.1.2.-' ? ? ? 
2 non-polymer syn 'SULFATE ION'    96.063    1   ?                  ? ? ? 
3 non-polymer syn GLYCEROL         92.094    1   ?                  ? ? ? 
4 water       nat water            18.015    147 ?                  ? ? ? 
# 
_entity_name_com.entity_id   1 
_entity_name_com.name        'Acyl-CoA thioesterase I, Protease I, Lysophospholipase L1' 
# 
_entity_poly.entity_id                      1 
_entity_poly.type                           'polypeptide(L)' 
_entity_poly.nstd_linkage                   no 
_entity_poly.nstd_monomer                   no 
_entity_poly.pdbx_seq_one_letter_code       
;ADTLLILGDSLSAGYRMSASAAWPALLNDKWQSKTSVVNASISGDTSQQGLARLPALLKQHQPRWVLVELGGNDGLRGFQ
PQQTEQTLRQILQDVKAANAEPLLMQIRLPANYGRRYNEAFSAIYPKLAKEFDVPLLPFFMEEVYLKPQWMQDDGIHPNR
DAQPFIADWMAKQLQPLVNHDSLEHHHHHH
;
_entity_poly.pdbx_seq_one_letter_code_can   
;ADTLLILGDSLSAGYRMSASAAWPALLNDKWQSKTSVVNASISGDTSQQGLARLPALLKQHQPRWVLVELGGNDGLRGFQ
PQQTEQTLRQILQDVKAANAEPLLMQIRLPANYGRRYNEAFSAIYPKLAKEFDVPLLPFFMEEVYLKPQWMQDDGIHPNR
DAQPFIADWMAKQLQPLVNHDSLEHHHHHH
;
_entity_poly.pdbx_strand_id                 A 
_entity_poly.pdbx_target_identifier         ? 
# 
loop_
_entity_poly_seq.entity_id 
_entity_poly_seq.num 
_entity_poly_seq.mon_id 
_entity_poly_seq.hetero 
1 1   ALA n 
1 2   ASP n 
1 3   THR n 
1 4   LEU n 
1 5   LEU n 
1 6   ILE n 
1 7   LEU n 
1 8   GLY n 
1 9   ASP n 
1 10  SER n 
1 11  LEU n 
1 12  SER n 
1 13  ALA n 
1 14  GLY n 
1 15  TYR n 
1 16  ARG n 
1 17  MET n 
1 18  SER n 
1 19  ALA n 
1 20  SER n 
1 21  ALA n 
1 22  ALA n 
1 23  TRP n 
1 24  PRO n 
1 25  ALA n 
1 26  LEU n 
1 27  LEU n 
1 28  ASN n 
1 29  ASP n 
1 30  LYS n 
1 31  TRP n 
1 32  GLN n 
1 33  SER n 
1 34  LYS n 
1 35  THR n 
1 36  SER n 
1 37  VAL n 
1 38  VAL n 
1 39  ASN n 
1 40  ALA n 
1 41  SER n 
1 42  ILE n 
1 43  SER n 
1 44  GLY n 
1 45  ASP n 
1 46  THR n 
1 47  SER n 
1 48  GLN n 
1 49  GLN n 
1 50  GLY n 
1 51  LEU n 
1 52  ALA n 
1 53  ARG n 
1 54  LEU n 
1 55  PRO n 
1 56  ALA n 
1 57  LEU n 
1 58  LEU n 
1 59  LYS n 
1 60  GLN n 
1 61  HIS n 
1 62  GLN n 
1 63  PRO n 
1 64  ARG n 
1 65  TRP n 
1 66  VAL n 
1 67  LEU n 
1 68  VAL n 
1 69  GLU n 
1 70  LEU n 
1 71  GLY n 
1 72  GLY n 
1 73  ASN n 
1 74  ASP n 
1 75  GLY n 
1 76  LEU n 
1 77  ARG n 
1 78  GLY n 
1 79  PHE n 
1 80  GLN n 
1 81  PRO n 
1 82  GLN n 
1 83  GLN n 
1 84  THR n 
1 85  GLU n 
1 86  GLN n 
1 87  THR n 
1 88  LEU n 
1 89  ARG n 
1 90  GLN n 
1 91  ILE n 
1 92  LEU n 
1 93  GLN n 
1 94  ASP n 
1 95  VAL n 
1 96  LYS n 
1 97  ALA n 
1 98  ALA n 
1 99  ASN n 
1 100 ALA n 
1 101 GLU n 
1 102 PRO n 
1 103 LEU n 
1 104 LEU n 
1 105 MET n 
1 106 GLN n 
1 107 ILE n 
1 108 ARG n 
1 109 LEU n 
1 110 PRO n 
1 111 ALA n 
1 112 ASN n 
1 113 TYR n 
1 114 GLY n 
1 115 ARG n 
1 116 ARG n 
1 117 TYR n 
1 118 ASN n 
1 119 GLU n 
1 120 ALA n 
1 121 PHE n 
1 122 SER n 
1 123 ALA n 
1 124 ILE n 
1 125 TYR n 
1 126 PRO n 
1 127 LYS n 
1 128 LEU n 
1 129 ALA n 
1 130 LYS n 
1 131 GLU n 
1 132 PHE n 
1 133 ASP n 
1 134 VAL n 
1 135 PRO n 
1 136 LEU n 
1 137 LEU n 
1 138 PRO n 
1 139 PHE n 
1 140 PHE n 
1 141 MET n 
1 142 GLU n 
1 143 GLU n 
1 144 VAL n 
1 145 TYR n 
1 146 LEU n 
1 147 LYS n 
1 148 PRO n 
1 149 GLN n 
1 150 TRP n 
1 151 MET n 
1 152 GLN n 
1 153 ASP n 
1 154 ASP n 
1 155 GLY n 
1 156 ILE n 
1 157 HIS n 
1 158 PRO n 
1 159 ASN n 
1 160 ARG n 
1 161 ASP n 
1 162 ALA n 
1 163 GLN n 
1 164 PRO n 
1 165 PHE n 
1 166 ILE n 
1 167 ALA n 
1 168 ASP n 
1 169 TRP n 
1 170 MET n 
1 171 ALA n 
1 172 LYS n 
1 173 GLN n 
1 174 LEU n 
1 175 GLN n 
1 176 PRO n 
1 177 LEU n 
1 178 VAL n 
1 179 ASN n 
1 180 HIS n 
1 181 ASP n 
1 182 SER n 
1 183 LEU n 
1 184 GLU n 
1 185 HIS n 
1 186 HIS n 
1 187 HIS n 
1 188 HIS n 
1 189 HIS n 
1 190 HIS n 
# 
_entity_src_gen.entity_id                          1 
_entity_src_gen.pdbx_src_id                        1 
_entity_src_gen.pdbx_alt_source_flag               sample 
_entity_src_gen.pdbx_seq_type                      ? 
_entity_src_gen.pdbx_beg_seq_num                   ? 
_entity_src_gen.pdbx_end_seq_num                   ? 
_entity_src_gen.gene_src_common_name               ? 
_entity_src_gen.gene_src_genus                     ? 
_entity_src_gen.pdbx_gene_src_gene                 tesA/apeA/pldC 
_entity_src_gen.gene_src_species                   ? 
_entity_src_gen.gene_src_strain                    ? 
_entity_src_gen.gene_src_tissue                    ? 
_entity_src_gen.gene_src_tissue_fraction           ? 
_entity_src_gen.gene_src_details                   ? 
_entity_src_gen.pdbx_gene_src_fragment             ? 
_entity_src_gen.pdbx_gene_src_scientific_name      'Escherichia coli' 
_entity_src_gen.pdbx_gene_src_ncbi_taxonomy_id     562 
_entity_src_gen.pdbx_gene_src_variant              ? 
_entity_src_gen.pdbx_gene_src_cell_line            ? 
_entity_src_gen.pdbx_gene_src_atcc                 ? 
_entity_src_gen.pdbx_gene_src_organ                ? 
_entity_src_gen.pdbx_gene_src_organelle            ? 
_entity_src_gen.pdbx_gene_src_cell                 ? 
_entity_src_gen.pdbx_gene_src_cellular_location    ? 
_entity_src_gen.host_org_common_name               ? 
_entity_src_gen.pdbx_host_org_scientific_name      'Escherichia coli' 
_entity_src_gen.pdbx_host_org_ncbi_taxonomy_id     469008 
_entity_src_gen.host_org_genus                     ? 
_entity_src_gen.pdbx_host_org_gene                 ? 
_entity_src_gen.pdbx_host_org_organ                ? 
_entity_src_gen.host_org_species                   ? 
_entity_src_gen.pdbx_host_org_tissue               ? 
_entity_src_gen.pdbx_host_org_tissue_fraction      ? 
_entity_src_gen.pdbx_host_org_strain               'BL21(DE3)' 
_entity_src_gen.pdbx_host_org_variant              ? 
_entity_src_gen.pdbx_host_org_cell_line            ? 
_entity_src_gen.pdbx_host_org_atcc                 ? 
_entity_src_gen.pdbx_host_org_culture_collection   ? 
_entity_src_gen.pdbx_host_org_cell                 ? 
_entity_src_gen.pdbx_host_org_organelle            ? 
_entity_src_gen.pdbx_host_org_cellular_location    ? 
_entity_src_gen.pdbx_host_org_vector_type          Plsmid 
_entity_src_gen.pdbx_host_org_vector               ? 
_entity_src_gen.host_org_details                   ? 
_entity_src_gen.expression_system_id               ? 
_entity_src_gen.plasmid_name                       'pET-20b(+)' 
_entity_src_gen.plasmid_details                    ? 
_entity_src_gen.pdbx_description                   ? 
# 
_struct_ref.id                         1 
_struct_ref.db_name                    UNP 
_struct_ref.db_code                    TESA_ECOLI 
_struct_ref.entity_id                  1 
_struct_ref.pdbx_seq_one_letter_code   
;ADTLLILGDSLSAGYRMSASAAWPALLNDKWQSKTSVVNASISGDTSQQGLARLPALLKQHQPRWVLVELGGNDGLRGFQ
PQQTEQTLRQILQDVKAANAEPLLMQIRLPANYGRRYNEAFSAIYPKLAKEFDVPLLPFFMEEVYLKPQWMQDDGIHPNR
DAQPFIADWMAKQLQPLVNHDS
;
_struct_ref.pdbx_align_begin           27 
_struct_ref.pdbx_db_accession          P29679 
_struct_ref.pdbx_db_isoform            ? 
# 
_struct_ref_seq.align_id                      1 
_struct_ref_seq.ref_id                        1 
_struct_ref_seq.pdbx_PDB_id_code              1IVN 
_struct_ref_seq.pdbx_strand_id                A 
_struct_ref_seq.seq_align_beg                 1 
_struct_ref_seq.pdbx_seq_align_beg_ins_code   ? 
_struct_ref_seq.seq_align_end                 182 
_struct_ref_seq.pdbx_seq_align_end_ins_code   ? 
_struct_ref_seq.pdbx_db_accession             P29679 
_struct_ref_seq.db_align_beg                  27 
_struct_ref_seq.pdbx_db_align_beg_ins_code    ? 
_struct_ref_seq.db_align_end                  208 
_struct_ref_seq.pdbx_db_align_end_ins_code    ? 
_struct_ref_seq.pdbx_auth_seq_align_beg       1 
_struct_ref_seq.pdbx_auth_seq_align_end       182 
# 
loop_
_struct_ref_seq_dif.align_id 
_struct_ref_seq_dif.pdbx_pdb_id_code 
_struct_ref_seq_dif.mon_id 
_struct_ref_seq_dif.pdbx_pdb_strand_id 
_struct_ref_seq_dif.seq_num 
_struct_ref_seq_dif.pdbx_pdb_ins_code 
_struct_ref_seq_dif.pdbx_seq_db_name 
_struct_ref_seq_dif.pdbx_seq_db_accession_code 
_struct_ref_seq_dif.db_mon_id 
_struct_ref_seq_dif.pdbx_seq_db_seq_num 
_struct_ref_seq_dif.details 
_struct_ref_seq_dif.pdbx_auth_seq_num 
_struct_ref_seq_dif.pdbx_ordinal 
1 1IVN LEU A 183 ? UNP P29679 ? ? 'expression tag' 183 1 
1 1IVN GLU A 184 ? UNP P29679 ? ? 'expression tag' 184 2 
1 1IVN HIS A 185 ? UNP P29679 ? ? 'expression tag' 185 3 
1 1IVN HIS A 186 ? UNP P29679 ? ? 'expression tag' 186 4 
1 1IVN HIS A 187 ? UNP P29679 ? ? 'expression tag' 187 5 
1 1IVN HIS A 188 ? UNP P29679 ? ? 'expression tag' 188 6 
1 1IVN HIS A 189 ? UNP P29679 ? ? 'expression tag' 189 7 
1 1IVN HIS A 190 ? UNP P29679 ? ? 'expression tag' 190 8 
# 
loop_
_chem_comp.id 
_chem_comp.type 
_chem_comp.mon_nstd_flag 
_chem_comp.name 
_chem_comp.pdbx_synonyms 
_chem_comp.formula 
_chem_comp.formula_weight 
ALA 'L-peptide linking' y ALANINE         ?                               'C3 H7 N O2'     89.093  
ARG 'L-peptide linking' y ARGININE        ?                               'C6 H15 N4 O2 1' 175.209 
ASN 'L-peptide linking' y ASPARAGINE      ?                               'C4 H8 N2 O3'    132.118 
ASP 'L-peptide linking' y 'ASPARTIC ACID' ?                               'C4 H7 N O4'     133.103 
GLN 'L-peptide linking' y GLUTAMINE       ?                               'C5 H10 N2 O3'   146.144 
GLU 'L-peptide linking' y 'GLUTAMIC ACID' ?                               'C5 H9 N O4'     147.129 
GLY 'peptide linking'   y GLYCINE         ?                               'C2 H5 N O2'     75.067  
GOL non-polymer         . GLYCEROL        'GLYCERIN; PROPANE-1,2,3-TRIOL' 'C3 H8 O3'       92.094  
HIS 'L-peptide linking' y HISTIDINE       ?                               'C6 H10 N3 O2 1' 156.162 
HOH non-polymer         . WATER           ?                               'H2 O'           18.015  
ILE 'L-peptide linking' y ISOLEUCINE      ?                               'C6 H13 N O2'    131.173 
LEU 'L-peptide linking' y LEUCINE         ?                               'C6 H13 N O2'    131.173 
LYS 'L-peptide linking' y LYSINE          ?                               'C6 H15 N2 O2 1' 147.195 
MET 'L-peptide linking' y METHIONINE      ?                               'C5 H11 N O2 S'  149.211 
PHE 'L-peptide linking' y PHENYLALANINE   ?                               'C9 H11 N O2'    165.189 
PRO 'L-peptide linking' y PROLINE         ?                               'C5 H9 N O2'     115.130 
SER 'L-peptide linking' y SERINE          ?                               'C3 H7 N O3'     105.093 
SO4 non-polymer         . 'SULFATE ION'   ?                               'O4 S -2'        96.063  
THR 'L-peptide linking' y THREONINE       ?                               'C4 H9 N O3'     119.119 
TRP 'L-peptide linking' y TRYPTOPHAN      ?                               'C11 H12 N2 O2'  204.225 
TYR 'L-peptide linking' y TYROSINE        ?                               'C9 H11 N O3'    181.189 
VAL 'L-peptide linking' y VALINE          ?                               'C5 H11 N O2'    117.146 
# 
_exptl.entry_id          1IVN 
_exptl.crystals_number   1 
_exptl.method            'X-RAY DIFFRACTION' 
# 
_exptl_crystal.id                    1 
_exptl_crystal.density_meas          ? 
_exptl_crystal.density_percent_sol   48.56 
_exptl_crystal.density_Matthews      2.41 
_exptl_crystal.description           ? 
_exptl_crystal.F_000                 ? 
_exptl_crystal.preparation           ? 
# 
_exptl_crystal_grow.crystal_id      1 
_exptl_crystal_grow.method          'VAPOR DIFFUSION, HANGING DROP' 
_exptl_crystal_grow.pH              6.5 
_exptl_crystal_grow.temp            298 
_exptl_crystal_grow.temp_details    ? 
_exptl_crystal_grow.pdbx_details    
'2-[N-morpholino]ethanesulfonic acid, PEGMME 5000, Ammonium sulfate, pH 6.5, VAPOR DIFFUSION, HANGING DROP, temperature 298K' 
_exptl_crystal_grow.pdbx_pH_range   . 
# 
_diffrn.id                     1 
_diffrn.ambient_temp           133 
_diffrn.ambient_temp_details   ? 
_diffrn.crystal_id             1 
# 
_diffrn_detector.diffrn_id              1 
_diffrn_detector.detector               CCD 
_diffrn_detector.type                   'ADSC QUANTUM 4' 
_diffrn_detector.pdbx_collection_date   ? 
_diffrn_detector.details                ? 
# 
_diffrn_radiation.diffrn_id                        1 
_diffrn_radiation.wavelength_id                    1 
_diffrn_radiation.pdbx_diffrn_protocol             'SINGLE WAVELENGTH' 
_diffrn_radiation.monochromator                    ? 
_diffrn_radiation.pdbx_monochromatic_or_laue_m_l   M 
_diffrn_radiation.pdbx_scattering_type             x-ray 
# 
_diffrn_radiation_wavelength.id           1 
_diffrn_radiation_wavelength.wavelength   0.9236 
_diffrn_radiation_wavelength.wt           1.0 
# 
_diffrn_source.diffrn_id                   1 
_diffrn_source.source                      SYNCHROTRON 
_diffrn_source.type                        'SPRING-8 BEAMLINE BL38B1' 
_diffrn_source.pdbx_wavelength             ? 
_diffrn_source.pdbx_wavelength_list        0.9236 
_diffrn_source.pdbx_synchrotron_site       SPring-8 
_diffrn_source.pdbx_synchrotron_beamline   BL38B1 
# 
_reflns.entry_id                     1IVN 
_reflns.d_resolution_high            1.90 
_reflns.d_resolution_low             28.15 
_reflns.limit_h_max                  25 
_reflns.limit_h_min                  0 
_reflns.limit_k_max                  18 
_reflns.limit_k_min                  0 
_reflns.limit_l_max                  88 
_reflns.limit_l_min                  0 
_reflns.number_all                   17352 
_reflns.observed_criterion_sigma_F   0.0 
_reflns.observed_criterion_F_max     706205.76 
_reflns.observed_criterion_F_min     0.320000 
_reflns.B_iso_Wilson_estimate        26.6 
_reflns.observed_criterion_sigma_I   0.0 
_reflns.number_obs                   17352 
_reflns.percent_possible_obs         97.0 
_reflns.pdbx_Rmerge_I_obs            0.046 
_reflns.pdbx_Rsym_value              ? 
_reflns.pdbx_netI_over_sigmaI        12.9 
_reflns.pdbx_redundancy              20.96 
_reflns.R_free_details               ? 
_reflns.pdbx_chi_squared             ? 
_reflns.pdbx_scaling_rejects         ? 
_reflns.pdbx_ordinal                 1 
_reflns.pdbx_diffrn_id               1 
# 
_reflns_shell.d_res_high             1.90 
_reflns_shell.d_res_low              1.97 
_reflns_shell.percent_possible_obs   ? 
_reflns_shell.percent_possible_all   87.2 
_reflns_shell.Rmerge_I_obs           0.246 
_reflns_shell.meanI_over_sigI_obs    4.94 
_reflns_shell.pdbx_Rsym_value        ? 
_reflns_shell.pdbx_redundancy        ? 
_reflns_shell.number_unique_all      ? 
_reflns_shell.number_measured_all    ? 
_reflns_shell.number_measured_obs    ? 
_reflns_shell.number_unique_obs      ? 
_reflns_shell.pdbx_chi_squared       ? 
_reflns_shell.pdbx_ordinal           1 
_reflns_shell.pdbx_diffrn_id         1 
# 
_refine.entry_id                                 1IVN 
_refine.ls_number_reflns_all                     17893 
_refine.ls_number_reflns_obs                     16976 
_refine.ls_percent_reflns_obs                    94.9 
_refine.ls_d_res_high                            1.90 
_refine.ls_d_res_low                             28.15 
_refine.B_iso_min                                22.55 
_refine.B_iso_max                                98.63 
_refine.B_iso_mean                               46.8 
_refine.occupancy_min                            1.00 
_refine.occupancy_max                            1.00 
_refine.aniso_B[1][1]                            8.73 
_refine.aniso_B[2][2]                            8.73 
_refine.aniso_B[3][3]                            -17.46 
_refine.aniso_B[1][2]                            0.00 
_refine.aniso_B[1][3]                            0.00 
_refine.aniso_B[2][3]                            0.00 
_refine.solvent_model_param_bsol                 52.2166 
_refine.solvent_model_param_ksol                 0.383183 
_refine.solvent_model_details                    'CNS bulk solvent model used' 
_refine.ls_R_factor_R_work                       0.229 
_refine.ls_R_factor_R_free                       0.255 
_refine.ls_R_factor_R_free_error                 0.007 
_refine.ls_number_reflns_R_free                  1695 
_refine.ls_percent_reflns_R_free                 10.0 
_refine.details                                  ? 
_refine.pdbx_ls_sigma_F                          0 
_refine.pdbx_ls_sigma_I                          ? 
_refine.ls_R_factor_all                          ? 
_refine.ls_R_factor_obs                          ? 
_refine.ls_redundancy_reflns_obs                 ? 
_refine.pdbx_data_cutoff_high_absF               ? 
_refine.pdbx_data_cutoff_low_absF                ? 
_refine.ls_number_parameters                     ? 
_refine.ls_number_restraints                     ? 
_refine.ls_R_factor_R_free_error_details         ? 
_refine.pdbx_method_to_determine_struct          'MOLECULAR REPLACEMENT' 
_refine.pdbx_starting_model                      'PDB ENTRY 1JRL' 
_refine.pdbx_ls_cross_valid_method               THROUGHOUT 
_refine.pdbx_R_Free_selection_details            RANDOM 
_refine.pdbx_stereochem_target_val_spec_case     ? 
_refine.pdbx_stereochemistry_target_values       'Engh & Huber' 
_refine.pdbx_isotropic_thermal_model             anisotropic 
_refine.correlation_coeff_Fo_to_Fc               ? 
_refine.correlation_coeff_Fo_to_Fc_free          ? 
_refine.pdbx_solvent_vdw_probe_radii             ? 
_refine.pdbx_solvent_ion_probe_radii             ? 
_refine.pdbx_solvent_shrinkage_radii             ? 
_refine.overall_SU_R_Cruickshank_DPI             ? 
_refine.overall_SU_R_free                        ? 
_refine.overall_SU_B                             ? 
_refine.overall_SU_ML                            ? 
_refine.pdbx_overall_ESU_R_Free                  ? 
_refine.pdbx_data_cutoff_high_rms_absF           ? 
_refine.pdbx_refine_id                           'X-RAY DIFFRACTION' 
_refine.pdbx_overall_phase_error                 ? 
_refine.ls_wR_factor_R_free                      ? 
_refine.ls_wR_factor_R_work                      ? 
_refine.overall_FOM_free_R_set                   ? 
_refine.overall_FOM_work_R_set                   ? 
_refine.pdbx_overall_ESU_R                       ? 
_refine.pdbx_diffrn_id                           1 
_refine.pdbx_TLS_residual_ADP_flag               ? 
_refine.pdbx_overall_SU_R_free_Cruickshank_DPI   ? 
_refine.pdbx_overall_SU_R_Blow_DPI               ? 
_refine.pdbx_overall_SU_R_free_Blow_DPI          ? 
# 
_refine_analyze.entry_id                        1IVN 
_refine_analyze.Luzzati_d_res_low_obs           5.00 
_refine_analyze.pdbx_Luzzati_d_res_high_obs     1.90 
_refine_analyze.Luzzati_coordinate_error_obs    0.25 
_refine_analyze.Luzzati_sigma_a_obs             0.27 
_refine_analyze.Luzzati_coordinate_error_free   0.30 
_refine_analyze.Luzzati_sigma_a_free            0.27 
_refine_analyze.Luzzati_d_res_low_free          ? 
_refine_analyze.number_disordered_residues      ? 
_refine_analyze.occupancy_sum_non_hydrogen      ? 
_refine_analyze.occupancy_sum_hydrogen          ? 
_refine_analyze.pdbx_refine_id                  'X-RAY DIFFRACTION' 
# 
_refine_hist.pdbx_refine_id                   'X-RAY DIFFRACTION' 
_refine_hist.cycle_id                         LAST 
_refine_hist.pdbx_number_atoms_protein        1416 
_refine_hist.pdbx_number_atoms_nucleic_acid   0 
_refine_hist.pdbx_number_atoms_ligand         11 
_refine_hist.number_atoms_solvent             147 
_refine_hist.number_atoms_total               1574 
_refine_hist.d_res_high                       1.90 
_refine_hist.d_res_low                        28.15 
# 
loop_
_refine_ls_restr.type 
_refine_ls_restr.dev_ideal 
_refine_ls_restr.dev_ideal_target 
_refine_ls_restr.number 
_refine_ls_restr.weight 
_refine_ls_restr.pdbx_refine_id 
_refine_ls_restr.pdbx_restraint_function 
x_bond_d           0.006 .    ? ? 'X-RAY DIFFRACTION' ? 
x_angle_deg        1.1   .    ? ? 'X-RAY DIFFRACTION' ? 
x_dihedral_angle_d 21.3  .    ? ? 'X-RAY DIFFRACTION' ? 
x_improper_angle_d 0.79  .    ? ? 'X-RAY DIFFRACTION' ? 
x_mcbond_it        1.64  1.50 ? ? 'X-RAY DIFFRACTION' ? 
x_mcangle_it       2.75  2.00 ? ? 'X-RAY DIFFRACTION' ? 
x_scbond_it        2.00  2.00 ? ? 'X-RAY DIFFRACTION' ? 
x_scangle_it       3.06  2.50 ? ? 'X-RAY DIFFRACTION' ? 
# 
loop_
_refine_ls_shell.d_res_high 
_refine_ls_shell.d_res_low 
_refine_ls_shell.number_reflns_all 
_refine_ls_shell.number_reflns_obs 
_refine_ls_shell.number_reflns_R_work 
_refine_ls_shell.percent_reflns_obs 
_refine_ls_shell.R_factor_R_work 
_refine_ls_shell.R_factor_R_free 
_refine_ls_shell.R_factor_R_free_error 
_refine_ls_shell.number_reflns_R_free 
_refine_ls_shell.percent_reflns_R_free 
_refine_ls_shell.pdbx_total_number_of_bins_used 
_refine_ls_shell.redundancy_reflns_obs 
_refine_ls_shell.pdbx_refine_id 
_refine_ls_shell.R_factor_all 
1.90 2.02  2909 2437 2212 83.7 0.324 0.313 0.022 225 7.7  6 . 'X-RAY DIFFRACTION' . 
2.02 2.17  2923 2832 2578 96.9 0.283 0.34  0.018 254 8.7  6 . 'X-RAY DIFFRACTION' . 
2.17 2.39  2925 2872 2577 98.2 0.251 0.29  0.015 295 10.1 6 . 'X-RAY DIFFRACTION' . 
2.39 2.74  2952 2906 2604 98.4 0.24  0.286 0.014 302 10.2 6 . 'X-RAY DIFFRACTION' . 
2.74 3.45  2989 2956 2638 98.9 0.244 0.283 0.014 318 10.6 6 . 'X-RAY DIFFRACTION' . 
3.45 28.15 3209 2973 2672 92.6 0.222 0.263 0.013 301 9.4  6 . 'X-RAY DIFFRACTION' . 
# 
loop_
_pdbx_xplor_file.serial_no 
_pdbx_xplor_file.param_file 
_pdbx_xplor_file.topol_file 
_pdbx_xplor_file.pdbx_refine_id 
1 protein_rep.param protein.top 'X-RAY DIFFRACTION' 
2 water_rep.param   water.top   'X-RAY DIFFRACTION' 
3 ion.param         ion.top     'X-RAY DIFFRACTION' 
4 imd.param         imd.top     'X-RAY DIFFRACTION' 
5 gol.param         gol.top     'X-RAY DIFFRACTION' 
# 
_struct.entry_id                  1IVN 
_struct.title                     'E.coli Thioesterase I/Protease I/Lysophospholiase L1' 
_struct.pdbx_model_details        ? 
_struct.pdbx_CASP_flag            ? 
_struct.pdbx_model_type_details   ? 
# 
_struct_keywords.entry_id        1IVN 
_struct_keywords.pdbx_keywords   HYDROLASE 
_struct_keywords.text            'Hydrolase, Protease' 
# 
loop_
_struct_asym.id 
_struct_asym.pdbx_blank_PDB_chainid_flag 
_struct_asym.pdbx_modified 
_struct_asym.entity_id 
_struct_asym.details 
A N N 1 ? 
B N N 2 ? 
C N N 3 ? 
D N N 4 ? 
# 
_struct_biol.id                    1 
_struct_biol.pdbx_parent_biol_id   ? 
_struct_biol.details               ? 
# 
loop_
_struct_conf.conf_type_id 
_struct_conf.id 
_struct_conf.pdbx_PDB_helix_id 
_struct_conf.beg_label_comp_id 
_struct_conf.beg_label_asym_id 
_struct_conf.beg_label_seq_id 
_struct_conf.pdbx_beg_PDB_ins_code 
_struct_conf.end_label_comp_id 
_struct_conf.end_label_asym_id 
_struct_conf.end_label_seq_id 
_struct_conf.pdbx_end_PDB_ins_code 
_struct_conf.beg_auth_comp_id 
_struct_conf.beg_auth_asym_id 
_struct_conf.beg_auth_seq_id 
_struct_conf.end_auth_comp_id 
_struct_conf.end_auth_asym_id 
_struct_conf.end_auth_seq_id 
_struct_conf.pdbx_PDB_helix_class 
_struct_conf.details 
_struct_conf.pdbx_PDB_helix_length 
HELX_P HELX_P1  1  ASP A 9   ? GLY A 14  ? ASP A 9   GLY A 14  1 ? 6  
HELX_P HELX_P2  2  SER A 18  ? ALA A 21  ? SER A 18  ALA A 21  5 ? 4  
HELX_P HELX_P3  3  ALA A 22  ? TRP A 31  ? ALA A 22  TRP A 31  1 ? 10 
HELX_P HELX_P4  4  THR A 46  ? GLN A 62  ? THR A 46  GLN A 62  1 ? 17 
HELX_P HELX_P5  5  GLN A 80  ? ALA A 98  ? GLN A 80  ALA A 98  1 ? 19 
HELX_P HELX_P6  6  PRO A 110 ? TYR A 113 ? PRO A 110 TYR A 113 5 ? 4  
HELX_P HELX_P7  7  GLY A 114 ? PHE A 132 ? GLY A 114 PHE A 132 1 ? 19 
HELX_P HELX_P8  8  PHE A 140 ? LEU A 146 ? PHE A 140 LEU A 146 1 ? 7  
HELX_P HELX_P9  9  LYS A 147 ? MET A 151 ? LYS A 147 MET A 151 5 ? 5  
HELX_P HELX_P10 10 ASN A 159 ? ASP A 161 ? ASN A 159 ASP A 161 5 ? 3  
HELX_P HELX_P11 11 ALA A 162 ? GLN A 175 ? ALA A 162 GLN A 175 1 ? 14 
# 
_struct_conf_type.id          HELX_P 
_struct_conf_type.criteria    ? 
_struct_conf_type.reference   ? 
# 
_struct_sheet.id               A 
_struct_sheet.type             ? 
_struct_sheet.number_strands   5 
_struct_sheet.details          ? 
# 
loop_
_struct_sheet_order.sheet_id 
_struct_sheet_order.range_id_1 
_struct_sheet_order.range_id_2 
_struct_sheet_order.offset 
_struct_sheet_order.sense 
A 1 2 ? parallel 
A 2 3 ? parallel 
A 3 4 ? parallel 
A 4 5 ? parallel 
# 
loop_
_struct_sheet_range.sheet_id 
_struct_sheet_range.id 
_struct_sheet_range.beg_label_comp_id 
_struct_sheet_range.beg_label_asym_id 
_struct_sheet_range.beg_label_seq_id 
_struct_sheet_range.pdbx_beg_PDB_ins_code 
_struct_sheet_range.end_label_comp_id 
_struct_sheet_range.end_label_asym_id 
_struct_sheet_range.end_label_seq_id 
_struct_sheet_range.pdbx_end_PDB_ins_code 
_struct_sheet_range.beg_auth_comp_id 
_struct_sheet_range.beg_auth_asym_id 
_struct_sheet_range.beg_auth_seq_id 
_struct_sheet_range.end_auth_comp_id 
_struct_sheet_range.end_auth_asym_id 
_struct_sheet_range.end_auth_seq_id 
A 1 THR A 35  ? ASN A 39  ? THR A 35  ASN A 39  
A 2 ASP A 2   ? GLY A 8   ? ASP A 2   GLY A 8   
A 3 TRP A 65  ? GLU A 69  ? TRP A 65  GLU A 69  
A 4 GLU A 101 ? MET A 105 ? GLU A 101 MET A 105 
A 5 LEU A 136 ? LEU A 137 ? LEU A 136 LEU A 137 
# 
loop_
_pdbx_struct_sheet_hbond.sheet_id 
_pdbx_struct_sheet_hbond.range_id_1 
_pdbx_struct_sheet_hbond.range_id_2 
_pdbx_struct_sheet_hbond.range_1_label_atom_id 
_pdbx_struct_sheet_hbond.range_1_label_comp_id 
_pdbx_struct_sheet_hbond.range_1_label_asym_id 
_pdbx_struct_sheet_hbond.range_1_label_seq_id 
_pdbx_struct_sheet_hbond.range_1_PDB_ins_code 
_pdbx_struct_sheet_hbond.range_1_auth_atom_id 
_pdbx_struct_sheet_hbond.range_1_auth_comp_id 
_pdbx_struct_sheet_hbond.range_1_auth_asym_id 
_pdbx_struct_sheet_hbond.range_1_auth_seq_id 
_pdbx_struct_sheet_hbond.range_2_label_atom_id 
_pdbx_struct_sheet_hbond.range_2_label_comp_id 
_pdbx_struct_sheet_hbond.range_2_label_asym_id 
_pdbx_struct_sheet_hbond.range_2_label_seq_id 
_pdbx_struct_sheet_hbond.range_2_PDB_ins_code 
_pdbx_struct_sheet_hbond.range_2_auth_atom_id 
_pdbx_struct_sheet_hbond.range_2_auth_comp_id 
_pdbx_struct_sheet_hbond.range_2_auth_asym_id 
_pdbx_struct_sheet_hbond.range_2_auth_seq_id 
A 1 2 O SER A 36  ? O SER A 36  N LEU A 4   ? N LEU A 4   
A 2 3 N LEU A 7   ? N LEU A 7   O LEU A 67  ? O LEU A 67  
A 3 4 N VAL A 66  ? N VAL A 66  O LEU A 103 ? O LEU A 103 
A 4 5 N LEU A 104 ? N LEU A 104 O LEU A 137 ? O LEU A 137 
# 
loop_
_struct_site.id 
_struct_site.pdbx_evidence_code 
_struct_site.pdbx_auth_asym_id 
_struct_site.pdbx_auth_comp_id 
_struct_site.pdbx_auth_seq_id 
_struct_site.pdbx_auth_ins_code 
_struct_site.pdbx_num_residues 
_struct_site.details 
AC1 Software A SO4 501 ? 8 'BINDING SITE FOR RESIDUE SO4 A 501' 
AC2 Software A GOL 301 ? 8 'BINDING SITE FOR RESIDUE GOL A 301' 
# 
loop_
_struct_site_gen.id 
_struct_site_gen.site_id 
_struct_site_gen.pdbx_num_res 
_struct_site_gen.label_comp_id 
_struct_site_gen.label_asym_id 
_struct_site_gen.label_seq_id 
_struct_site_gen.pdbx_auth_ins_code 
_struct_site_gen.auth_comp_id 
_struct_site_gen.auth_asym_id 
_struct_site_gen.auth_seq_id 
_struct_site_gen.label_atom_id 
_struct_site_gen.label_alt_id 
_struct_site_gen.symmetry 
_struct_site_gen.details 
1  AC1 8 MET A 17  ? MET A 17  . ? 1_555 ? 
2  AC1 8 SER A 18  ? SER A 18  . ? 1_555 ? 
3  AC1 8 ALA A 21  ? ALA A 21  . ? 1_555 ? 
4  AC1 8 ILE A 42  ? ILE A 42  . ? 8_665 ? 
5  AC1 8 ARG A 53  ? ARG A 53  . ? 8_665 ? 
6  AC1 8 LEU A 57  ? LEU A 57  . ? 8_665 ? 
7  AC1 8 ARG A 160 ? ARG A 160 . ? 1_555 ? 
8  AC1 8 HOH D .   ? HOH A 531 . ? 1_555 ? 
9  AC2 8 ASP A 9   ? ASP A 9   . ? 1_555 ? 
10 AC2 8 SER A 10  ? SER A 10  . ? 1_555 ? 
11 AC2 8 GLY A 72  ? GLY A 72  . ? 1_555 ? 
12 AC2 8 ASN A 73  ? ASN A 73  . ? 1_555 ? 
13 AC2 8 ARG A 108 ? ARG A 108 . ? 1_555 ? 
14 AC2 8 ILE A 156 ? ILE A 156 . ? 1_555 ? 
15 AC2 8 HOH D .   ? HOH A 519 . ? 1_555 ? 
16 AC2 8 HOH D .   ? HOH A 533 . ? 1_555 ? 
# 
_atom_sites.entry_id                    1IVN 
_atom_sites.fract_transf_matrix[1][1]   0.00067808 
_atom_sites.fract_transf_matrix[1][2]   0.02000759 
_atom_sites.fract_transf_matrix[1][3]   0.00052636 
_atom_sites.fract_transf_matrix[2][1]   0.01608763 
_atom_sites.fract_transf_matrix[2][2]   -0.00085816 
_atom_sites.fract_transf_matrix[2][3]   0.01189506 
_atom_sites.fract_transf_matrix[3][1]   0.00349007 
_atom_sites.fract_transf_matrix[3][2]   0.00000588 
_atom_sites.fract_transf_matrix[3][3]   -0.00471977 
_atom_sites.fract_transf_vector[1]      0.177923 
_atom_sites.fract_transf_vector[2]      0.497094 
_atom_sites.fract_transf_vector[3]      0.303834 
# 
loop_
_atom_type.symbol 
C 
N 
O 
S 
# 
loop_
_atom_site.group_PDB 
_atom_site.id 
_atom_site.type_symbol 
_atom_site.label_atom_id 
_atom_site.label_alt_id 
_atom_site.label_comp_id 
_atom_site.label_asym_id 
_atom_site.label_entity_id 
_atom_site.label_seq_id 
_atom_site.pdbx_PDB_ins_code 
_atom_site.Cartn_x 
_atom_site.Cartn_y 
_atom_site.Cartn_z 
_atom_site.occupancy 
_atom_site.B_iso_or_equiv 
_atom_site.pdbx_formal_charge 
_atom_site.auth_seq_id 
_atom_site.auth_comp_id 
_atom_site.auth_asym_id 
_atom_site.auth_atom_id 
_atom_site.pdbx_PDB_model_num 
ATOM   1    N N   . ALA A 1 1   ? -16.209 16.435  -0.110  1.00 52.68 ? 1   ALA A N   1 
ATOM   2    C CA  . ALA A 1 1   ? -14.984 15.899  -0.774  1.00 51.50 ? 1   ALA A CA  1 
ATOM   3    C C   . ALA A 1 1   ? -14.917 14.389  -0.582  1.00 49.95 ? 1   ALA A C   1 
ATOM   4    O O   . ALA A 1 1   ? -15.213 13.881  0.496   1.00 50.71 ? 1   ALA A O   1 
ATOM   5    C CB  . ALA A 1 1   ? -13.741 16.559  -0.187  1.00 52.14 ? 1   ALA A CB  1 
ATOM   6    N N   . ASP A 1 2   ? -14.528 13.672  -1.629  1.00 47.55 ? 2   ASP A N   1 
ATOM   7    C CA  . ASP A 1 2   ? -14.441 12.219  -1.554  1.00 45.19 ? 2   ASP A CA  1 
ATOM   8    C C   . ASP A 1 2   ? -13.262 11.808  -0.665  1.00 43.24 ? 2   ASP A C   1 
ATOM   9    O O   . ASP A 1 2   ? -12.348 12.601  -0.421  1.00 42.06 ? 2   ASP A O   1 
ATOM   10   C CB  . ASP A 1 2   ? -14.299 11.643  -2.968  1.00 47.52 ? 2   ASP A CB  1 
ATOM   11   C CG  . ASP A 1 2   ? -15.561 11.835  -3.809  1.00 49.22 ? 2   ASP A CG  1 
ATOM   12   O OD1 . ASP A 1 2   ? -15.445 11.977  -5.044  1.00 50.81 ? 2   ASP A OD1 1 
ATOM   13   O OD2 . ASP A 1 2   ? -16.671 11.829  -3.237  1.00 49.32 ? 2   ASP A OD2 1 
ATOM   14   N N   . THR A 1 3   ? -13.285 10.574  -0.175  1.00 39.84 ? 3   THR A N   1 
ATOM   15   C CA  . THR A 1 3   ? -12.217 10.094  0.693   1.00 38.54 ? 3   THR A CA  1 
ATOM   16   C C   . THR A 1 3   ? -11.446 8.915   0.128   1.00 38.33 ? 3   THR A C   1 
ATOM   17   O O   . THR A 1 3   ? -12.032 7.946   -0.356  1.00 36.19 ? 3   THR A O   1 
ATOM   18   C CB  . THR A 1 3   ? -12.753 9.662   2.083   1.00 38.22 ? 3   THR A CB  1 
ATOM   19   O OG1 . THR A 1 3   ? -13.275 10.800  2.780   1.00 38.36 ? 3   THR A OG1 1 
ATOM   20   C CG2 . THR A 1 3   ? -11.630 9.041   2.915   1.00 37.53 ? 3   THR A CG2 1 
ATOM   21   N N   . LEU A 1 4   ? -10.120 9.013   0.188   1.00 36.99 ? 4   LEU A N   1 
ATOM   22   C CA  . LEU A 1 4   ? -9.243  7.933   -0.254  1.00 34.36 ? 4   LEU A CA  1 
ATOM   23   C C   . LEU A 1 4   ? -8.653  7.348   1.027   1.00 34.20 ? 4   LEU A C   1 
ATOM   24   O O   . LEU A 1 4   ? -7.968  8.046   1.775   1.00 33.75 ? 4   LEU A O   1 
ATOM   25   C CB  . LEU A 1 4   ? -8.106  8.462   -1.141  1.00 33.07 ? 4   LEU A CB  1 
ATOM   26   C CG  . LEU A 1 4   ? -6.896  7.528   -1.322  1.00 35.06 ? 4   LEU A CG  1 
ATOM   27   C CD1 . LEU A 1 4   ? -7.333  6.226   -1.986  1.00 29.62 ? 4   LEU A CD1 1 
ATOM   28   C CD2 . LEU A 1 4   ? -5.819  8.218   -2.161  1.00 35.09 ? 4   LEU A CD2 1 
ATOM   29   N N   . LEU A 1 5   ? -8.940  6.079   1.290   1.00 34.03 ? 5   LEU A N   1 
ATOM   30   C CA  . LEU A 1 5   ? -8.421  5.408   2.477   1.00 32.96 ? 5   LEU A CA  1 
ATOM   31   C C   . LEU A 1 5   ? -7.170  4.640   2.082   1.00 32.89 ? 5   LEU A C   1 
ATOM   32   O O   . LEU A 1 5   ? -7.181  3.897   1.102   1.00 33.42 ? 5   LEU A O   1 
ATOM   33   C CB  . LEU A 1 5   ? -9.454  4.422   3.036   1.00 32.76 ? 5   LEU A CB  1 
ATOM   34   C CG  . LEU A 1 5   ? -9.022  3.545   4.224   1.00 32.66 ? 5   LEU A CG  1 
ATOM   35   C CD1 . LEU A 1 5   ? -8.855  4.393   5.475   1.00 31.99 ? 5   LEU A CD1 1 
ATOM   36   C CD2 . LEU A 1 5   ? -10.073 2.474   4.472   1.00 33.59 ? 5   LEU A CD2 1 
ATOM   37   N N   . ILE A 1 6   ? -6.090  4.826   2.831   1.00 31.38 ? 6   ILE A N   1 
ATOM   38   C CA  . ILE A 1 6   ? -4.860  4.108   2.543   1.00 29.67 ? 6   ILE A CA  1 
ATOM   39   C C   . ILE A 1 6   ? -4.735  3.022   3.598   1.00 31.48 ? 6   ILE A C   1 
ATOM   40   O O   . ILE A 1 6   ? -4.629  3.310   4.788   1.00 31.27 ? 6   ILE A O   1 
ATOM   41   C CB  . ILE A 1 6   ? -3.620  5.015   2.623   1.00 29.31 ? 6   ILE A CB  1 
ATOM   42   C CG1 . ILE A 1 6   ? -3.712  6.108   1.561   1.00 27.83 ? 6   ILE A CG1 1 
ATOM   43   C CG2 . ILE A 1 6   ? -2.340  4.180   2.388   1.00 25.72 ? 6   ILE A CG2 1 
ATOM   44   C CD1 . ILE A 1 6   ? -2.636  7.135   1.689   1.00 31.47 ? 6   ILE A CD1 1 
ATOM   45   N N   . LEU A 1 7   ? -4.780  1.771   3.162   1.00 30.26 ? 7   LEU A N   1 
ATOM   46   C CA  . LEU A 1 7   ? -4.659  0.647   4.086   1.00 29.15 ? 7   LEU A CA  1 
ATOM   47   C C   . LEU A 1 7   ? -3.283  0.063   3.820   1.00 28.73 ? 7   LEU A C   1 
ATOM   48   O O   . LEU A 1 7   ? -3.110  -0.707  2.877   1.00 29.18 ? 7   LEU A O   1 
ATOM   49   C CB  . LEU A 1 7   ? -5.739  -0.396  3.795   1.00 29.21 ? 7   LEU A CB  1 
ATOM   50   C CG  . LEU A 1 7   ? -5.815  -1.592  4.748   1.00 29.46 ? 7   LEU A CG  1 
ATOM   51   C CD1 . LEU A 1 7   ? -6.368  -1.158  6.098   1.00 28.13 ? 7   LEU A CD1 1 
ATOM   52   C CD2 . LEU A 1 7   ? -6.716  -2.658  4.139   1.00 32.69 ? 7   LEU A CD2 1 
ATOM   53   N N   . GLY A 1 8   ? -2.293  0.434   4.632   1.00 28.30 ? 8   GLY A N   1 
ATOM   54   C CA  . GLY A 1 8   ? -0.953  -0.084  4.397   1.00 27.62 ? 8   GLY A CA  1 
ATOM   55   C C   . GLY A 1 8   ? -0.100  -0.360  5.622   1.00 26.82 ? 8   GLY A C   1 
ATOM   56   O O   . GLY A 1 8   ? -0.596  -0.385  6.748   1.00 26.81 ? 8   GLY A O   1 
ATOM   57   N N   . ASP A 1 9   ? 1.189   -0.581  5.388   1.00 25.99 ? 9   ASP A N   1 
ATOM   58   C CA  . ASP A 1 9   ? 2.129   -0.845  6.467   1.00 27.77 ? 9   ASP A CA  1 
ATOM   59   C C   . ASP A 1 9   ? 3.124   0.294   6.598   1.00 27.72 ? 9   ASP A C   1 
ATOM   60   O O   . ASP A 1 9   ? 2.794   1.450   6.320   1.00 25.70 ? 9   ASP A O   1 
ATOM   61   C CB  . ASP A 1 9   ? 2.872   -2.173  6.240   1.00 28.74 ? 9   ASP A CB  1 
ATOM   62   C CG  . ASP A 1 9   ? 3.468   -2.283  4.848   1.00 30.63 ? 9   ASP A CG  1 
ATOM   63   O OD1 . ASP A 1 9   ? 3.937   -1.248  4.311   1.00 29.86 ? 9   ASP A OD1 1 
ATOM   64   O OD2 . ASP A 1 9   ? 3.478   -3.403  4.294   1.00 30.17 ? 9   ASP A OD2 1 
ATOM   65   N N   . SER A 1 10  ? 4.347   -0.024  7.017   1.00 27.88 ? 10  SER A N   1 
ATOM   66   C CA  . SER A 1 10  ? 5.359   1.004   7.210   1.00 28.51 ? 10  SER A CA  1 
ATOM   67   C C   . SER A 1 10  ? 5.654   1.838   5.961   1.00 27.28 ? 10  SER A C   1 
ATOM   68   O O   . SER A 1 10  ? 5.989   3.016   6.076   1.00 27.51 ? 10  SER A O   1 
ATOM   69   C CB  . SER A 1 10  ? 6.668   0.381   7.720   1.00 29.02 ? 10  SER A CB  1 
ATOM   70   O OG  . SER A 1 10  ? 7.326   -0.317  6.682   1.00 32.66 ? 10  SER A OG  1 
ATOM   71   N N   . LEU A 1 11  ? 5.546   1.251   4.772   1.00 26.53 ? 11  LEU A N   1 
ATOM   72   C CA  . LEU A 1 11  ? 5.841   2.024   3.560   1.00 26.13 ? 11  LEU A CA  1 
ATOM   73   C C   . LEU A 1 11  ? 4.909   3.238   3.403   1.00 26.91 ? 11  LEU A C   1 
ATOM   74   O O   . LEU A 1 11  ? 5.271   4.247   2.782   1.00 24.91 ? 11  LEU A O   1 
ATOM   75   C CB  . LEU A 1 11  ? 5.777   1.127   2.317   1.00 24.86 ? 11  LEU A CB  1 
ATOM   76   C CG  . LEU A 1 11  ? 6.805   -0.011  2.312   1.00 26.45 ? 11  LEU A CG  1 
ATOM   77   C CD1 . LEU A 1 11  ? 6.709   -0.785  1.012   1.00 26.89 ? 11  LEU A CD1 1 
ATOM   78   C CD2 . LEU A 1 11  ? 8.227   0.566   2.482   1.00 25.78 ? 11  LEU A CD2 1 
ATOM   79   N N   . SER A 1 12  ? 3.716   3.133   3.979   1.00 26.71 ? 12  SER A N   1 
ATOM   80   C CA  . SER A 1 12  ? 2.751   4.222   3.930   1.00 26.01 ? 12  SER A CA  1 
ATOM   81   C C   . SER A 1 12  ? 2.612   4.928   5.279   1.00 26.89 ? 12  SER A C   1 
ATOM   82   O O   . SER A 1 12  ? 2.297   6.117   5.330   1.00 26.87 ? 12  SER A O   1 
ATOM   83   C CB  . SER A 1 12  ? 1.381   3.717   3.477   1.00 25.20 ? 12  SER A CB  1 
ATOM   84   O OG  . SER A 1 12  ? 1.428   3.225   2.151   1.00 25.25 ? 12  SER A OG  1 
ATOM   85   N N   . ALA A 1 13  ? 2.841   4.207   6.372   1.00 25.00 ? 13  ALA A N   1 
ATOM   86   C CA  . ALA A 1 13  ? 2.722   4.819   7.691   1.00 25.51 ? 13  ALA A CA  1 
ATOM   87   C C   . ALA A 1 13  ? 3.946   5.664   7.979   1.00 24.81 ? 13  ALA A C   1 
ATOM   88   O O   . ALA A 1 13  ? 3.874   6.650   8.716   1.00 26.73 ? 13  ALA A O   1 
ATOM   89   C CB  . ALA A 1 13  ? 2.571   3.743   8.773   1.00 26.95 ? 13  ALA A CB  1 
ATOM   90   N N   . GLY A 1 14  ? 5.065   5.281   7.372   1.00 23.37 ? 14  GLY A N   1 
ATOM   91   C CA  . GLY A 1 14  ? 6.316   5.973   7.599   1.00 26.11 ? 14  GLY A CA  1 
ATOM   92   C C   . GLY A 1 14  ? 7.057   5.115   8.607   1.00 27.96 ? 14  GLY A C   1 
ATOM   93   O O   . GLY A 1 14  ? 6.474   4.719   9.613   1.00 30.46 ? 14  GLY A O   1 
ATOM   94   N N   . TYR A 1 15  ? 8.324   4.810   8.345   1.00 28.45 ? 15  TYR A N   1 
ATOM   95   C CA  . TYR A 1 15  ? 9.112   3.971   9.251   1.00 28.93 ? 15  TYR A CA  1 
ATOM   96   C C   . TYR A 1 15  ? 10.041  4.841   10.089  1.00 27.01 ? 15  TYR A C   1 
ATOM   97   O O   . TYR A 1 15  ? 10.898  5.531   9.554   1.00 27.12 ? 15  TYR A O   1 
ATOM   98   C CB  . TYR A 1 15  ? 9.927   2.954   8.442   1.00 30.78 ? 15  TYR A CB  1 
ATOM   99   C CG  . TYR A 1 15  ? 10.663  1.938   9.292   1.00 34.71 ? 15  TYR A CG  1 
ATOM   100  C CD1 . TYR A 1 15  ? 12.042  2.028   9.487   1.00 34.98 ? 15  TYR A CD1 1 
ATOM   101  C CD2 . TYR A 1 15  ? 9.972   0.894   9.914   1.00 37.56 ? 15  TYR A CD2 1 
ATOM   102  C CE1 . TYR A 1 15  ? 12.723  1.102   10.282  1.00 37.81 ? 15  TYR A CE1 1 
ATOM   103  C CE2 . TYR A 1 15  ? 10.642  -0.039  10.715  1.00 41.12 ? 15  TYR A CE2 1 
ATOM   104  C CZ  . TYR A 1 15  ? 12.021  0.076   10.893  1.00 40.27 ? 15  TYR A CZ  1 
ATOM   105  O OH  . TYR A 1 15  ? 12.692  -0.821  11.693  1.00 43.74 ? 15  TYR A OH  1 
ATOM   106  N N   . ARG A 1 16  ? 9.856   4.814   11.404  1.00 28.50 ? 16  ARG A N   1 
ATOM   107  C CA  . ARG A 1 16  ? 10.676  5.617   12.303  1.00 29.33 ? 16  ARG A CA  1 
ATOM   108  C C   . ARG A 1 16  ? 10.612  7.117   12.007  1.00 30.02 ? 16  ARG A C   1 
ATOM   109  O O   . ARG A 1 16  ? 11.625  7.812   12.034  1.00 29.54 ? 16  ARG A O   1 
ATOM   110  C CB  . ARG A 1 16  ? 12.127  5.130   12.275  1.00 32.73 ? 16  ARG A CB  1 
ATOM   111  C CG  . ARG A 1 16  ? 12.269  3.671   12.697  1.00 37.53 ? 16  ARG A CG  1 
ATOM   112  C CD  . ARG A 1 16  ? 13.686  3.325   13.112  1.00 42.70 ? 16  ARG A CD  1 
ATOM   113  N NE  . ARG A 1 16  ? 13.838  1.893   13.357  1.00 47.39 ? 16  ARG A NE  1 
ATOM   114  C CZ  . ARG A 1 16  ? 14.851  1.355   14.029  1.00 50.43 ? 16  ARG A CZ  1 
ATOM   115  N NH1 . ARG A 1 16  ? 15.804  2.134   14.529  1.00 51.41 ? 16  ARG A NH1 1 
ATOM   116  N NH2 . ARG A 1 16  ? 14.918  0.040   14.189  1.00 51.11 ? 16  ARG A NH2 1 
ATOM   117  N N   . MET A 1 17  ? 9.409   7.597   11.702  1.00 27.59 ? 17  MET A N   1 
ATOM   118  C CA  . MET A 1 17  ? 9.151   9.014   11.455  1.00 27.04 ? 17  MET A CA  1 
ATOM   119  C C   . MET A 1 17  ? 7.678   9.182   11.814  1.00 27.89 ? 17  MET A C   1 
ATOM   120  O O   . MET A 1 17  ? 6.947   8.191   11.890  1.00 25.90 ? 17  MET A O   1 
ATOM   121  C CB  . MET A 1 17  ? 9.406   9.385   9.988   1.00 26.45 ? 17  MET A CB  1 
ATOM   122  C CG  . MET A 1 17  ? 8.440   8.769   8.995   1.00 25.82 ? 17  MET A CG  1 
ATOM   123  S SD  . MET A 1 17  ? 8.836   9.208   7.287   1.00 27.70 ? 17  MET A SD  1 
ATOM   124  C CE  . MET A 1 17  ? 10.213  8.064   6.961   1.00 30.77 ? 17  MET A CE  1 
ATOM   125  N N   . SER A 1 18  ? 7.236   10.413  12.057  1.00 26.90 ? 18  SER A N   1 
ATOM   126  C CA  . SER A 1 18  ? 5.837   10.635  12.420  1.00 28.71 ? 18  SER A CA  1 
ATOM   127  C C   . SER A 1 18  ? 4.942   10.486  11.210  1.00 30.32 ? 18  SER A C   1 
ATOM   128  O O   . SER A 1 18  ? 5.402   10.518  10.071  1.00 28.27 ? 18  SER A O   1 
ATOM   129  C CB  . SER A 1 18  ? 5.634   12.038  12.989  1.00 27.68 ? 18  SER A CB  1 
ATOM   130  O OG  . SER A 1 18  ? 5.804   12.997  11.962  1.00 28.89 ? 18  SER A OG  1 
ATOM   131  N N   . ALA A 1 19  ? 3.650   10.340  11.458  1.00 32.79 ? 19  ALA A N   1 
ATOM   132  C CA  . ALA A 1 19  ? 2.705   10.207  10.364  1.00 33.94 ? 19  ALA A CA  1 
ATOM   133  C C   . ALA A 1 19  ? 2.733   11.479  9.517   1.00 31.99 ? 19  ALA A C   1 
ATOM   134  O O   . ALA A 1 19  ? 2.587   11.408  8.303   1.00 32.46 ? 19  ALA A O   1 
ATOM   135  C CB  . ALA A 1 19  ? 1.301   9.972   10.915  1.00 36.13 ? 19  ALA A CB  1 
ATOM   136  N N   . SER A 1 20  ? 2.931   12.634  10.153  1.00 31.72 ? 20  SER A N   1 
ATOM   137  C CA  . SER A 1 20  ? 2.957   13.910  9.429   1.00 33.38 ? 20  SER A CA  1 
ATOM   138  C C   . SER A 1 20  ? 4.105   14.031  8.434   1.00 32.40 ? 20  SER A C   1 
ATOM   139  O O   . SER A 1 20  ? 4.078   14.880  7.542   1.00 31.09 ? 20  SER A O   1 
ATOM   140  C CB  . SER A 1 20  ? 3.027   15.085  10.409  1.00 34.15 ? 20  SER A CB  1 
ATOM   141  O OG  . SER A 1 20  ? 4.295   15.161  11.042  1.00 37.34 ? 20  SER A OG  1 
ATOM   142  N N   . ALA A 1 21  ? 5.123   13.191  8.599   1.00 30.55 ? 21  ALA A N   1 
ATOM   143  C CA  . ALA A 1 21  ? 6.279   13.209  7.713   1.00 29.72 ? 21  ALA A CA  1 
ATOM   144  C C   . ALA A 1 21  ? 6.122   12.214  6.560   1.00 29.69 ? 21  ALA A C   1 
ATOM   145  O O   . ALA A 1 21  ? 6.790   12.329  5.531   1.00 28.52 ? 21  ALA A O   1 
ATOM   146  C CB  . ALA A 1 21  ? 7.549   12.892  8.514   1.00 30.15 ? 21  ALA A CB  1 
ATOM   147  N N   . ALA A 1 22  ? 5.227   11.246  6.739   1.00 28.52 ? 22  ALA A N   1 
ATOM   148  C CA  . ALA A 1 22  ? 4.980   10.218  5.733   1.00 27.28 ? 22  ALA A CA  1 
ATOM   149  C C   . ALA A 1 22  ? 4.266   10.812  4.525   1.00 28.18 ? 22  ALA A C   1 
ATOM   150  O O   . ALA A 1 22  ? 3.447   11.726  4.666   1.00 28.09 ? 22  ALA A O   1 
ATOM   151  C CB  . ALA A 1 22  ? 4.150   9.095   6.336   1.00 25.89 ? 22  ALA A CB  1 
ATOM   152  N N   . TRP A 1 23  ? 4.560   10.268  3.346   1.00 25.98 ? 23  TRP A N   1 
ATOM   153  C CA  . TRP A 1 23  ? 3.988   10.774  2.104   1.00 26.67 ? 23  TRP A CA  1 
ATOM   154  C C   . TRP A 1 23  ? 2.466   10.930  2.037   1.00 25.66 ? 23  TRP A C   1 
ATOM   155  O O   . TRP A 1 23  ? 1.977   11.821  1.339   1.00 28.85 ? 23  TRP A O   1 
ATOM   156  C CB  . TRP A 1 23  ? 4.483   9.948   0.895   1.00 22.93 ? 23  TRP A CB  1 
ATOM   157  C CG  . TRP A 1 23  ? 4.006   8.521   0.862   1.00 24.76 ? 23  TRP A CG  1 
ATOM   158  C CD1 . TRP A 1 23  ? 4.668   7.417   1.336   1.00 23.08 ? 23  TRP A CD1 1 
ATOM   159  C CD2 . TRP A 1 23  ? 2.755   8.047   0.348   1.00 22.85 ? 23  TRP A CD2 1 
ATOM   160  N NE1 . TRP A 1 23  ? 3.902   6.291   1.153   1.00 23.75 ? 23  TRP A NE1 1 
ATOM   161  C CE2 . TRP A 1 23  ? 2.723   6.648   0.549   1.00 24.62 ? 23  TRP A CE2 1 
ATOM   162  C CE3 . TRP A 1 23  ? 1.652   8.671   -0.254  1.00 23.33 ? 23  TRP A CE3 1 
ATOM   163  C CZ2 . TRP A 1 23  ? 1.634   5.859   0.163   1.00 22.56 ? 23  TRP A CZ2 1 
ATOM   164  C CZ3 . TRP A 1 23  ? 0.570   7.891   -0.638  1.00 22.55 ? 23  TRP A CZ3 1 
ATOM   165  C CH2 . TRP A 1 23  ? 0.568   6.493   -0.425  1.00 25.97 ? 23  TRP A CH2 1 
ATOM   166  N N   . PRO A 1 24  ? 1.696   10.087  2.747   1.00 24.22 ? 24  PRO A N   1 
ATOM   167  C CA  . PRO A 1 24  ? 0.241   10.271  2.657   1.00 24.86 ? 24  PRO A CA  1 
ATOM   168  C C   . PRO A 1 24  ? -0.190  11.631  3.219   1.00 27.31 ? 24  PRO A C   1 
ATOM   169  O O   . PRO A 1 24  ? -1.137  12.249  2.721   1.00 28.70 ? 24  PRO A O   1 
ATOM   170  C CB  . PRO A 1 24  ? -0.308  9.094   3.457   1.00 25.12 ? 24  PRO A CB  1 
ATOM   171  C CG  . PRO A 1 24  ? 0.773   8.022   3.226   1.00 23.43 ? 24  PRO A CG  1 
ATOM   172  C CD  . PRO A 1 24  ? 2.015   8.836   3.458   1.00 23.84 ? 24  PRO A CD  1 
ATOM   173  N N   . ALA A 1 25  ? 0.512   12.101  4.244   1.00 27.47 ? 25  ALA A N   1 
ATOM   174  C CA  . ALA A 1 25  ? 0.200   13.401  4.839   1.00 28.31 ? 25  ALA A CA  1 
ATOM   175  C C   . ALA A 1 25  ? 0.552   14.512  3.849   1.00 30.94 ? 25  ALA A C   1 
ATOM   176  O O   . ALA A 1 25  ? -0.182  15.498  3.724   1.00 31.57 ? 25  ALA A O   1 
ATOM   177  C CB  . ALA A 1 25  ? 0.973   13.590  6.136   1.00 25.43 ? 25  ALA A CB  1 
ATOM   178  N N   . LEU A 1 26  ? 1.671   14.349  3.145   1.00 30.47 ? 26  LEU A N   1 
ATOM   179  C CA  . LEU A 1 26  ? 2.098   15.340  2.161   1.00 32.24 ? 26  LEU A CA  1 
ATOM   180  C C   . LEU A 1 26  ? 1.123   15.363  0.984   1.00 33.31 ? 26  LEU A C   1 
ATOM   181  O O   . LEU A 1 26  ? 0.833   16.420  0.427   1.00 33.34 ? 26  LEU A O   1 
ATOM   182  C CB  . LEU A 1 26  ? 3.516   15.030  1.657   1.00 31.17 ? 26  LEU A CB  1 
ATOM   183  C CG  . LEU A 1 26  ? 4.647   15.094  2.692   1.00 33.66 ? 26  LEU A CG  1 
ATOM   184  C CD1 . LEU A 1 26  ? 6.015   14.866  2.011   1.00 32.50 ? 26  LEU A CD1 1 
ATOM   185  C CD2 . LEU A 1 26  ? 4.630   16.461  3.370   1.00 36.63 ? 26  LEU A CD2 1 
ATOM   186  N N   . LEU A 1 27  ? 0.623   14.186  0.611   1.00 32.70 ? 27  LEU A N   1 
ATOM   187  C CA  . LEU A 1 27  ? -0.333  14.070  -0.484  1.00 34.41 ? 27  LEU A CA  1 
ATOM   188  C C   . LEU A 1 27  ? -1.645  14.738  -0.091  1.00 35.25 ? 27  LEU A C   1 
ATOM   189  O O   . LEU A 1 27  ? -2.277  15.417  -0.904  1.00 35.44 ? 27  LEU A O   1 
ATOM   190  C CB  . LEU A 1 27  ? -0.602  12.604  -0.812  1.00 32.38 ? 27  LEU A CB  1 
ATOM   191  C CG  . LEU A 1 27  ? -1.644  12.352  -1.905  1.00 33.90 ? 27  LEU A CG  1 
ATOM   192  C CD1 . LEU A 1 27  ? -1.160  12.928  -3.227  1.00 33.01 ? 27  LEU A CD1 1 
ATOM   193  C CD2 . LEU A 1 27  ? -1.888  10.857  -2.043  1.00 31.52 ? 27  LEU A CD2 1 
ATOM   194  N N   . ASN A 1 28  ? -2.055  14.525  1.155   1.00 35.67 ? 28  ASN A N   1 
ATOM   195  C CA  . ASN A 1 28  ? -3.283  15.119  1.665   1.00 37.55 ? 28  ASN A CA  1 
ATOM   196  C C   . ASN A 1 28  ? -3.171  16.636  1.591   1.00 38.54 ? 28  ASN A C   1 
ATOM   197  O O   . ASN A 1 28  ? -4.120  17.320  1.212   1.00 37.62 ? 28  ASN A O   1 
ATOM   198  C CB  . ASN A 1 28  ? -3.531  14.695  3.114   1.00 36.56 ? 28  ASN A CB  1 
ATOM   199  C CG  . ASN A 1 28  ? -4.824  15.257  3.668   1.00 39.53 ? 28  ASN A CG  1 
ATOM   200  O OD1 . ASN A 1 28  ? -4.814  16.053  4.609   1.00 40.35 ? 28  ASN A OD1 1 
ATOM   201  N ND2 . ASN A 1 28  ? -5.948  14.853  3.080   1.00 35.98 ? 28  ASN A ND2 1 
ATOM   202  N N   . ASP A 1 29  ? -2.009  17.160  1.963   1.00 40.12 ? 29  ASP A N   1 
ATOM   203  C CA  . ASP A 1 29  ? -1.781  18.599  1.921   1.00 44.10 ? 29  ASP A CA  1 
ATOM   204  C C   . ASP A 1 29  ? -1.919  19.099  0.488   1.00 45.94 ? 29  ASP A C   1 
ATOM   205  O O   . ASP A 1 29  ? -2.477  20.168  0.246   1.00 47.38 ? 29  ASP A O   1 
ATOM   206  C CB  . ASP A 1 29  ? -0.383  18.933  2.449   1.00 45.68 ? 29  ASP A CB  1 
ATOM   207  C CG  . ASP A 1 29  ? -0.273  18.774  3.956   1.00 48.46 ? 29  ASP A CG  1 
ATOM   208  O OD1 . ASP A 1 29  ? 0.867   18.676  4.459   1.00 51.94 ? 29  ASP A OD1 1 
ATOM   209  O OD2 . ASP A 1 29  ? -1.318  18.756  4.641   1.00 50.64 ? 29  ASP A OD2 1 
ATOM   210  N N   . LYS A 1 30  ? -1.417  18.314  -0.461  1.00 47.21 ? 30  LYS A N   1 
ATOM   211  C CA  . LYS A 1 30  ? -1.488  18.683  -1.869  1.00 48.51 ? 30  LYS A CA  1 
ATOM   212  C C   . LYS A 1 30  ? -2.922  18.579  -2.388  1.00 48.52 ? 30  LYS A C   1 
ATOM   213  O O   . LYS A 1 30  ? -3.335  19.351  -3.254  1.00 49.18 ? 30  LYS A O   1 
ATOM   214  C CB  . LYS A 1 30  ? -0.564  17.786  -2.702  1.00 50.10 ? 30  LYS A CB  1 
ATOM   215  C CG  . LYS A 1 30  ? -0.438  18.219  -4.156  1.00 53.57 ? 30  LYS A CG  1 
ATOM   216  C CD  . LYS A 1 30  ? 0.336   17.207  -4.984  1.00 56.78 ? 30  LYS A CD  1 
ATOM   217  C CE  . LYS A 1 30  ? 0.329   17.585  -6.463  1.00 58.25 ? 30  LYS A CE  1 
ATOM   218  N NZ  . LYS A 1 30  ? 0.999   16.560  -7.308  1.00 58.62 ? 30  LYS A NZ  1 
ATOM   219  N N   . TRP A 1 31  ? -3.681  17.626  -1.856  1.00 47.39 ? 31  TRP A N   1 
ATOM   220  C CA  . TRP A 1 31  ? -5.063  17.434  -2.269  1.00 48.12 ? 31  TRP A CA  1 
ATOM   221  C C   . TRP A 1 31  ? -6.039  18.025  -1.256  1.00 50.59 ? 31  TRP A C   1 
ATOM   222  O O   . TRP A 1 31  ? -5.932  19.197  -0.895  1.00 53.10 ? 31  TRP A O   1 
ATOM   223  C CB  . TRP A 1 31  ? -5.361  15.945  -2.456  1.00 46.25 ? 31  TRP A CB  1 
ATOM   224  C CG  . TRP A 1 31  ? -4.692  15.336  -3.651  1.00 43.69 ? 31  TRP A CG  1 
ATOM   225  C CD1 . TRP A 1 31  ? -3.908  15.974  -4.573  1.00 42.57 ? 31  TRP A CD1 1 
ATOM   226  C CD2 . TRP A 1 31  ? -4.806  13.978  -4.092  1.00 42.69 ? 31  TRP A CD2 1 
ATOM   227  N NE1 . TRP A 1 31  ? -3.535  15.096  -5.563  1.00 42.54 ? 31  TRP A NE1 1 
ATOM   228  C CE2 . TRP A 1 31  ? -4.073  13.865  -5.292  1.00 41.71 ? 31  TRP A CE2 1 
ATOM   229  C CE3 . TRP A 1 31  ? -5.461  12.845  -3.588  1.00 41.93 ? 31  TRP A CE3 1 
ATOM   230  C CZ2 . TRP A 1 31  ? -3.977  12.665  -6.000  1.00 43.04 ? 31  TRP A CZ2 1 
ATOM   231  C CZ3 . TRP A 1 31  ? -5.366  11.651  -4.291  1.00 43.03 ? 31  TRP A CZ3 1 
ATOM   232  C CH2 . TRP A 1 31  ? -4.629  11.571  -5.485  1.00 42.24 ? 31  TRP A CH2 1 
ATOM   233  N N   . SER A 1 33  ? -8.398  19.012  0.311   1.00 70.42 ? 33  SER A N   1 
ATOM   234  C CA  . SER A 1 33  ? -9.364  19.993  -0.168  1.00 70.36 ? 33  SER A CA  1 
ATOM   235  C C   . SER A 1 33  ? -10.414 19.351  -1.063  1.00 69.85 ? 33  SER A C   1 
ATOM   236  O O   . SER A 1 33  ? -11.593 19.301  -0.710  1.00 70.75 ? 33  SER A O   1 
ATOM   237  C CB  . SER A 1 33  ? -8.652  21.104  -0.939  1.00 70.85 ? 33  SER A CB  1 
ATOM   238  O OG  . SER A 1 33  ? -9.582  22.076  -1.389  1.00 70.70 ? 33  SER A OG  1 
ATOM   239  N N   . LYS A 1 34  ? -9.980  18.869  -2.224  1.00 68.34 ? 34  LYS A N   1 
ATOM   240  C CA  . LYS A 1 34  ? -10.877 18.222  -3.176  1.00 66.73 ? 34  LYS A CA  1 
ATOM   241  C C   . LYS A 1 34  ? -11.031 16.748  -2.813  1.00 64.64 ? 34  LYS A C   1 
ATOM   242  O O   . LYS A 1 34  ? -12.102 16.161  -2.982  1.00 64.91 ? 34  LYS A O   1 
ATOM   243  C CB  . LYS A 1 34  ? -10.325 18.351  -4.602  1.00 68.53 ? 34  LYS A CB  1 
ATOM   244  C CG  . LYS A 1 34  ? -11.233 17.773  -5.692  1.00 70.35 ? 34  LYS A CG  1 
ATOM   245  C CD  . LYS A 1 34  ? -12.560 18.526  -5.777  1.00 72.55 ? 34  LYS A CD  1 
ATOM   246  C CE  . LYS A 1 34  ? -13.480 17.948  -6.851  1.00 72.66 ? 34  LYS A CE  1 
ATOM   247  N NZ  . LYS A 1 34  ? -12.874 17.989  -8.211  1.00 73.19 ? 34  LYS A NZ  1 
ATOM   248  N N   . THR A 1 35  ? -9.951  16.155  -2.313  1.00 60.38 ? 35  THR A N   1 
ATOM   249  C CA  . THR A 1 35  ? -9.959  14.751  -1.921  1.00 56.37 ? 35  THR A CA  1 
ATOM   250  C C   . THR A 1 35  ? -9.253  14.560  -0.583  1.00 52.68 ? 35  THR A C   1 
ATOM   251  O O   . THR A 1 35  ? -8.103  14.962  -0.415  1.00 51.61 ? 35  THR A O   1 
ATOM   252  C CB  . THR A 1 35  ? -9.254  13.874  -2.981  1.00 56.80 ? 35  THR A CB  1 
ATOM   253  O OG1 . THR A 1 35  ? -9.920  14.019  -4.242  1.00 58.67 ? 35  THR A OG1 1 
ATOM   254  C CG2 . THR A 1 35  ? -9.282  12.413  -2.567  1.00 56.06 ? 35  THR A CG2 1 
ATOM   255  N N   . SER A 1 36  ? -9.945  13.949  0.371   1.00 49.62 ? 36  SER A N   1 
ATOM   256  C CA  . SER A 1 36  ? -9.365  13.708  1.687   1.00 46.69 ? 36  SER A CA  1 
ATOM   257  C C   . SER A 1 36  ? -8.603  12.383  1.700   1.00 42.90 ? 36  SER A C   1 
ATOM   258  O O   . SER A 1 36  ? -9.118  11.359  1.261   1.00 42.20 ? 36  SER A O   1 
ATOM   259  C CB  . SER A 1 36  ? -10.464 13.678  2.751   1.00 47.70 ? 36  SER A CB  1 
ATOM   260  O OG  . SER A 1 36  ? -9.934  13.324  4.017   1.00 49.53 ? 36  SER A OG  1 
ATOM   261  N N   . VAL A 1 37  ? -7.373  12.409  2.205   1.00 40.11 ? 37  VAL A N   1 
ATOM   262  C CA  . VAL A 1 37  ? -6.560  11.197  2.274   1.00 37.25 ? 37  VAL A CA  1 
ATOM   263  C C   . VAL A 1 37  ? -6.437  10.736  3.725   1.00 35.11 ? 37  VAL A C   1 
ATOM   264  O O   . VAL A 1 37  ? -5.835  11.420  4.546   1.00 35.80 ? 37  VAL A O   1 
ATOM   265  C CB  . VAL A 1 37  ? -5.147  11.450  1.702   1.00 39.23 ? 37  VAL A CB  1 
ATOM   266  C CG1 . VAL A 1 37  ? -4.327  10.162  1.739   1.00 38.81 ? 37  VAL A CG1 1 
ATOM   267  C CG2 . VAL A 1 37  ? -5.254  11.971  0.266   1.00 37.38 ? 37  VAL A CG2 1 
ATOM   268  N N   . VAL A 1 38  ? -7.013  9.581   4.036   1.00 33.04 ? 38  VAL A N   1 
ATOM   269  C CA  . VAL A 1 38  ? -6.962  9.040   5.388   1.00 31.13 ? 38  VAL A CA  1 
ATOM   270  C C   . VAL A 1 38  ? -5.918  7.929   5.441   1.00 31.67 ? 38  VAL A C   1 
ATOM   271  O O   . VAL A 1 38  ? -6.074  6.877   4.811   1.00 28.34 ? 38  VAL A O   1 
ATOM   272  C CB  . VAL A 1 38  ? -8.342  8.492   5.816   1.00 31.67 ? 38  VAL A CB  1 
ATOM   273  C CG1 . VAL A 1 38  ? -8.278  7.907   7.223   1.00 30.60 ? 38  VAL A CG1 1 
ATOM   274  C CG2 . VAL A 1 38  ? -9.371  9.613   5.764   1.00 31.43 ? 38  VAL A CG2 1 
ATOM   275  N N   . ASN A 1 39  ? -4.855  8.167   6.201   1.00 28.72 ? 39  ASN A N   1 
ATOM   276  C CA  . ASN A 1 39  ? -3.779  7.197   6.298   1.00 29.53 ? 39  ASN A CA  1 
ATOM   277  C C   . ASN A 1 39  ? -3.973  6.170   7.409   1.00 30.93 ? 39  ASN A C   1 
ATOM   278  O O   . ASN A 1 39  ? -3.537  6.375   8.538   1.00 32.82 ? 39  ASN A O   1 
ATOM   279  C CB  . ASN A 1 39  ? -2.448  7.931   6.488   1.00 28.55 ? 39  ASN A CB  1 
ATOM   280  C CG  . ASN A 1 39  ? -1.258  7.024   6.288   1.00 27.93 ? 39  ASN A CG  1 
ATOM   281  O OD1 . ASN A 1 39  ? -1.404  5.866   5.884   1.00 26.23 ? 39  ASN A OD1 1 
ATOM   282  N ND2 . ASN A 1 39  ? -0.067  7.545   6.555   1.00 25.79 ? 39  ASN A ND2 1 
ATOM   283  N N   . ALA A 1 40  ? -4.623  5.058   7.081   1.00 28.54 ? 40  ALA A N   1 
ATOM   284  C CA  . ALA A 1 40  ? -4.868  4.008   8.059   1.00 27.23 ? 40  ALA A CA  1 
ATOM   285  C C   . ALA A 1 40  ? -3.790  2.937   7.965   1.00 27.56 ? 40  ALA A C   1 
ATOM   286  O O   . ALA A 1 40  ? -4.083  1.744   7.841   1.00 28.00 ? 40  ALA A O   1 
ATOM   287  C CB  . ALA A 1 40  ? -6.249  3.390   7.832   1.00 27.82 ? 40  ALA A CB  1 
ATOM   288  N N   . SER A 1 41  ? -2.535  3.366   8.033   1.00 26.14 ? 41  SER A N   1 
ATOM   289  C CA  . SER A 1 41  ? -1.407  2.449   7.941   1.00 25.88 ? 41  SER A CA  1 
ATOM   290  C C   . SER A 1 41  ? -0.698  2.307   9.279   1.00 26.98 ? 41  SER A C   1 
ATOM   291  O O   . SER A 1 41  ? -0.657  3.243   10.073  1.00 23.80 ? 41  SER A O   1 
ATOM   292  C CB  . SER A 1 41  ? -0.409  2.938   6.886   1.00 25.29 ? 41  SER A CB  1 
ATOM   293  O OG  . SER A 1 41  ? -1.052  3.095   5.629   1.00 30.01 ? 41  SER A OG  1 
ATOM   294  N N   . ILE A 1 42  ? -0.136  1.128   9.510   1.00 25.74 ? 42  ILE A N   1 
ATOM   295  C CA  . ILE A 1 42  ? 0.580   0.842   10.744  1.00 26.94 ? 42  ILE A CA  1 
ATOM   296  C C   . ILE A 1 42  ? 1.836   0.053   10.393  1.00 28.82 ? 42  ILE A C   1 
ATOM   297  O O   . ILE A 1 42  ? 1.773   -0.916  9.631   1.00 29.35 ? 42  ILE A O   1 
ATOM   298  C CB  . ILE A 1 42  ? -0.298  0.005   11.710  1.00 27.86 ? 42  ILE A CB  1 
ATOM   299  C CG1 . ILE A 1 42  ? -1.594  0.757   12.031  1.00 27.79 ? 42  ILE A CG1 1 
ATOM   300  C CG2 . ILE A 1 42  ? 0.467   -0.293  12.989  1.00 27.69 ? 42  ILE A CG2 1 
ATOM   301  C CD1 . ILE A 1 42  ? -2.545  -0.014  12.984  1.00 30.84 ? 42  ILE A CD1 1 
ATOM   302  N N   . SER A 1 43  ? 2.977   0.482   10.927  1.00 31.05 ? 43  SER A N   1 
ATOM   303  C CA  . SER A 1 43  ? 4.243   -0.198  10.665  1.00 34.70 ? 43  SER A CA  1 
ATOM   304  C C   . SER A 1 43  ? 4.194   -1.604  11.242  1.00 35.61 ? 43  SER A C   1 
ATOM   305  O O   . SER A 1 43  ? 3.669   -1.812  12.333  1.00 38.19 ? 43  SER A O   1 
ATOM   306  C CB  . SER A 1 43  ? 5.407   0.556   11.308  1.00 35.36 ? 43  SER A CB  1 
ATOM   307  O OG  . SER A 1 43  ? 5.493   1.876   10.811  1.00 43.11 ? 43  SER A OG  1 
ATOM   308  N N   . GLY A 1 44  ? 4.744   -2.564  10.513  1.00 38.05 ? 44  GLY A N   1 
ATOM   309  C CA  . GLY A 1 44  ? 4.745   -3.933  10.997  1.00 36.74 ? 44  GLY A CA  1 
ATOM   310  C C   . GLY A 1 44  ? 3.516   -4.745  10.628  1.00 36.54 ? 44  GLY A C   1 
ATOM   311  O O   . GLY A 1 44  ? 3.555   -5.975  10.658  1.00 36.97 ? 44  GLY A O   1 
ATOM   312  N N   . ASP A 1 45  ? 2.427   -4.074  10.265  1.00 34.60 ? 45  ASP A N   1 
ATOM   313  C CA  . ASP A 1 45  ? 1.196   -4.772  9.900   1.00 32.67 ? 45  ASP A CA  1 
ATOM   314  C C   . ASP A 1 45  ? 1.375   -5.755  8.753   1.00 34.00 ? 45  ASP A C   1 
ATOM   315  O O   . ASP A 1 45  ? 2.068   -5.470  7.770   1.00 31.88 ? 45  ASP A O   1 
ATOM   316  C CB  . ASP A 1 45  ? 0.104   -3.771  9.508   1.00 31.99 ? 45  ASP A CB  1 
ATOM   317  C CG  . ASP A 1 45  ? -0.984  -3.646  10.562  1.00 32.36 ? 45  ASP A CG  1 
ATOM   318  O OD1 . ASP A 1 45  ? -0.675  -3.835  11.749  1.00 31.96 ? 45  ASP A OD1 1 
ATOM   319  O OD2 . ASP A 1 45  ? -2.141  -3.344  10.205  1.00 30.25 ? 45  ASP A OD2 1 
ATOM   320  N N   . THR A 1 46  ? 0.741   -6.916  8.890   1.00 34.02 ? 46  THR A N   1 
ATOM   321  C CA  . THR A 1 46  ? 0.759   -7.941  7.854   1.00 33.09 ? 46  THR A CA  1 
ATOM   322  C C   . THR A 1 46  ? -0.585  -7.776  7.155   1.00 33.07 ? 46  THR A C   1 
ATOM   323  O O   . THR A 1 46  ? -1.435  -7.034  7.639   1.00 32.54 ? 46  THR A O   1 
ATOM   324  C CB  . THR A 1 46  ? 0.809   -9.345  8.462   1.00 35.86 ? 46  THR A CB  1 
ATOM   325  O OG1 . THR A 1 46  ? -0.360  -9.551  9.265   1.00 33.78 ? 46  THR A OG1 1 
ATOM   326  C CG2 . THR A 1 46  ? 2.052   -9.507  9.334   1.00 36.23 ? 46  THR A CG2 1 
ATOM   327  N N   . SER A 1 47  ? -0.789  -8.451  6.029   1.00 32.96 ? 47  SER A N   1 
ATOM   328  C CA  . SER A 1 47  ? -2.061  -8.329  5.328   1.00 33.39 ? 47  SER A CA  1 
ATOM   329  C C   . SER A 1 47  ? -3.223  -8.701  6.241   1.00 34.84 ? 47  SER A C   1 
ATOM   330  O O   . SER A 1 47  ? -4.280  -8.071  6.202   1.00 36.16 ? 47  SER A O   1 
ATOM   331  C CB  . SER A 1 47  ? -2.075  -9.210  4.069   1.00 35.60 ? 47  SER A CB  1 
ATOM   332  O OG  . SER A 1 47  ? -1.718  -10.554 4.351   1.00 33.35 ? 47  SER A OG  1 
ATOM   333  N N   . GLN A 1 48  ? -3.023  -9.716  7.076   1.00 35.79 ? 48  GLN A N   1 
ATOM   334  C CA  . GLN A 1 48  ? -4.066  -10.154 8.000   1.00 37.67 ? 48  GLN A CA  1 
ATOM   335  C C   . GLN A 1 48  ? -4.416  -9.058  9.012   1.00 36.62 ? 48  GLN A C   1 
ATOM   336  O O   . GLN A 1 48  ? -5.591  -8.778  9.250   1.00 35.24 ? 48  GLN A O   1 
ATOM   337  C CB  . GLN A 1 48  ? -3.621  -11.425 8.725   1.00 40.07 ? 48  GLN A CB  1 
ATOM   338  C CG  . GLN A 1 48  ? -4.687  -12.022 9.625   1.00 47.22 ? 48  GLN A CG  1 
ATOM   339  C CD  . GLN A 1 48  ? -4.384  -13.462 10.003  1.00 51.52 ? 48  GLN A CD  1 
ATOM   340  O OE1 . GLN A 1 48  ? -3.396  -13.747 10.684  1.00 52.77 ? 48  GLN A OE1 1 
ATOM   341  N NE2 . GLN A 1 48  ? -5.234  -14.383 9.551   1.00 52.92 ? 48  GLN A NE2 1 
ATOM   342  N N   . GLN A 1 49  ? -3.399  -8.440  9.608   1.00 34.83 ? 49  GLN A N   1 
ATOM   343  C CA  . GLN A 1 49  ? -3.646  -7.370  10.568  1.00 34.82 ? 49  GLN A CA  1 
ATOM   344  C C   . GLN A 1 49  ? -4.382  -6.213  9.890   1.00 34.46 ? 49  GLN A C   1 
ATOM   345  O O   . GLN A 1 49  ? -5.211  -5.541  10.508  1.00 33.63 ? 49  GLN A O   1 
ATOM   346  C CB  . GLN A 1 49  ? -2.323  -6.897  11.172  1.00 36.87 ? 49  GLN A CB  1 
ATOM   347  C CG  . GLN A 1 49  ? -1.626  -7.991  11.976  1.00 38.25 ? 49  GLN A CG  1 
ATOM   348  C CD  . GLN A 1 49  ? -0.321  -7.532  12.586  1.00 39.91 ? 49  GLN A CD  1 
ATOM   349  O OE1 . GLN A 1 49  ? 0.636   -7.226  11.876  1.00 39.13 ? 49  GLN A OE1 1 
ATOM   350  N NE2 . GLN A 1 49  ? -0.276  -7.477  13.913  1.00 41.94 ? 49  GLN A NE2 1 
ATOM   351  N N   . GLY A 1 50  ? -4.081  -5.990  8.613   1.00 34.13 ? 50  GLY A N   1 
ATOM   352  C CA  . GLY A 1 50  ? -4.747  -4.932  7.877   1.00 34.62 ? 50  GLY A CA  1 
ATOM   353  C C   . GLY A 1 50  ? -6.214  -5.258  7.678   1.00 35.07 ? 50  GLY A C   1 
ATOM   354  O O   . GLY A 1 50  ? -7.088  -4.417  7.923   1.00 35.45 ? 50  GLY A O   1 
ATOM   355  N N   . LEU A 1 51  ? -6.496  -6.482  7.234   1.00 35.76 ? 51  LEU A N   1 
ATOM   356  C CA  . LEU A 1 51  ? -7.880  -6.914  7.011   1.00 36.65 ? 51  LEU A CA  1 
ATOM   357  C C   . LEU A 1 51  ? -8.689  -6.817  8.306   1.00 36.66 ? 51  LEU A C   1 
ATOM   358  O O   . LEU A 1 51  ? -9.864  -6.459  8.282   1.00 36.87 ? 51  LEU A O   1 
ATOM   359  C CB  . LEU A 1 51  ? -7.921  -8.365  6.490   1.00 36.94 ? 51  LEU A CB  1 
ATOM   360  C CG  . LEU A 1 51  ? -9.293  -9.062  6.473   1.00 37.98 ? 51  LEU A CG  1 
ATOM   361  C CD1 . LEU A 1 51  ? -10.256 -8.335  5.547   1.00 38.72 ? 51  LEU A CD1 1 
ATOM   362  C CD2 . LEU A 1 51  ? -9.125  -10.509 6.024   1.00 41.61 ? 51  LEU A CD2 1 
ATOM   363  N N   . ALA A 1 52  ? -8.056  -7.141  9.430   1.00 36.54 ? 52  ALA A N   1 
ATOM   364  C CA  . ALA A 1 52  ? -8.730  -7.074  10.724  1.00 37.44 ? 52  ALA A CA  1 
ATOM   365  C C   . ALA A 1 52  ? -9.215  -5.657  11.041  1.00 36.41 ? 52  ALA A C   1 
ATOM   366  O O   . ALA A 1 52  ? -10.220 -5.481  11.729  1.00 35.43 ? 52  ALA A O   1 
ATOM   367  C CB  . ALA A 1 52  ? -7.792  -7.568  11.832  1.00 37.93 ? 52  ALA A CB  1 
ATOM   368  N N   . ARG A 1 53  ? -8.510  -4.646  10.538  1.00 35.19 ? 53  ARG A N   1 
ATOM   369  C CA  . ARG A 1 53  ? -8.894  -3.253  10.798  1.00 33.73 ? 53  ARG A CA  1 
ATOM   370  C C   . ARG A 1 53  ? -9.856  -2.696  9.757   1.00 34.09 ? 53  ARG A C   1 
ATOM   371  O O   . ARG A 1 53  ? -10.539 -1.694  9.993   1.00 35.01 ? 53  ARG A O   1 
ATOM   372  C CB  . ARG A 1 53  ? -7.645  -2.356  10.846  1.00 32.99 ? 53  ARG A CB  1 
ATOM   373  C CG  . ARG A 1 53  ? -6.603  -2.813  11.862  1.00 32.17 ? 53  ARG A CG  1 
ATOM   374  C CD  . ARG A 1 53  ? -5.400  -1.878  11.975  1.00 31.51 ? 53  ARG A CD  1 
ATOM   375  N NE  . ARG A 1 53  ? -4.460  -1.920  10.849  1.00 29.94 ? 53  ARG A NE  1 
ATOM   376  C CZ  . ARG A 1 53  ? -4.416  -1.023  9.863   1.00 27.82 ? 53  ARG A CZ  1 
ATOM   377  N NH1 . ARG A 1 53  ? -5.272  -0.012  9.851   1.00 26.55 ? 53  ARG A NH1 1 
ATOM   378  N NH2 . ARG A 1 53  ? -3.487  -1.112  8.909   1.00 24.26 ? 53  ARG A NH2 1 
ATOM   379  N N   . LEU A 1 54  ? -9.915  -3.351  8.605   1.00 33.63 ? 54  LEU A N   1 
ATOM   380  C CA  . LEU A 1 54  ? -10.749 -2.888  7.505   1.00 34.98 ? 54  LEU A CA  1 
ATOM   381  C C   . LEU A 1 54  ? -12.235 -2.621  7.782   1.00 35.64 ? 54  LEU A C   1 
ATOM   382  O O   . LEU A 1 54  ? -12.749 -1.554  7.442   1.00 35.88 ? 54  LEU A O   1 
ATOM   383  C CB  . LEU A 1 54  ? -10.604 -3.846  6.322   1.00 35.25 ? 54  LEU A CB  1 
ATOM   384  C CG  . LEU A 1 54  ? -11.245 -3.371  5.018   1.00 33.97 ? 54  LEU A CG  1 
ATOM   385  C CD1 . LEU A 1 54  ? -10.737 -1.972  4.651   1.00 30.17 ? 54  LEU A CD1 1 
ATOM   386  C CD2 . LEU A 1 54  ? -10.914 -4.364  3.929   1.00 34.65 ? 54  LEU A CD2 1 
ATOM   387  N N   . PRO A 1 55  ? -12.948 -3.579  8.398   1.00 36.93 ? 55  PRO A N   1 
ATOM   388  C CA  . PRO A 1 55  ? -14.376 -3.384  8.687   1.00 35.95 ? 55  PRO A CA  1 
ATOM   389  C C   . PRO A 1 55  ? -14.684 -2.043  9.360   1.00 36.55 ? 55  PRO A C   1 
ATOM   390  O O   . PRO A 1 55  ? -15.522 -1.282  8.881   1.00 35.67 ? 55  PRO A O   1 
ATOM   391  C CB  . PRO A 1 55  ? -14.719 -4.585  9.568   1.00 37.63 ? 55  PRO A CB  1 
ATOM   392  C CG  . PRO A 1 55  ? -13.820 -5.655  9.019   1.00 38.46 ? 55  PRO A CG  1 
ATOM   393  C CD  . PRO A 1 55  ? -12.498 -4.908  8.847   1.00 36.78 ? 55  PRO A CD  1 
ATOM   394  N N   . ALA A 1 56  ? -14.002 -1.749  10.464  1.00 37.35 ? 56  ALA A N   1 
ATOM   395  C CA  . ALA A 1 56  ? -14.226 -0.487  11.166  1.00 36.53 ? 56  ALA A CA  1 
ATOM   396  C C   . ALA A 1 56  ? -13.903 0.724   10.287  1.00 36.53 ? 56  ALA A C   1 
ATOM   397  O O   . ALA A 1 56  ? -14.633 1.717   10.295  1.00 37.68 ? 56  ALA A O   1 
ATOM   398  C CB  . ALA A 1 56  ? -13.397 -0.440  12.458  1.00 34.09 ? 56  ALA A CB  1 
ATOM   399  N N   . LEU A 1 57  ? -12.809 0.648   9.530   1.00 36.10 ? 57  LEU A N   1 
ATOM   400  C CA  . LEU A 1 57  ? -12.402 1.753   8.653   1.00 34.63 ? 57  LEU A CA  1 
ATOM   401  C C   . LEU A 1 57  ? -13.419 2.068   7.556   1.00 34.74 ? 57  LEU A C   1 
ATOM   402  O O   . LEU A 1 57  ? -13.719 3.232   7.278   1.00 32.59 ? 57  LEU A O   1 
ATOM   403  C CB  . LEU A 1 57  ? -11.060 1.437   7.994   1.00 33.50 ? 57  LEU A CB  1 
ATOM   404  C CG  . LEU A 1 57  ? -9.875  1.328   8.949   1.00 33.44 ? 57  LEU A CG  1 
ATOM   405  C CD1 . LEU A 1 57  ? -8.677  0.739   8.220   1.00 32.97 ? 57  LEU A CD1 1 
ATOM   406  C CD2 . LEU A 1 57  ? -9.560  2.707   9.507   1.00 33.93 ? 57  LEU A CD2 1 
ATOM   407  N N   . LEU A 1 58  ? -13.926 1.028   6.908   1.00 34.83 ? 58  LEU A N   1 
ATOM   408  C CA  . LEU A 1 58  ? -14.902 1.233   5.850   1.00 38.17 ? 58  LEU A CA  1 
ATOM   409  C C   . LEU A 1 58  ? -16.164 1.869   6.426   1.00 39.02 ? 58  LEU A C   1 
ATOM   410  O O   . LEU A 1 58  ? -16.667 2.854   5.892   1.00 38.32 ? 58  LEU A O   1 
ATOM   411  C CB  . LEU A 1 58  ? -15.233 -0.101  5.173   1.00 37.69 ? 58  LEU A CB  1 
ATOM   412  C CG  . LEU A 1 58  ? -14.117 -0.642  4.270   1.00 37.79 ? 58  LEU A CG  1 
ATOM   413  C CD1 . LEU A 1 58  ? -14.390 -2.094  3.894   1.00 36.22 ? 58  LEU A CD1 1 
ATOM   414  C CD2 . LEU A 1 58  ? -14.014 0.232   3.028   1.00 38.32 ? 58  LEU A CD2 1 
ATOM   415  N N   . LYS A 1 59  ? -16.656 1.317   7.530   1.00 40.61 ? 59  LYS A N   1 
ATOM   416  C CA  . LYS A 1 59  ? -17.864 1.835   8.162   1.00 44.53 ? 59  LYS A CA  1 
ATOM   417  C C   . LYS A 1 59  ? -17.702 3.256   8.692   1.00 43.97 ? 59  LYS A C   1 
ATOM   418  O O   . LYS A 1 59  ? -18.656 4.034   8.704   1.00 43.54 ? 59  LYS A O   1 
ATOM   419  C CB  . LYS A 1 59  ? -18.295 0.914   9.305   1.00 46.48 ? 59  LYS A CB  1 
ATOM   420  C CG  . LYS A 1 59  ? -19.551 1.369   10.025  1.00 51.49 ? 59  LYS A CG  1 
ATOM   421  C CD  . LYS A 1 59  ? -19.899 0.438   11.179  1.00 52.94 ? 59  LYS A CD  1 
ATOM   422  C CE  . LYS A 1 59  ? -21.120 0.941   11.941  1.00 54.93 ? 59  LYS A CE  1 
ATOM   423  N NZ  . LYS A 1 59  ? -21.461 0.053   13.094  1.00 56.48 ? 59  LYS A NZ  1 
ATOM   424  N N   . GLN A 1 60  ? -16.493 3.600   9.119   1.00 43.50 ? 60  GLN A N   1 
ATOM   425  C CA  . GLN A 1 60  ? -16.241 4.926   9.664   1.00 43.36 ? 60  GLN A CA  1 
ATOM   426  C C   . GLN A 1 60  ? -15.930 6.003   8.634   1.00 42.75 ? 60  GLN A C   1 
ATOM   427  O O   . GLN A 1 60  ? -16.431 7.125   8.728   1.00 41.15 ? 60  GLN A O   1 
ATOM   428  C CB  . GLN A 1 60  ? -15.097 4.849   10.670  1.00 46.11 ? 60  GLN A CB  1 
ATOM   429  C CG  . GLN A 1 60  ? -14.751 6.165   11.308  1.00 50.80 ? 60  GLN A CG  1 
ATOM   430  C CD  . GLN A 1 60  ? -13.816 5.987   12.480  1.00 54.61 ? 60  GLN A CD  1 
ATOM   431  O OE1 . GLN A 1 60  ? -12.723 5.429   12.340  1.00 56.52 ? 60  GLN A OE1 1 
ATOM   432  N NE2 . GLN A 1 60  ? -14.241 6.453   13.651  1.00 55.85 ? 60  GLN A NE2 1 
ATOM   433  N N   . HIS A 1 61  ? -15.119 5.663   7.640   1.00 41.37 ? 61  HIS A N   1 
ATOM   434  C CA  . HIS A 1 61  ? -14.732 6.636   6.629   1.00 40.65 ? 61  HIS A CA  1 
ATOM   435  C C   . HIS A 1 61  ? -15.531 6.608   5.328   1.00 39.97 ? 61  HIS A C   1 
ATOM   436  O O   . HIS A 1 61  ? -15.475 7.565   4.551   1.00 38.84 ? 61  HIS A O   1 
ATOM   437  C CB  . HIS A 1 61  ? -13.246 6.467   6.320   1.00 39.90 ? 61  HIS A CB  1 
ATOM   438  C CG  . HIS A 1 61  ? -12.362 6.615   7.520   1.00 41.63 ? 61  HIS A CG  1 
ATOM   439  N ND1 . HIS A 1 61  ? -12.160 7.824   8.151   1.00 41.54 ? 61  HIS A ND1 1 
ATOM   440  C CD2 . HIS A 1 61  ? -11.641 5.703   8.213   1.00 40.02 ? 61  HIS A CD2 1 
ATOM   441  C CE1 . HIS A 1 61  ? -11.353 7.648   9.183   1.00 41.14 ? 61  HIS A CE1 1 
ATOM   442  N NE2 . HIS A 1 61  ? -11.024 6.372   9.242   1.00 40.48 ? 61  HIS A NE2 1 
ATOM   443  N N   . GLN A 1 62  ? -16.268 5.524   5.093   1.00 40.35 ? 62  GLN A N   1 
ATOM   444  C CA  . GLN A 1 62  ? -17.063 5.376   3.869   1.00 41.17 ? 62  GLN A CA  1 
ATOM   445  C C   . GLN A 1 62  ? -16.274 5.921   2.682   1.00 39.80 ? 62  GLN A C   1 
ATOM   446  O O   . GLN A 1 62  ? -16.725 6.825   1.979   1.00 39.15 ? 62  GLN A O   1 
ATOM   447  C CB  . GLN A 1 62  ? -18.388 6.135   3.996   1.00 43.14 ? 62  GLN A CB  1 
ATOM   448  C CG  . GLN A 1 62  ? -19.260 5.677   5.147   1.00 45.98 ? 62  GLN A CG  1 
ATOM   449  C CD  . GLN A 1 62  ? -20.614 6.365   5.157   1.00 49.75 ? 62  GLN A CD  1 
ATOM   450  O OE1 . GLN A 1 62  ? -21.375 6.279   4.190   1.00 50.98 ? 62  GLN A OE1 1 
ATOM   451  N NE2 . GLN A 1 62  ? -20.923 7.048   6.253   1.00 50.63 ? 62  GLN A NE2 1 
ATOM   452  N N   . PRO A 1 63  ? -15.075 5.372   2.443   1.00 38.70 ? 63  PRO A N   1 
ATOM   453  C CA  . PRO A 1 63  ? -14.230 5.820   1.337   1.00 38.79 ? 63  PRO A CA  1 
ATOM   454  C C   . PRO A 1 63  ? -14.760 5.430   -0.038  1.00 39.29 ? 63  PRO A C   1 
ATOM   455  O O   . PRO A 1 63  ? -15.482 4.444   -0.184  1.00 37.30 ? 63  PRO A O   1 
ATOM   456  C CB  . PRO A 1 63  ? -12.900 5.147   1.640   1.00 37.97 ? 63  PRO A CB  1 
ATOM   457  C CG  . PRO A 1 63  ? -13.344 3.819   2.163   1.00 36.91 ? 63  PRO A CG  1 
ATOM   458  C CD  . PRO A 1 63  ? -14.483 4.195   3.108   1.00 37.73 ? 63  PRO A CD  1 
ATOM   459  N N   . ARG A 1 64  ? -14.390 6.218   -1.040  1.00 39.95 ? 64  ARG A N   1 
ATOM   460  C CA  . ARG A 1 64  ? -14.787 5.943   -2.410  1.00 41.69 ? 64  ARG A CA  1 
ATOM   461  C C   . ARG A 1 64  ? -13.719 5.049   -3.046  1.00 40.95 ? 64  ARG A C   1 
ATOM   462  O O   . ARG A 1 64  ? -14.030 4.181   -3.862  1.00 41.20 ? 64  ARG A O   1 
ATOM   463  C CB  . ARG A 1 64  ? -14.923 7.250   -3.190  1.00 44.42 ? 64  ARG A CB  1 
ATOM   464  C CG  . ARG A 1 64  ? -15.446 7.072   -4.604  1.00 48.67 ? 64  ARG A CG  1 
ATOM   465  C CD  . ARG A 1 64  ? -15.576 8.412   -5.310  1.00 52.73 ? 64  ARG A CD  1 
ATOM   466  N NE  . ARG A 1 64  ? -15.906 8.250   -6.721  1.00 55.49 ? 64  ARG A NE  1 
ATOM   467  C CZ  . ARG A 1 64  ? -15.933 9.246   -7.599  1.00 57.02 ? 64  ARG A CZ  1 
ATOM   468  N NH1 . ARG A 1 64  ? -15.648 10.480  -7.208  1.00 57.08 ? 64  ARG A NH1 1 
ATOM   469  N NH2 . ARG A 1 64  ? -16.239 9.006   -8.869  1.00 58.15 ? 64  ARG A NH2 1 
ATOM   470  N N   . TRP A 1 65  ? -12.462 5.263   -2.653  1.00 39.04 ? 65  TRP A N   1 
ATOM   471  C CA  . TRP A 1 65  ? -11.329 4.479   -3.159  1.00 37.52 ? 65  TRP A CA  1 
ATOM   472  C C   . TRP A 1 65  ? -10.505 3.983   -1.972  1.00 34.93 ? 65  TRP A C   1 
ATOM   473  O O   . TRP A 1 65  ? -10.325 4.708   -1.001  1.00 34.38 ? 65  TRP A O   1 
ATOM   474  C CB  . TRP A 1 65  ? -10.405 5.338   -4.025  1.00 40.62 ? 65  TRP A CB  1 
ATOM   475  C CG  . TRP A 1 65  ? -11.087 6.201   -5.032  1.00 42.43 ? 65  TRP A CG  1 
ATOM   476  C CD1 . TRP A 1 65  ? -11.561 5.822   -6.255  1.00 42.37 ? 65  TRP A CD1 1 
ATOM   477  C CD2 . TRP A 1 65  ? -11.364 7.600   -4.908  1.00 44.17 ? 65  TRP A CD2 1 
ATOM   478  N NE1 . TRP A 1 65  ? -12.113 6.900   -6.903  1.00 43.76 ? 65  TRP A NE1 1 
ATOM   479  C CE2 . TRP A 1 65  ? -12.007 8.005   -6.099  1.00 44.79 ? 65  TRP A CE2 1 
ATOM   480  C CE3 . TRP A 1 65  ? -11.130 8.554   -3.905  1.00 45.30 ? 65  TRP A CE3 1 
ATOM   481  C CZ2 . TRP A 1 65  ? -12.423 9.325   -6.318  1.00 45.42 ? 65  TRP A CZ2 1 
ATOM   482  C CZ3 . TRP A 1 65  ? -11.545 9.869   -4.124  1.00 46.20 ? 65  TRP A CZ3 1 
ATOM   483  C CH2 . TRP A 1 65  ? -12.183 10.238  -5.324  1.00 45.91 ? 65  TRP A CH2 1 
ATOM   484  N N   . VAL A 1 66  ? -9.990  2.762   -2.059  1.00 32.48 ? 66  VAL A N   1 
ATOM   485  C CA  . VAL A 1 66  ? -9.167  2.209   -0.984  1.00 32.28 ? 66  VAL A CA  1 
ATOM   486  C C   . VAL A 1 66  ? -7.836  1.703   -1.545  1.00 31.84 ? 66  VAL A C   1 
ATOM   487  O O   . VAL A 1 66  ? -7.808  0.739   -2.311  1.00 31.68 ? 66  VAL A O   1 
ATOM   488  C CB  . VAL A 1 66  ? -9.882  1.032   -0.284  1.00 33.68 ? 66  VAL A CB  1 
ATOM   489  C CG1 . VAL A 1 66  ? -8.971  0.438   0.793   1.00 31.99 ? 66  VAL A CG1 1 
ATOM   490  C CG2 . VAL A 1 66  ? -11.193 1.510   0.332   1.00 33.35 ? 66  VAL A CG2 1 
ATOM   491  N N   . LEU A 1 67  ? -6.733  2.349   -1.177  1.00 30.85 ? 67  LEU A N   1 
ATOM   492  C CA  . LEU A 1 67  ? -5.426  1.911   -1.663  1.00 29.21 ? 67  LEU A CA  1 
ATOM   493  C C   . LEU A 1 67  ? -4.913  0.823   -0.733  1.00 31.10 ? 67  LEU A C   1 
ATOM   494  O O   . LEU A 1 67  ? -4.697  1.057   0.460   1.00 30.20 ? 67  LEU A O   1 
ATOM   495  C CB  . LEU A 1 67  ? -4.431  3.080   -1.708  1.00 27.89 ? 67  LEU A CB  1 
ATOM   496  C CG  . LEU A 1 67  ? -2.970  2.734   -2.039  1.00 28.16 ? 67  LEU A CG  1 
ATOM   497  C CD1 . LEU A 1 67  ? -2.861  2.191   -3.459  1.00 27.94 ? 67  LEU A CD1 1 
ATOM   498  C CD2 . LEU A 1 67  ? -2.100  3.968   -1.879  1.00 27.93 ? 67  LEU A CD2 1 
ATOM   499  N N   . VAL A 1 68  ? -4.734  -0.371  -1.285  1.00 28.87 ? 68  VAL A N   1 
ATOM   500  C CA  . VAL A 1 68  ? -4.246  -1.506  -0.520  1.00 29.82 ? 68  VAL A CA  1 
ATOM   501  C C   . VAL A 1 68  ? -2.750  -1.680  -0.766  1.00 29.46 ? 68  VAL A C   1 
ATOM   502  O O   . VAL A 1 68  ? -2.323  -1.948  -1.889  1.00 28.93 ? 68  VAL A O   1 
ATOM   503  C CB  . VAL A 1 68  ? -4.976  -2.800  -0.915  1.00 28.43 ? 68  VAL A CB  1 
ATOM   504  C CG1 . VAL A 1 68  ? -4.433  -3.967  -0.108  1.00 29.69 ? 68  VAL A CG1 1 
ATOM   505  C CG2 . VAL A 1 68  ? -6.471  -2.642  -0.682  1.00 31.01 ? 68  VAL A CG2 1 
ATOM   506  N N   . GLU A 1 69  ? -1.960  -1.506  0.288   1.00 28.23 ? 69  GLU A N   1 
ATOM   507  C CA  . GLU A 1 69  ? -0.511  -1.633  0.206   1.00 28.53 ? 69  GLU A CA  1 
ATOM   508  C C   . GLU A 1 69  ? -0.110  -2.507  1.387   1.00 29.05 ? 69  GLU A C   1 
ATOM   509  O O   . GLU A 1 69  ? 0.320   -2.015  2.430   1.00 28.04 ? 69  GLU A O   1 
ATOM   510  C CB  . GLU A 1 69  ? 0.140   -0.244  0.294   1.00 27.53 ? 69  GLU A CB  1 
ATOM   511  C CG  . GLU A 1 69  ? 1.661   -0.224  0.234   1.00 27.20 ? 69  GLU A CG  1 
ATOM   512  C CD  . GLU A 1 69  ? 2.297   -0.371  1.614   1.00 26.46 ? 69  GLU A CD  1 
ATOM   513  O OE1 . GLU A 1 69  ? 1.924   0.397   2.522   1.00 25.33 ? 69  GLU A OE1 1 
ATOM   514  O OE2 . GLU A 1 69  ? 3.167   -1.252  1.789   1.00 30.49 ? 69  GLU A OE2 1 
ATOM   515  N N   . LEU A 1 70  ? -0.270  -3.813  1.203   1.00 28.82 ? 70  LEU A N   1 
ATOM   516  C CA  . LEU A 1 70  ? 0.013   -4.792  2.238   1.00 29.33 ? 70  LEU A CA  1 
ATOM   517  C C   . LEU A 1 70  ? 0.614   -6.060  1.644   1.00 31.59 ? 70  LEU A C   1 
ATOM   518  O O   . LEU A 1 70  ? 0.475   -6.322  0.447   1.00 31.18 ? 70  LEU A O   1 
ATOM   519  C CB  . LEU A 1 70  ? -1.290  -5.145  2.968   1.00 28.23 ? 70  LEU A CB  1 
ATOM   520  C CG  . LEU A 1 70  ? -1.960  -4.011  3.738   1.00 28.11 ? 70  LEU A CG  1 
ATOM   521  C CD1 . LEU A 1 70  ? -3.377  -4.390  4.143   1.00 28.09 ? 70  LEU A CD1 1 
ATOM   522  C CD2 . LEU A 1 70  ? -1.106  -3.695  4.951   1.00 28.96 ? 70  LEU A CD2 1 
ATOM   523  N N   . GLY A 1 71  ? 1.269   -6.849  2.493   1.00 32.20 ? 71  GLY A N   1 
ATOM   524  C CA  . GLY A 1 71  ? 1.872   -8.092  2.042   1.00 32.65 ? 71  GLY A CA  1 
ATOM   525  C C   . GLY A 1 71  ? 3.367   -8.165  2.293   1.00 34.81 ? 71  GLY A C   1 
ATOM   526  O O   . GLY A 1 71  ? 3.906   -9.241  2.564   1.00 33.14 ? 71  GLY A O   1 
ATOM   527  N N   . GLY A 1 72  ? 4.030   -7.016  2.216   1.00 32.96 ? 72  GLY A N   1 
ATOM   528  C CA  . GLY A 1 72  ? 5.468   -6.963  2.417   1.00 36.43 ? 72  GLY A CA  1 
ATOM   529  C C   . GLY A 1 72  ? 5.956   -7.560  3.722   1.00 39.87 ? 72  GLY A C   1 
ATOM   530  O O   . GLY A 1 72  ? 7.057   -8.110  3.791   1.00 39.63 ? 72  GLY A O   1 
ATOM   531  N N   . ASN A 1 73  ? 5.142   -7.454  4.764   1.00 43.15 ? 73  ASN A N   1 
ATOM   532  C CA  . ASN A 1 73  ? 5.507   -7.987  6.070   1.00 46.26 ? 73  ASN A CA  1 
ATOM   533  C C   . ASN A 1 73  ? 5.201   -9.480  6.180   1.00 48.02 ? 73  ASN A C   1 
ATOM   534  O O   . ASN A 1 73  ? 5.678   -10.146 7.098   1.00 50.27 ? 73  ASN A O   1 
ATOM   535  C CB  . ASN A 1 73  ? 4.770   -7.216  7.176   1.00 44.78 ? 73  ASN A CB  1 
ATOM   536  C CG  . ASN A 1 73  ? 5.366   -5.834  7.428   1.00 45.91 ? 73  ASN A CG  1 
ATOM   537  O OD1 . ASN A 1 73  ? 4.664   -4.906  7.848   1.00 46.26 ? 73  ASN A OD1 1 
ATOM   538  N ND2 . ASN A 1 73  ? 6.664   -5.695  7.189   1.00 44.61 ? 73  ASN A ND2 1 
ATOM   539  N N   . ASP A 1 74  ? 4.414   -10.012 5.252   1.00 49.74 ? 74  ASP A N   1 
ATOM   540  C CA  . ASP A 1 74  ? 4.077   -11.433 5.297   1.00 52.67 ? 74  ASP A CA  1 
ATOM   541  C C   . ASP A 1 74  ? 5.254   -12.337 4.931   1.00 56.55 ? 74  ASP A C   1 
ATOM   542  O O   . ASP A 1 74  ? 5.070   -13.411 4.356   1.00 58.20 ? 74  ASP A O   1 
ATOM   543  C CB  . ASP A 1 74  ? 2.893   -11.739 4.379   1.00 49.00 ? 74  ASP A CB  1 
ATOM   544  C CG  . ASP A 1 74  ? 1.645   -10.970 4.761   1.00 47.59 ? 74  ASP A CG  1 
ATOM   545  O OD1 . ASP A 1 74  ? 0.542   -11.387 4.351   1.00 42.55 ? 74  ASP A OD1 1 
ATOM   546  O OD2 . ASP A 1 74  ? 1.772   -9.941  5.464   1.00 44.76 ? 74  ASP A OD2 1 
ATOM   547  N N   . GLY A 1 75  ? 6.461   -11.903 5.277   1.00 61.24 ? 75  GLY A N   1 
ATOM   548  C CA  . GLY A 1 75  ? 7.639   -12.695 4.986   1.00 66.17 ? 75  GLY A CA  1 
ATOM   549  C C   . GLY A 1 75  ? 8.058   -13.528 6.181   1.00 69.36 ? 75  GLY A C   1 
ATOM   550  O O   . GLY A 1 75  ? 8.524   -14.657 6.030   1.00 69.50 ? 75  GLY A O   1 
ATOM   551  N N   . LEU A 1 76  ? 7.887   -12.968 7.374   1.00 72.32 ? 76  LEU A N   1 
ATOM   552  C CA  . LEU A 1 76  ? 8.246   -13.659 8.605   1.00 75.52 ? 76  LEU A CA  1 
ATOM   553  C C   . LEU A 1 76  ? 7.108   -13.661 9.624   1.00 76.87 ? 76  LEU A C   1 
ATOM   554  O O   . LEU A 1 76  ? 7.251   -13.156 10.737  1.00 77.53 ? 76  LEU A O   1 
ATOM   555  C CB  . LEU A 1 76  ? 9.502   -13.021 9.205   1.00 76.08 ? 76  LEU A CB  1 
ATOM   556  C CG  . LEU A 1 76  ? 9.774   -11.557 8.838   1.00 76.55 ? 76  LEU A CG  1 
ATOM   557  C CD1 . LEU A 1 76  ? 8.620   -10.682 9.297   1.00 76.39 ? 76  LEU A CD1 1 
ATOM   558  C CD2 . LEU A 1 76  ? 11.080  -11.106 9.480   1.00 76.80 ? 76  LEU A CD2 1 
ATOM   559  N N   . ARG A 1 77  ? 5.978   -14.243 9.230   1.00 78.49 ? 77  ARG A N   1 
ATOM   560  C CA  . ARG A 1 77  ? 4.803   -14.329 10.093  1.00 79.89 ? 77  ARG A CA  1 
ATOM   561  C C   . ARG A 1 77  ? 4.136   -15.704 10.023  1.00 80.69 ? 77  ARG A C   1 
ATOM   562  O O   . ARG A 1 77  ? 3.039   -15.899 10.551  1.00 80.76 ? 77  ARG A O   1 
ATOM   563  C CB  . ARG A 1 77  ? 3.793   -13.246 9.707   1.00 80.26 ? 77  ARG A CB  1 
ATOM   564  C CG  . ARG A 1 77  ? 4.201   -11.834 10.102  1.00 81.94 ? 77  ARG A CG  1 
ATOM   565  C CD  . ARG A 1 77  ? 3.837   -11.520 11.550  1.00 83.18 ? 77  ARG A CD  1 
ATOM   566  N NE  . ARG A 1 77  ? 4.002   -10.100 11.857  1.00 83.68 ? 77  ARG A NE  1 
ATOM   567  C CZ  . ARG A 1 77  ? 3.493   -9.497  12.928  1.00 83.82 ? 77  ARG A CZ  1 
ATOM   568  N NH1 . ARG A 1 77  ? 2.779   -10.186 13.810  1.00 83.94 ? 77  ARG A NH1 1 
ATOM   569  N NH2 . ARG A 1 77  ? 3.691   -8.201  13.116  1.00 83.91 ? 77  ARG A NH2 1 
ATOM   570  N N   . GLY A 1 78  ? 4.803   -16.650 9.365   1.00 81.35 ? 78  GLY A N   1 
ATOM   571  C CA  . GLY A 1 78  ? 4.264   -17.994 9.246   1.00 81.51 ? 78  GLY A CA  1 
ATOM   572  C C   . GLY A 1 78  ? 3.266   -18.153 8.115   1.00 81.53 ? 78  GLY A C   1 
ATOM   573  O O   . GLY A 1 78  ? 2.556   -19.157 8.039   1.00 82.10 ? 78  GLY A O   1 
ATOM   574  N N   . PHE A 1 79  ? 3.206   -17.163 7.232   1.00 80.94 ? 79  PHE A N   1 
ATOM   575  C CA  . PHE A 1 79  ? 2.286   -17.208 6.104   1.00 80.02 ? 79  PHE A CA  1 
ATOM   576  C C   . PHE A 1 79  ? 3.028   -17.395 4.784   1.00 78.66 ? 79  PHE A C   1 
ATOM   577  O O   . PHE A 1 79  ? 4.109   -16.840 4.575   1.00 78.53 ? 79  PHE A O   1 
ATOM   578  C CB  . PHE A 1 79  ? 1.453   -15.923 6.044   1.00 81.85 ? 79  PHE A CB  1 
ATOM   579  C CG  . PHE A 1 79  ? 0.568   -15.714 7.244   1.00 83.40 ? 79  PHE A CG  1 
ATOM   580  C CD1 . PHE A 1 79  ? -0.404  -16.652 7.582   1.00 83.51 ? 79  PHE A CD1 1 
ATOM   581  C CD2 . PHE A 1 79  ? 0.700   -14.572 8.030   1.00 83.76 ? 79  PHE A CD2 1 
ATOM   582  C CE1 . PHE A 1 79  ? -1.232  -16.455 8.687   1.00 84.08 ? 79  PHE A CE1 1 
ATOM   583  C CE2 . PHE A 1 79  ? -0.122  -14.366 9.137   1.00 84.30 ? 79  PHE A CE2 1 
ATOM   584  C CZ  . PHE A 1 79  ? -1.090  -15.310 9.466   1.00 84.24 ? 79  PHE A CZ  1 
ATOM   585  N N   . GLN A 1 80  ? 2.437   -18.190 3.899   1.00 76.61 ? 80  GLN A N   1 
ATOM   586  C CA  . GLN A 1 80  ? 3.013   -18.453 2.589   1.00 74.65 ? 80  GLN A CA  1 
ATOM   587  C C   . GLN A 1 80  ? 2.265   -17.618 1.553   1.00 71.78 ? 80  GLN A C   1 
ATOM   588  O O   . GLN A 1 80  ? 1.161   -17.140 1.814   1.00 71.27 ? 80  GLN A O   1 
ATOM   589  C CB  . GLN A 1 80  ? 2.891   -19.944 2.248   1.00 76.72 ? 80  GLN A CB  1 
ATOM   590  C CG  . GLN A 1 80  ? 3.897   -20.845 2.961   1.00 78.66 ? 80  GLN A CG  1 
ATOM   591  C CD  . GLN A 1 80  ? 5.323   -20.619 2.485   1.00 80.64 ? 80  GLN A CD  1 
ATOM   592  O OE1 . GLN A 1 80  ? 5.899   -19.548 2.688   1.00 81.69 ? 80  GLN A OE1 1 
ATOM   593  N NE2 . GLN A 1 80  ? 5.898   -21.630 1.840   1.00 81.46 ? 80  GLN A NE2 1 
ATOM   594  N N   . PRO A 1 81  ? 2.860   -17.427 0.365   1.00 69.01 ? 81  PRO A N   1 
ATOM   595  C CA  . PRO A 1 81  ? 2.217   -16.642 -0.691  1.00 66.67 ? 81  PRO A CA  1 
ATOM   596  C C   . PRO A 1 81  ? 0.735   -16.975 -0.841  1.00 64.15 ? 81  PRO A C   1 
ATOM   597  O O   . PRO A 1 81  ? -0.079  -16.102 -1.136  1.00 63.92 ? 81  PRO A O   1 
ATOM   598  C CB  . PRO A 1 81  ? 3.029   -17.009 -1.926  1.00 66.91 ? 81  PRO A CB  1 
ATOM   599  C CG  . PRO A 1 81  ? 4.406   -17.138 -1.362  1.00 68.10 ? 81  PRO A CG  1 
ATOM   600  C CD  . PRO A 1 81  ? 4.171   -17.930 -0.085  1.00 68.64 ? 81  PRO A CD  1 
ATOM   601  N N   . GLN A 1 82  ? 0.393   -18.241 -0.627  1.00 61.57 ? 82  GLN A N   1 
ATOM   602  C CA  . GLN A 1 82  ? -0.993  -18.689 -0.736  1.00 59.04 ? 82  GLN A CA  1 
ATOM   603  C C   . GLN A 1 82  ? -1.877  -17.987 0.297   1.00 55.48 ? 82  GLN A C   1 
ATOM   604  O O   . GLN A 1 82  ? -2.979  -17.542 -0.022  1.00 53.73 ? 82  GLN A O   1 
ATOM   605  C CB  . GLN A 1 82  ? -1.066  -20.208 -0.542  1.00 61.06 ? 82  GLN A CB  1 
ATOM   606  C CG  . GLN A 1 82  ? -2.476  -20.785 -0.620  1.00 64.86 ? 82  GLN A CG  1 
ATOM   607  C CD  . GLN A 1 82  ? -2.516  -22.284 -0.338  1.00 66.61 ? 82  GLN A CD  1 
ATOM   608  O OE1 . GLN A 1 82  ? -3.586  -22.901 -0.337  1.00 67.17 ? 82  GLN A OE1 1 
ATOM   609  N NE2 . GLN A 1 82  ? -1.349  -22.874 -0.100  1.00 66.69 ? 82  GLN A NE2 1 
ATOM   610  N N   . GLN A 1 83  ? -1.386  -17.893 1.531   1.00 52.67 ? 83  GLN A N   1 
ATOM   611  C CA  . GLN A 1 83  ? -2.129  -17.242 2.611   1.00 50.23 ? 83  GLN A CA  1 
ATOM   612  C C   . GLN A 1 83  ? -2.272  -15.749 2.348   1.00 46.92 ? 83  GLN A C   1 
ATOM   613  O O   . GLN A 1 83  ? -3.363  -15.184 2.454   1.00 44.57 ? 83  GLN A O   1 
ATOM   614  C CB  . GLN A 1 83  ? -1.426  -17.452 3.958   1.00 52.25 ? 83  GLN A CB  1 
ATOM   615  C CG  . GLN A 1 83  ? -1.782  -18.753 4.670   1.00 57.67 ? 83  GLN A CG  1 
ATOM   616  C CD  . GLN A 1 83  ? -1.126  -19.976 4.061   1.00 60.21 ? 83  GLN A CD  1 
ATOM   617  O OE1 . GLN A 1 83  ? -1.470  -21.108 4.402   1.00 63.70 ? 83  GLN A OE1 1 
ATOM   618  N NE2 . GLN A 1 83  ? -0.168  -19.756 3.165   1.00 62.54 ? 83  GLN A NE2 1 
ATOM   619  N N   . THR A 1 84  ? -1.156  -15.114 2.010   1.00 45.10 ? 84  THR A N   1 
ATOM   620  C CA  . THR A 1 84  ? -1.154  -13.690 1.717   1.00 42.75 ? 84  THR A CA  1 
ATOM   621  C C   . THR A 1 84  ? -2.138  -13.414 0.587   1.00 41.84 ? 84  THR A C   1 
ATOM   622  O O   . THR A 1 84  ? -2.886  -12.435 0.625   1.00 40.10 ? 84  THR A O   1 
ATOM   623  C CB  . THR A 1 84  ? 0.253   -13.212 1.297   1.00 42.66 ? 84  THR A CB  1 
ATOM   624  O OG1 . THR A 1 84  ? 1.180   -13.472 2.358   1.00 41.68 ? 84  THR A OG1 1 
ATOM   625  C CG2 . THR A 1 84  ? 0.244   -11.711 0.998   1.00 41.83 ? 84  THR A CG2 1 
ATOM   626  N N   . GLU A 1 85  ? -2.155  -14.294 -0.410  1.00 41.83 ? 85  GLU A N   1 
ATOM   627  C CA  . GLU A 1 85  ? -3.050  -14.118 -1.547  1.00 42.91 ? 85  GLU A CA  1 
ATOM   628  C C   . GLU A 1 85  ? -4.510  -14.146 -1.119  1.00 41.73 ? 85  GLU A C   1 
ATOM   629  O O   . GLU A 1 85  ? -5.301  -13.291 -1.516  1.00 41.33 ? 85  GLU A O   1 
ATOM   630  C CB  . GLU A 1 85  ? -2.805  -15.206 -2.597  1.00 45.33 ? 85  GLU A CB  1 
ATOM   631  C CG  . GLU A 1 85  ? -3.509  -14.944 -3.921  1.00 47.72 ? 85  GLU A CG  1 
ATOM   632  C CD  . GLU A 1 85  ? -3.336  -16.080 -4.914  1.00 49.34 ? 85  GLU A CD  1 
ATOM   633  O OE1 . GLU A 1 85  ? -2.178  -16.480 -5.162  1.00 49.93 ? 85  GLU A OE1 1 
ATOM   634  O OE2 . GLU A 1 85  ? -4.360  -16.564 -5.446  1.00 48.03 ? 85  GLU A OE2 1 
ATOM   635  N N   . GLN A 1 86  ? -4.869  -15.134 -0.307  1.00 41.66 ? 86  GLN A N   1 
ATOM   636  C CA  . GLN A 1 86  ? -6.244  -15.253 0.158   1.00 41.06 ? 86  GLN A CA  1 
ATOM   637  C C   . GLN A 1 86  ? -6.647  -14.048 1.011   1.00 39.83 ? 86  GLN A C   1 
ATOM   638  O O   . GLN A 1 86  ? -7.751  -13.518 0.866   1.00 39.02 ? 86  GLN A O   1 
ATOM   639  C CB  . GLN A 1 86  ? -6.415  -16.553 0.949   1.00 43.50 ? 86  GLN A CB  1 
ATOM   640  C CG  . GLN A 1 86  ? -7.819  -16.772 1.486   1.00 45.08 ? 86  GLN A CG  1 
ATOM   641  C CD  . GLN A 1 86  ? -8.888  -16.585 0.429   1.00 46.18 ? 86  GLN A CD  1 
ATOM   642  O OE1 . GLN A 1 86  ? -8.792  -17.124 -0.672  1.00 46.81 ? 86  GLN A OE1 1 
ATOM   643  N NE2 . GLN A 1 86  ? -9.920  -15.820 0.763   1.00 47.21 ? 86  GLN A NE2 1 
ATOM   644  N N   . THR A 1 87  ? -5.746  -13.612 1.886   1.00 39.99 ? 87  THR A N   1 
ATOM   645  C CA  . THR A 1 87  ? -6.009  -12.465 2.755   1.00 39.59 ? 87  THR A CA  1 
ATOM   646  C C   . THR A 1 87  ? -6.309  -11.226 1.907   1.00 38.64 ? 87  THR A C   1 
ATOM   647  O O   . THR A 1 87  ? -7.307  -10.540 2.127   1.00 38.92 ? 87  THR A O   1 
ATOM   648  C CB  . THR A 1 87  ? -4.800  -12.184 3.682   1.00 41.01 ? 87  THR A CB  1 
ATOM   649  O OG1 . THR A 1 87  ? -4.547  -13.338 4.497   1.00 41.59 ? 87  THR A OG1 1 
ATOM   650  C CG2 . THR A 1 87  ? -5.082  -10.993 4.598   1.00 39.42 ? 87  THR A CG2 1 
ATOM   651  N N   . LEU A 1 88  ? -5.453  -10.957 0.923   1.00 38.50 ? 88  LEU A N   1 
ATOM   652  C CA  . LEU A 1 88  ? -5.648  -9.806  0.043   1.00 38.62 ? 88  LEU A CA  1 
ATOM   653  C C   . LEU A 1 88  ? -6.951  -9.941  -0.743  1.00 39.02 ? 88  LEU A C   1 
ATOM   654  O O   . LEU A 1 88  ? -7.630  -8.951  -1.011  1.00 37.47 ? 88  LEU A O   1 
ATOM   655  C CB  . LEU A 1 88  ? -4.467  -9.665  -0.927  1.00 37.33 ? 88  LEU A CB  1 
ATOM   656  C CG  . LEU A 1 88  ? -3.136  -9.212  -0.319  1.00 34.01 ? 88  LEU A CG  1 
ATOM   657  C CD1 . LEU A 1 88  ? -2.043  -9.286  -1.364  1.00 34.04 ? 88  LEU A CD1 1 
ATOM   658  C CD2 . LEU A 1 88  ? -3.277  -7.771  0.206   1.00 34.93 ? 88  LEU A CD2 1 
ATOM   659  N N   . ARG A 1 89  ? -7.295  -11.170 -1.123  1.00 41.28 ? 89  ARG A N   1 
ATOM   660  C CA  . ARG A 1 89  ? -8.528  -11.412 -1.863  1.00 41.56 ? 89  ARG A CA  1 
ATOM   661  C C   . ARG A 1 89  ? -9.712  -10.973 -1.008  1.00 41.80 ? 89  ARG A C   1 
ATOM   662  O O   . ARG A 1 89  ? -10.647 -10.337 -1.495  1.00 42.75 ? 89  ARG A O   1 
ATOM   663  C CB  . ARG A 1 89  ? -8.663  -12.901 -2.212  1.00 43.67 ? 89  ARG A CB  1 
ATOM   664  C CG  . ARG A 1 89  ? -10.035 -13.283 -2.764  1.00 45.07 ? 89  ARG A CG  1 
ATOM   665  C CD  . ARG A 1 89  ? -10.067 -14.713 -3.310  1.00 45.02 ? 89  ARG A CD  1 
ATOM   666  N NE  . ARG A 1 89  ? -9.181  -14.883 -4.459  1.00 42.75 ? 89  ARG A NE  1 
ATOM   667  C CZ  . ARG A 1 89  ? -8.016  -15.522 -4.424  1.00 43.29 ? 89  ARG A CZ  1 
ATOM   668  N NH1 . ARG A 1 89  ? -7.590  -16.067 -3.295  1.00 43.25 ? 89  ARG A NH1 1 
ATOM   669  N NH2 . ARG A 1 89  ? -7.269  -15.606 -5.520  1.00 43.83 ? 89  ARG A NH2 1 
ATOM   670  N N   . GLN A 1 90  ? -9.655  -11.307 0.275   1.00 43.38 ? 90  GLN A N   1 
ATOM   671  C CA  . GLN A 1 90  ? -10.720 -10.947 1.206   1.00 44.44 ? 90  GLN A CA  1 
ATOM   672  C C   . GLN A 1 90  ? -10.825 -9.431  1.326   1.00 42.37 ? 90  GLN A C   1 
ATOM   673  O O   . GLN A 1 90  ? -11.923 -8.879  1.386   1.00 42.88 ? 90  GLN A O   1 
ATOM   674  C CB  . GLN A 1 90  ? -10.450 -11.562 2.581   1.00 47.52 ? 90  GLN A CB  1 
ATOM   675  C CG  . GLN A 1 90  ? -11.592 -11.379 3.569   1.00 54.31 ? 90  GLN A CG  1 
ATOM   676  C CD  . GLN A 1 90  ? -12.862 -12.097 3.137   1.00 57.16 ? 90  GLN A CD  1 
ATOM   677  O OE1 . GLN A 1 90  ? -12.891 -13.328 3.042   1.00 59.67 ? 90  GLN A OE1 1 
ATOM   678  N NE2 . GLN A 1 90  ? -13.917 -11.329 2.871   1.00 57.68 ? 90  GLN A NE2 1 
ATOM   679  N N   . ILE A 1 91  ? -9.677  -8.760  1.356   1.00 39.93 ? 91  ILE A N   1 
ATOM   680  C CA  . ILE A 1 91  ? -9.653  -7.301  1.453   1.00 37.39 ? 91  ILE A CA  1 
ATOM   681  C C   . ILE A 1 91  ? -10.366 -6.666  0.260   1.00 36.83 ? 91  ILE A C   1 
ATOM   682  O O   . ILE A 1 91  ? -11.223 -5.799  0.425   1.00 36.78 ? 91  ILE A O   1 
ATOM   683  C CB  . ILE A 1 91  ? -8.196  -6.779  1.522   1.00 35.00 ? 91  ILE A CB  1 
ATOM   684  C CG1 . ILE A 1 91  ? -7.604  -7.127  2.892   1.00 34.05 ? 91  ILE A CG1 1 
ATOM   685  C CG2 . ILE A 1 91  ? -8.154  -5.269  1.231   1.00 33.70 ? 91  ILE A CG2 1 
ATOM   686  C CD1 . ILE A 1 91  ? -6.137  -6.788  3.073   1.00 35.87 ? 91  ILE A CD1 1 
ATOM   687  N N   . LEU A 1 92  ? -10.017 -7.101  -0.946  1.00 38.30 ? 92  LEU A N   1 
ATOM   688  C CA  . LEU A 1 92  ? -10.637 -6.552  -2.147  1.00 39.82 ? 92  LEU A CA  1 
ATOM   689  C C   . LEU A 1 92  ? -12.146 -6.780  -2.124  1.00 40.76 ? 92  LEU A C   1 
ATOM   690  O O   . LEU A 1 92  ? -12.920 -5.911  -2.526  1.00 40.24 ? 92  LEU A O   1 
ATOM   691  C CB  . LEU A 1 92  ? -10.023 -7.194  -3.394  1.00 40.10 ? 92  LEU A CB  1 
ATOM   692  C CG  . LEU A 1 92  ? -8.501  -7.052  -3.512  1.00 41.76 ? 92  LEU A CG  1 
ATOM   693  C CD1 . LEU A 1 92  ? -7.988  -7.849  -4.706  1.00 41.67 ? 92  LEU A CD1 1 
ATOM   694  C CD2 . LEU A 1 92  ? -8.136  -5.581  -3.650  1.00 41.23 ? 92  LEU A CD2 1 
ATOM   695  N N   . GLN A 1 93  ? -12.563 -7.947  -1.647  1.00 43.32 ? 93  GLN A N   1 
ATOM   696  C CA  . GLN A 1 93  ? -13.985 -8.263  -1.578  1.00 45.97 ? 93  GLN A CA  1 
ATOM   697  C C   . GLN A 1 93  ? -14.698 -7.300  -0.635  1.00 45.94 ? 93  GLN A C   1 
ATOM   698  O O   . GLN A 1 93  ? -15.715 -6.703  -0.995  1.00 44.91 ? 93  GLN A O   1 
ATOM   699  C CB  . GLN A 1 93  ? -14.183 -9.706  -1.109  1.00 48.23 ? 93  GLN A CB  1 
ATOM   700  C CG  . GLN A 1 93  ? -13.536 -10.722 -2.032  1.00 52.72 ? 93  GLN A CG  1 
ATOM   701  C CD  . GLN A 1 93  ? -13.687 -12.146 -1.544  1.00 54.16 ? 93  GLN A CD  1 
ATOM   702  O OE1 . GLN A 1 93  ? -13.420 -12.448 -0.382  1.00 56.28 ? 93  GLN A OE1 1 
ATOM   703  N NE2 . GLN A 1 93  ? -14.109 -13.034 -2.436  1.00 55.40 ? 93  GLN A NE2 1 
ATOM   704  N N   . ASP A 1 94  ? -14.154 -7.141  0.569   1.00 45.98 ? 94  ASP A N   1 
ATOM   705  C CA  . ASP A 1 94  ? -14.746 -6.245  1.553   1.00 45.67 ? 94  ASP A CA  1 
ATOM   706  C C   . ASP A 1 94  ? -14.831 -4.825  1.015   1.00 45.24 ? 94  ASP A C   1 
ATOM   707  O O   . ASP A 1 94  ? -15.808 -4.119  1.262   1.00 44.37 ? 94  ASP A O   1 
ATOM   708  C CB  . ASP A 1 94  ? -13.929 -6.256  2.850   1.00 48.06 ? 94  ASP A CB  1 
ATOM   709  C CG  . ASP A 1 94  ? -13.963 -7.602  3.557   1.00 51.73 ? 94  ASP A CG  1 
ATOM   710  O OD1 . ASP A 1 94  ? -13.392 -7.701  4.666   1.00 54.00 ? 94  ASP A OD1 1 
ATOM   711  O OD2 . ASP A 1 94  ? -14.556 -8.561  3.008   1.00 52.33 ? 94  ASP A OD2 1 
ATOM   712  N N   . VAL A 1 95  ? -13.805 -4.403  0.278   1.00 44.53 ? 95  VAL A N   1 
ATOM   713  C CA  . VAL A 1 95  ? -13.790 -3.061  -0.291  1.00 43.92 ? 95  VAL A CA  1 
ATOM   714  C C   . VAL A 1 95  ? -14.928 -2.904  -1.295  1.00 45.07 ? 95  VAL A C   1 
ATOM   715  O O   . VAL A 1 95  ? -15.713 -1.958  -1.211  1.00 45.87 ? 95  VAL A O   1 
ATOM   716  C CB  . VAL A 1 95  ? -12.443 -2.760  -0.993  1.00 43.17 ? 95  VAL A CB  1 
ATOM   717  C CG1 . VAL A 1 95  ? -12.490 -1.390  -1.655  1.00 42.64 ? 95  VAL A CG1 1 
ATOM   718  C CG2 . VAL A 1 95  ? -11.311 -2.813  0.022   1.00 43.46 ? 95  VAL A CG2 1 
ATOM   719  N N   . LYS A 1 96  ? -15.021 -3.830  -2.243  1.00 46.50 ? 96  LYS A N   1 
ATOM   720  C CA  . LYS A 1 96  ? -16.082 -3.760  -3.243  1.00 48.62 ? 96  LYS A CA  1 
ATOM   721  C C   . LYS A 1 96  ? -17.456 -3.845  -2.588  1.00 49.29 ? 96  LYS A C   1 
ATOM   722  O O   . LYS A 1 96  ? -18.394 -3.165  -3.006  1.00 50.59 ? 96  LYS A O   1 
ATOM   723  C CB  . LYS A 1 96  ? -15.927 -4.881  -4.272  1.00 49.11 ? 96  LYS A CB  1 
ATOM   724  C CG  . LYS A 1 96  ? -14.895 -4.600  -5.348  1.00 49.38 ? 96  LYS A CG  1 
ATOM   725  C CD  . LYS A 1 96  ? -14.918 -5.698  -6.395  1.00 51.58 ? 96  LYS A CD  1 
ATOM   726  C CE  . LYS A 1 96  ? -14.125 -5.319  -7.633  1.00 51.19 ? 96  LYS A CE  1 
ATOM   727  N NZ  . LYS A 1 96  ? -14.234 -6.388  -8.664  1.00 51.57 ? 96  LYS A NZ  1 
ATOM   728  N N   . ALA A 1 97  ? -17.565 -4.678  -1.558  1.00 49.87 ? 97  ALA A N   1 
ATOM   729  C CA  . ALA A 1 97  ? -18.825 -4.844  -0.840  1.00 50.70 ? 97  ALA A CA  1 
ATOM   730  C C   . ALA A 1 97  ? -19.266 -3.532  -0.180  1.00 51.06 ? 97  ALA A C   1 
ATOM   731  O O   . ALA A 1 97  ? -20.451 -3.333  0.088   1.00 51.50 ? 97  ALA A O   1 
ATOM   732  C CB  . ALA A 1 97  ? -18.686 -5.942  0.209   1.00 50.30 ? 97  ALA A CB  1 
ATOM   733  N N   . ALA A 1 98  ? -18.311 -2.641  0.078   1.00 50.41 ? 98  ALA A N   1 
ATOM   734  C CA  . ALA A 1 98  ? -18.606 -1.350  0.696   1.00 49.28 ? 98  ALA A CA  1 
ATOM   735  C C   . ALA A 1 98  ? -18.799 -0.279  -0.372  1.00 49.28 ? 98  ALA A C   1 
ATOM   736  O O   . ALA A 1 98  ? -18.755 0.919   -0.084  1.00 48.94 ? 98  ALA A O   1 
ATOM   737  C CB  . ALA A 1 98  ? -17.477 -0.949  1.635   1.00 50.50 ? 98  ALA A CB  1 
ATOM   738  N N   . ASN A 1 99  ? -19.007 -0.720  -1.607  1.00 49.07 ? 99  ASN A N   1 
ATOM   739  C CA  . ASN A 1 99  ? -19.207 0.183   -2.731  1.00 49.77 ? 99  ASN A CA  1 
ATOM   740  C C   . ASN A 1 99  ? -18.037 1.144   -2.928  1.00 49.15 ? 99  ASN A C   1 
ATOM   741  O O   . ASN A 1 99  ? -18.226 2.304   -3.302  1.00 50.07 ? 99  ASN A O   1 
ATOM   742  C CB  . ASN A 1 99  ? -20.511 0.964   -2.550  1.00 52.92 ? 99  ASN A CB  1 
ATOM   743  C CG  . ASN A 1 99  ? -21.711 0.052   -2.345  1.00 56.68 ? 99  ASN A CG  1 
ATOM   744  O OD1 . ASN A 1 99  ? -21.921 -0.898  -3.108  1.00 58.50 ? 99  ASN A OD1 1 
ATOM   745  N ND2 . ASN A 1 99  ? -22.505 0.336   -1.316  1.00 57.61 ? 99  ASN A ND2 1 
ATOM   746  N N   . ALA A 1 100 ? -16.826 0.657   -2.679  1.00 47.49 ? 100 ALA A N   1 
ATOM   747  C CA  . ALA A 1 100 ? -15.623 1.467   -2.855  1.00 44.80 ? 100 ALA A CA  1 
ATOM   748  C C   . ALA A 1 100 ? -14.733 0.797   -3.895  1.00 42.82 ? 100 ALA A C   1 
ATOM   749  O O   . ALA A 1 100 ? -14.757 -0.423  -4.044  1.00 41.77 ? 100 ALA A O   1 
ATOM   750  C CB  . ALA A 1 100 ? -14.876 1.598   -1.533  1.00 42.94 ? 100 ALA A CB  1 
ATOM   751  N N   . GLU A 1 101 ? -13.951 1.598   -4.610  1.00 41.81 ? 101 GLU A N   1 
ATOM   752  C CA  . GLU A 1 101 ? -13.058 1.072   -5.636  1.00 40.87 ? 101 GLU A CA  1 
ATOM   753  C C   . GLU A 1 101 ? -11.700 0.728   -5.029  1.00 39.56 ? 101 GLU A C   1 
ATOM   754  O O   . GLU A 1 101 ? -10.983 1.610   -4.554  1.00 36.66 ? 101 GLU A O   1 
ATOM   755  C CB  . GLU A 1 101 ? -12.876 2.100   -6.763  1.00 44.61 ? 101 GLU A CB  1 
ATOM   756  C CG  . GLU A 1 101 ? -14.188 2.624   -7.367  1.00 49.30 ? 101 GLU A CG  1 
ATOM   757  C CD  . GLU A 1 101 ? -13.979 3.692   -8.433  1.00 52.18 ? 101 GLU A CD  1 
ATOM   758  O OE1 . GLU A 1 101 ? -14.979 4.324   -8.842  1.00 53.92 ? 101 GLU A OE1 1 
ATOM   759  O OE2 . GLU A 1 101 ? -12.823 3.901   -8.865  1.00 53.52 ? 101 GLU A OE2 1 
ATOM   760  N N   . PRO A 1 102 ? -11.339 -0.564  -5.020  1.00 37.10 ? 102 PRO A N   1 
ATOM   761  C CA  . PRO A 1 102 ? -10.049 -0.984  -4.464  1.00 37.33 ? 102 PRO A CA  1 
ATOM   762  C C   . PRO A 1 102 ? -8.915  -0.680  -5.446  1.00 37.09 ? 102 PRO A C   1 
ATOM   763  O O   . PRO A 1 102 ? -9.055  -0.898  -6.650  1.00 36.79 ? 102 PRO A O   1 
ATOM   764  C CB  . PRO A 1 102 ? -10.245 -2.483  -4.227  1.00 36.96 ? 102 PRO A CB  1 
ATOM   765  C CG  . PRO A 1 102 ? -11.206 -2.873  -5.308  1.00 38.96 ? 102 PRO A CG  1 
ATOM   766  C CD  . PRO A 1 102 ? -12.186 -1.725  -5.343  1.00 38.57 ? 102 PRO A CD  1 
ATOM   767  N N   . LEU A 1 103 ? -7.811  -0.146  -4.931  1.00 33.81 ? 103 LEU A N   1 
ATOM   768  C CA  . LEU A 1 103 ? -6.646  0.176   -5.749  1.00 31.19 ? 103 LEU A CA  1 
ATOM   769  C C   . LEU A 1 103 ? -5.519  -0.661  -5.158  1.00 32.23 ? 103 LEU A C   1 
ATOM   770  O O   . LEU A 1 103 ? -5.058  -0.388  -4.050  1.00 30.02 ? 103 LEU A O   1 
ATOM   771  C CB  . LEU A 1 103 ? -6.308  1.670   -5.643  1.00 30.73 ? 103 LEU A CB  1 
ATOM   772  C CG  . LEU A 1 103 ? -7.437  2.671   -5.920  1.00 29.87 ? 103 LEU A CG  1 
ATOM   773  C CD1 . LEU A 1 103 ? -6.968  4.095   -5.641  1.00 29.69 ? 103 LEU A CD1 1 
ATOM   774  C CD2 . LEU A 1 103 ? -7.899  2.534   -7.363  1.00 30.12 ? 103 LEU A CD2 1 
ATOM   775  N N   . LEU A 1 104 ? -5.082  -1.689  -5.883  1.00 29.79 ? 104 LEU A N   1 
ATOM   776  C CA  . LEU A 1 104 ? -4.027  -2.557  -5.374  1.00 30.90 ? 104 LEU A CA  1 
ATOM   777  C C   . LEU A 1 104 ? -2.645  -2.089  -5.796  1.00 29.98 ? 104 LEU A C   1 
ATOM   778  O O   . LEU A 1 104 ? -2.448  -1.689  -6.937  1.00 29.42 ? 104 LEU A O   1 
ATOM   779  C CB  . LEU A 1 104 ? -4.242  -3.997  -5.870  1.00 29.33 ? 104 LEU A CB  1 
ATOM   780  C CG  . LEU A 1 104 ? -3.343  -5.096  -5.292  1.00 30.12 ? 104 LEU A CG  1 
ATOM   781  C CD1 . LEU A 1 104 ? -3.607  -5.254  -3.793  1.00 28.80 ? 104 LEU A CD1 1 
ATOM   782  C CD2 . LEU A 1 104 ? -3.624  -6.418  -6.005  1.00 28.14 ? 104 LEU A CD2 1 
ATOM   783  N N   . MET A 1 105 ? -1.691  -2.101  -4.869  1.00 29.31 ? 105 MET A N   1 
ATOM   784  C CA  . MET A 1 105 ? -0.336  -1.733  -5.236  1.00 28.68 ? 105 MET A CA  1 
ATOM   785  C C   . MET A 1 105 ? 0.503   -2.996  -5.255  1.00 27.39 ? 105 MET A C   1 
ATOM   786  O O   . MET A 1 105 ? 0.406   -3.844  -4.361  1.00 29.37 ? 105 MET A O   1 
ATOM   787  C CB  . MET A 1 105 ? 0.302   -0.760  -4.251  1.00 30.20 ? 105 MET A CB  1 
ATOM   788  C CG  . MET A 1 105 ? 1.793   -0.568  -4.519  1.00 30.34 ? 105 MET A CG  1 
ATOM   789  S SD  . MET A 1 105 ? 2.461   0.897   -3.681  1.00 32.13 ? 105 MET A SD  1 
ATOM   790  C CE  . MET A 1 105 ? 1.663   2.169   -4.645  1.00 35.64 ? 105 MET A CE  1 
ATOM   791  N N   . GLN A 1 106 ? 1.311   -3.109  -6.297  1.00 25.93 ? 106 GLN A N   1 
ATOM   792  C CA  . GLN A 1 106 ? 2.216   -4.234  -6.474  1.00 27.68 ? 106 GLN A CA  1 
ATOM   793  C C   . GLN A 1 106 ? 3.272   -4.151  -5.377  1.00 28.28 ? 106 GLN A C   1 
ATOM   794  O O   . GLN A 1 106 ? 3.786   -3.075  -5.102  1.00 27.20 ? 106 GLN A O   1 
ATOM   795  C CB  . GLN A 1 106 ? 2.900   -4.126  -7.838  1.00 27.96 ? 106 GLN A CB  1 
ATOM   796  C CG  . GLN A 1 106 ? 4.067   -5.085  -8.060  1.00 30.08 ? 106 GLN A CG  1 
ATOM   797  C CD  . GLN A 1 106 ? 3.617   -6.502  -8.356  1.00 32.46 ? 106 GLN A CD  1 
ATOM   798  O OE1 . GLN A 1 106 ? 2.848   -6.737  -9.292  1.00 33.59 ? 106 GLN A OE1 1 
ATOM   799  N NE2 . GLN A 1 106 ? 4.099   -7.456  -7.565  1.00 30.49 ? 106 GLN A NE2 1 
ATOM   800  N N   . ILE A 1 107 ? 3.581   -5.273  -4.739  1.00 29.65 ? 107 ILE A N   1 
ATOM   801  C CA  . ILE A 1 107 ? 4.620   -5.288  -3.713  1.00 29.90 ? 107 ILE A CA  1 
ATOM   802  C C   . ILE A 1 107 ? 5.699   -6.285  -4.150  1.00 33.82 ? 107 ILE A C   1 
ATOM   803  O O   . ILE A 1 107 ? 5.387   -7.363  -4.673  1.00 33.24 ? 107 ILE A O   1 
ATOM   804  C CB  . ILE A 1 107 ? 4.093   -5.744  -2.318  1.00 29.36 ? 107 ILE A CB  1 
ATOM   805  C CG1 . ILE A 1 107 ? 2.957   -4.834  -1.826  1.00 26.90 ? 107 ILE A CG1 1 
ATOM   806  C CG2 . ILE A 1 107 ? 5.253   -5.728  -1.307  1.00 29.13 ? 107 ILE A CG2 1 
ATOM   807  C CD1 . ILE A 1 107 ? 3.318   -3.341  -1.735  1.00 26.29 ? 107 ILE A CD1 1 
ATOM   808  N N   . ARG A 1 108 ? 6.964   -5.924  -3.942  1.00 36.97 ? 108 ARG A N   1 
ATOM   809  C CA  . ARG A 1 108 ? 8.083   -6.793  -4.300  1.00 42.55 ? 108 ARG A CA  1 
ATOM   810  C C   . ARG A 1 108 ? 8.992   -6.954  -3.088  1.00 45.29 ? 108 ARG A C   1 
ATOM   811  O O   . ARG A 1 108 ? 9.171   -6.016  -2.312  1.00 42.69 ? 108 ARG A O   1 
ATOM   812  C CB  . ARG A 1 108 ? 8.876   -6.207  -5.476  1.00 44.15 ? 108 ARG A CB  1 
ATOM   813  C CG  . ARG A 1 108 ? 9.953   -7.146  -6.016  1.00 49.69 ? 108 ARG A CG  1 
ATOM   814  C CD  . ARG A 1 108 ? 10.557  -6.646  -7.326  1.00 51.74 ? 108 ARG A CD  1 
ATOM   815  N NE  . ARG A 1 108 ? 11.430  -5.487  -7.139  1.00 54.70 ? 108 ARG A NE  1 
ATOM   816  C CZ  . ARG A 1 108 ? 12.599  -5.520  -6.504  1.00 53.62 ? 108 ARG A CZ  1 
ATOM   817  N NH1 . ARG A 1 108 ? 13.045  -6.660  -5.987  1.00 55.43 ? 108 ARG A NH1 1 
ATOM   818  N NH2 . ARG A 1 108 ? 13.324  -4.416  -6.393  1.00 50.88 ? 108 ARG A NH2 1 
ATOM   819  N N   . LEU A 1 109 ? 9.555   -8.151  -2.931  1.00 50.31 ? 109 LEU A N   1 
ATOM   820  C CA  . LEU A 1 109 ? 10.434  -8.468  -1.806  1.00 57.21 ? 109 LEU A CA  1 
ATOM   821  C C   . LEU A 1 109 ? 11.916  -8.268  -2.122  1.00 61.09 ? 109 LEU A C   1 
ATOM   822  O O   . LEU A 1 109 ? 12.307  -8.181  -3.285  1.00 61.66 ? 109 LEU A O   1 
ATOM   823  C CB  . LEU A 1 109 ? 10.200  -9.916  -1.358  1.00 57.37 ? 109 LEU A CB  1 
ATOM   824  C CG  . LEU A 1 109 ? 8.843   -10.225 -0.725  1.00 58.79 ? 109 LEU A CG  1 
ATOM   825  C CD1 . LEU A 1 109 ? 8.714   -11.719 -0.458  1.00 58.85 ? 109 LEU A CD1 1 
ATOM   826  C CD2 . LEU A 1 109 ? 8.707   -9.437  0.570   1.00 58.62 ? 109 LEU A CD2 1 
ATOM   827  N N   . PRO A 1 110 ? 12.762  -8.190  -1.078  1.00 65.63 ? 110 PRO A N   1 
ATOM   828  C CA  . PRO A 1 110 ? 14.209  -8.001  -1.238  1.00 68.89 ? 110 PRO A CA  1 
ATOM   829  C C   . PRO A 1 110 ? 14.869  -9.008  -2.177  1.00 71.71 ? 110 PRO A C   1 
ATOM   830  O O   . PRO A 1 110 ? 14.452  -10.166 -2.265  1.00 71.74 ? 110 PRO A O   1 
ATOM   831  C CB  . PRO A 1 110 ? 14.725  -8.119  0.192   1.00 68.30 ? 110 PRO A CB  1 
ATOM   832  C CG  . PRO A 1 110 ? 13.612  -7.514  0.981   1.00 67.18 ? 110 PRO A CG  1 
ATOM   833  C CD  . PRO A 1 110 ? 12.394  -8.157  0.348   1.00 66.31 ? 110 PRO A CD  1 
ATOM   834  N N   . ALA A 1 111 ? 15.905  -8.555  -2.875  1.00 75.21 ? 111 ALA A N   1 
ATOM   835  C CA  . ALA A 1 111 ? 16.627  -9.406  -3.812  1.00 79.20 ? 111 ALA A CA  1 
ATOM   836  C C   . ALA A 1 111 ? 17.311  -10.573 -3.104  1.00 81.53 ? 111 ALA A C   1 
ATOM   837  O O   . ALA A 1 111 ? 17.525  -11.628 -3.702  1.00 81.22 ? 111 ALA A O   1 
ATOM   838  C CB  . ALA A 1 111 ? 17.655  -8.581  -4.578  1.00 78.79 ? 111 ALA A CB  1 
ATOM   839  N N   . ASN A 1 112 ? 17.649  -10.387 -1.829  1.00 84.44 ? 112 ASN A N   1 
ATOM   840  C CA  . ASN A 1 112 ? 18.313  -11.437 -1.064  1.00 87.34 ? 112 ASN A CA  1 
ATOM   841  C C   . ASN A 1 112 ? 17.367  -12.584 -0.714  1.00 88.87 ? 112 ASN A C   1 
ATOM   842  O O   . ASN A 1 112 ? 17.532  -13.247 0.310   1.00 88.91 ? 112 ASN A O   1 
ATOM   843  C CB  . ASN A 1 112 ? 18.919  -10.872 0.223   1.00 88.08 ? 112 ASN A CB  1 
ATOM   844  C CG  . ASN A 1 112 ? 17.867  -10.369 1.190   1.00 89.25 ? 112 ASN A CG  1 
ATOM   845  O OD1 . ASN A 1 112 ? 17.273  -9.311  0.985   1.00 89.75 ? 112 ASN A OD1 1 
ATOM   846  N ND2 . ASN A 1 112 ? 17.623  -11.136 2.249   1.00 89.50 ? 112 ASN A ND2 1 
ATOM   847  N N   . TYR A 1 113 ? 16.372  -12.810 -1.566  1.00 90.44 ? 113 TYR A N   1 
ATOM   848  C CA  . TYR A 1 113 ? 15.418  -13.891 -1.356  1.00 92.46 ? 113 TYR A CA  1 
ATOM   849  C C   . TYR A 1 113 ? 15.464  -14.869 -2.521  1.00 92.70 ? 113 TYR A C   1 
ATOM   850  O O   . TYR A 1 113 ? 14.744  -15.868 -2.540  1.00 92.75 ? 113 TYR A O   1 
ATOM   851  C CB  . TYR A 1 113 ? 13.999  -13.343 -1.202  1.00 94.56 ? 113 TYR A CB  1 
ATOM   852  C CG  . TYR A 1 113 ? 13.634  -12.972 0.216   1.00 96.57 ? 113 TYR A CG  1 
ATOM   853  C CD1 . TYR A 1 113 ? 13.764  -13.895 1.254   1.00 97.55 ? 113 TYR A CD1 1 
ATOM   854  C CD2 . TYR A 1 113 ? 13.139  -11.705 0.521   1.00 97.38 ? 113 TYR A CD2 1 
ATOM   855  C CE1 . TYR A 1 113 ? 13.409  -13.566 2.559   1.00 98.38 ? 113 TYR A CE1 1 
ATOM   856  C CE2 . TYR A 1 113 ? 12.779  -11.366 1.822   1.00 97.89 ? 113 TYR A CE2 1 
ATOM   857  C CZ  . TYR A 1 113 ? 12.917  -12.299 2.835   1.00 98.33 ? 113 TYR A CZ  1 
ATOM   858  O OH  . TYR A 1 113 ? 12.555  -11.968 4.121   1.00 98.63 ? 113 TYR A OH  1 
ATOM   859  N N   . GLY A 1 114 ? 16.316  -14.568 -3.495  1.00 92.96 ? 114 GLY A N   1 
ATOM   860  C CA  . GLY A 1 114 ? 16.453  -15.434 -4.651  1.00 93.22 ? 114 GLY A CA  1 
ATOM   861  C C   . GLY A 1 114 ? 15.246  -15.436 -5.566  1.00 93.25 ? 114 GLY A C   1 
ATOM   862  O O   . GLY A 1 114 ? 14.373  -14.573 -5.470  1.00 93.08 ? 114 GLY A O   1 
ATOM   863  N N   . ARG A 1 115 ? 15.199  -16.422 -6.456  1.00 93.14 ? 115 ARG A N   1 
ATOM   864  C CA  . ARG A 1 115 ? 14.111  -16.557 -7.417  1.00 92.48 ? 115 ARG A CA  1 
ATOM   865  C C   . ARG A 1 115 ? 12.787  -16.982 -6.783  1.00 91.34 ? 115 ARG A C   1 
ATOM   866  O O   . ARG A 1 115 ? 12.120  -16.214 -6.089  1.00 91.37 ? 115 ARG A O   1 
ATOM   867  C CB  . ARG A 1 115 ? 14.479  -17.589 -8.494  1.00 93.46 ? 115 ARG A CB  1 
ATOM   868  C CG  . ARG A 1 115 ? 15.640  -17.218 -9.403  1.00 94.33 ? 115 ARG A CG  1 
ATOM   869  C CD  . ARG A 1 115 ? 15.941  -18.357 -10.376 1.00 95.51 ? 115 ARG A CD  1 
ATOM   870  N NE  . ARG A 1 115 ? 14.758  -18.761 -11.136 1.00 96.71 ? 115 ARG A NE  1 
ATOM   871  C CZ  . ARG A 1 115 ? 14.740  -19.740 -12.036 1.00 97.44 ? 115 ARG A CZ  1 
ATOM   872  N NH1 . ARG A 1 115 ? 15.843  -20.429 -12.300 1.00 97.58 ? 115 ARG A NH1 1 
ATOM   873  N NH2 . ARG A 1 115 ? 13.614  -20.038 -12.674 1.00 97.69 ? 115 ARG A NH2 1 
ATOM   874  N N   . ARG A 1 116 ? 12.434  -18.233 -7.058  1.00 89.94 ? 116 ARG A N   1 
ATOM   875  C CA  . ARG A 1 116 ? 11.215  -18.897 -6.614  1.00 88.44 ? 116 ARG A CA  1 
ATOM   876  C C   . ARG A 1 116 ? 10.250  -18.232 -5.627  1.00 86.43 ? 116 ARG A C   1 
ATOM   877  O O   . ARG A 1 116 ? 9.055   -18.141 -5.908  1.00 86.54 ? 116 ARG A O   1 
ATOM   878  C CB  . ARG A 1 116 ? 11.568  -20.295 -6.100  1.00 89.44 ? 116 ARG A CB  1 
ATOM   879  C CG  . ARG A 1 116 ? 10.355  -21.161 -5.840  1.00 90.47 ? 116 ARG A CG  1 
ATOM   880  C CD  . ARG A 1 116 ? 10.691  -22.638 -5.918  1.00 91.22 ? 116 ARG A CD  1 
ATOM   881  N NE  . ARG A 1 116 ? 9.476   -23.446 -5.880  1.00 91.93 ? 116 ARG A NE  1 
ATOM   882  C CZ  . ARG A 1 116 ? 9.439   -24.762 -6.060  1.00 92.29 ? 116 ARG A CZ  1 
ATOM   883  N NH1 . ARG A 1 116 ? 10.558  -25.437 -6.292  1.00 92.69 ? 116 ARG A NH1 1 
ATOM   884  N NH2 . ARG A 1 116 ? 8.278   -25.401 -6.011  1.00 92.32 ? 116 ARG A NH2 1 
ATOM   885  N N   . TYR A 1 117 ? 10.741  -17.788 -4.475  1.00 83.66 ? 117 TYR A N   1 
ATOM   886  C CA  . TYR A 1 117 ? 9.859   -17.171 -3.486  1.00 81.06 ? 117 TYR A CA  1 
ATOM   887  C C   . TYR A 1 117 ? 9.391   -15.771 -3.879  1.00 79.46 ? 117 TYR A C   1 
ATOM   888  O O   . TYR A 1 117 ? 8.208   -15.447 -3.753  1.00 79.20 ? 117 TYR A O   1 
ATOM   889  C CB  . TYR A 1 117 ? 10.551  -17.133 -2.120  1.00 80.60 ? 117 TYR A CB  1 
ATOM   890  C CG  . TYR A 1 117 ? 9.765   -16.438 -1.028  1.00 79.51 ? 117 TYR A CG  1 
ATOM   891  C CD1 . TYR A 1 117 ? 8.450   -16.811 -0.731  1.00 79.16 ? 117 TYR A CD1 1 
ATOM   892  C CD2 . TYR A 1 117 ? 10.347  -15.421 -0.273  1.00 79.29 ? 117 TYR A CD2 1 
ATOM   893  C CE1 . TYR A 1 117 ? 7.738   -16.184 0.295   1.00 79.53 ? 117 TYR A CE1 1 
ATOM   894  C CE2 . TYR A 1 117 ? 9.647   -14.790 0.753   1.00 79.24 ? 117 TYR A CE2 1 
ATOM   895  C CZ  . TYR A 1 117 ? 8.344   -15.176 1.031   1.00 79.73 ? 117 TYR A CZ  1 
ATOM   896  O OH  . TYR A 1 117 ? 7.652   -14.557 2.048   1.00 79.84 ? 117 TYR A OH  1 
ATOM   897  N N   . ASN A 1 118 ? 10.316  -14.946 -4.356  1.00 77.23 ? 118 ASN A N   1 
ATOM   898  C CA  . ASN A 1 118 ? 9.983   -13.589 -4.769  1.00 74.87 ? 118 ASN A CA  1 
ATOM   899  C C   . ASN A 1 118 ? 9.044   -13.582 -5.965  1.00 72.84 ? 118 ASN A C   1 
ATOM   900  O O   . ASN A 1 118 ? 8.073   -12.824 -6.000  1.00 72.36 ? 118 ASN A O   1 
ATOM   901  C CB  . ASN A 1 118 ? 11.254  -12.819 -5.119  1.00 76.37 ? 118 ASN A CB  1 
ATOM   902  C CG  . ASN A 1 118 ? 12.047  -12.427 -3.896  1.00 77.03 ? 118 ASN A CG  1 
ATOM   903  O OD1 . ASN A 1 118 ? 13.188  -11.975 -3.998  1.00 77.84 ? 118 ASN A OD1 1 
ATOM   904  N ND2 . ASN A 1 118 ? 11.443  -12.589 -2.725  1.00 78.87 ? 118 ASN A ND2 1 
ATOM   905  N N   . GLU A 1 119 ? 9.340   -14.425 -6.946  1.00 70.09 ? 119 GLU A N   1 
ATOM   906  C CA  . GLU A 1 119 ? 8.514   -14.506 -8.140  1.00 67.75 ? 119 GLU A CA  1 
ATOM   907  C C   . GLU A 1 119 ? 7.110   -14.926 -7.736  1.00 64.73 ? 119 GLU A C   1 
ATOM   908  O O   . GLU A 1 119 ? 6.121   -14.425 -8.268  1.00 64.26 ? 119 GLU A O   1 
ATOM   909  C CB  . GLU A 1 119 ? 9.100   -15.525 -9.118  1.00 69.00 ? 119 GLU A CB  1 
ATOM   910  C CG  . GLU A 1 119 ? 10.559  -15.278 -9.464  1.00 71.01 ? 119 GLU A CG  1 
ATOM   911  C CD  . GLU A 1 119 ? 11.083  -16.249 -10.506 1.00 71.76 ? 119 GLU A CD  1 
ATOM   912  O OE1 . GLU A 1 119 ? 10.898  -17.471 -10.322 1.00 72.05 ? 119 GLU A OE1 1 
ATOM   913  O OE2 . GLU A 1 119 ? 11.684  -15.787 -11.501 1.00 71.81 ? 119 GLU A OE2 1 
ATOM   914  N N   . ALA A 1 120 ? 7.038   -15.852 -6.786  1.00 62.10 ? 120 ALA A N   1 
ATOM   915  C CA  . ALA A 1 120 ? 5.764   -16.360 -6.289  1.00 57.71 ? 120 ALA A CA  1 
ATOM   916  C C   . ALA A 1 120 ? 5.005   -15.273 -5.527  1.00 54.60 ? 120 ALA A C   1 
ATOM   917  O O   . ALA A 1 120 ? 3.810   -15.074 -5.735  1.00 51.88 ? 120 ALA A O   1 
ATOM   918  C CB  . ALA A 1 120 ? 6.005   -17.563 -5.385  1.00 58.96 ? 120 ALA A CB  1 
ATOM   919  N N   . PHE A 1 121 ? 5.707   -14.576 -4.641  1.00 52.58 ? 121 PHE A N   1 
ATOM   920  C CA  . PHE A 1 121 ? 5.097   -13.508 -3.856  1.00 51.03 ? 121 PHE A CA  1 
ATOM   921  C C   . PHE A 1 121 ? 4.584   -12.407 -4.780  1.00 49.75 ? 121 PHE A C   1 
ATOM   922  O O   . PHE A 1 121 ? 3.419   -12.014 -4.711  1.00 49.67 ? 121 PHE A O   1 
ATOM   923  C CB  . PHE A 1 121 ? 6.120   -12.916 -2.888  1.00 50.40 ? 121 PHE A CB  1 
ATOM   924  C CG  . PHE A 1 121 ? 5.588   -11.778 -2.062  1.00 50.68 ? 121 PHE A CG  1 
ATOM   925  C CD1 . PHE A 1 121 ? 4.785   -12.024 -0.954  1.00 51.07 ? 121 PHE A CD1 1 
ATOM   926  C CD2 . PHE A 1 121 ? 5.884   -10.462 -2.397  1.00 50.31 ? 121 PHE A CD2 1 
ATOM   927  C CE1 . PHE A 1 121 ? 4.284   -10.972 -0.187  1.00 51.84 ? 121 PHE A CE1 1 
ATOM   928  C CE2 . PHE A 1 121 ? 5.389   -9.405  -1.638  1.00 51.94 ? 121 PHE A CE2 1 
ATOM   929  C CZ  . PHE A 1 121 ? 4.587   -9.660  -0.530  1.00 50.61 ? 121 PHE A CZ  1 
ATOM   930  N N   . SER A 1 122 ? 5.466   -11.921 -5.649  1.00 48.28 ? 122 SER A N   1 
ATOM   931  C CA  . SER A 1 122 ? 5.129   -10.852 -6.586  1.00 47.14 ? 122 SER A CA  1 
ATOM   932  C C   . SER A 1 122 ? 4.007   -11.207 -7.552  1.00 45.07 ? 122 SER A C   1 
ATOM   933  O O   . SER A 1 122 ? 3.249   -10.334 -7.966  1.00 43.93 ? 122 SER A O   1 
ATOM   934  C CB  . SER A 1 122 ? 6.365   -10.448 -7.396  1.00 47.78 ? 122 SER A CB  1 
ATOM   935  O OG  . SER A 1 122 ? 7.400   -9.962  -6.559  1.00 50.76 ? 122 SER A OG  1 
ATOM   936  N N   . ALA A 1 123 ? 3.902   -12.482 -7.915  1.00 42.71 ? 123 ALA A N   1 
ATOM   937  C CA  . ALA A 1 123 ? 2.874   -12.919 -8.856  1.00 42.56 ? 123 ALA A CA  1 
ATOM   938  C C   . ALA A 1 123 ? 1.456   -12.777 -8.316  1.00 42.01 ? 123 ALA A C   1 
ATOM   939  O O   . ALA A 1 123 ? 0.499   -12.679 -9.080  1.00 39.99 ? 123 ALA A O   1 
ATOM   940  C CB  . ALA A 1 123 ? 3.129   -14.361 -9.271  1.00 44.27 ? 123 ALA A CB  1 
ATOM   941  N N   . ILE A 1 124 ? 1.328   -12.759 -6.995  1.00 43.19 ? 124 ILE A N   1 
ATOM   942  C CA  . ILE A 1 124 ? 0.028   -12.637 -6.352  1.00 41.81 ? 124 ILE A CA  1 
ATOM   943  C C   . ILE A 1 124 ? -0.764  -11.413 -6.797  1.00 41.37 ? 124 ILE A C   1 
ATOM   944  O O   . ILE A 1 124 ? -1.941  -11.517 -7.146  1.00 39.84 ? 124 ILE A O   1 
ATOM   945  C CB  . ILE A 1 124 ? 0.180   -12.563 -4.824  1.00 44.27 ? 124 ILE A CB  1 
ATOM   946  C CG1 . ILE A 1 124 ? 0.743   -13.884 -4.290  1.00 44.61 ? 124 ILE A CG1 1 
ATOM   947  C CG2 . ILE A 1 124 ? -1.167  -12.236 -4.187  1.00 43.75 ? 124 ILE A CG2 1 
ATOM   948  C CD1 . ILE A 1 124 ? 1.147   -13.830 -2.832  1.00 47.14 ? 124 ILE A CD1 1 
ATOM   949  N N   . TYR A 1 125 ? -0.108  -10.257 -6.782  1.00 39.42 ? 125 TYR A N   1 
ATOM   950  C CA  . TYR A 1 125 ? -0.740  -8.990  -7.135  1.00 37.68 ? 125 TYR A CA  1 
ATOM   951  C C   . TYR A 1 125 ? -1.329  -8.925  -8.543  1.00 37.73 ? 125 TYR A C   1 
ATOM   952  O O   . TYR A 1 125 ? -2.484  -8.535  -8.715  1.00 37.52 ? 125 TYR A O   1 
ATOM   953  C CB  . TYR A 1 125 ? 0.265   -7.860  -6.876  1.00 35.54 ? 125 TYR A CB  1 
ATOM   954  C CG  . TYR A 1 125 ? 0.681   -7.815  -5.417  1.00 35.23 ? 125 TYR A CG  1 
ATOM   955  C CD1 . TYR A 1 125 ? -0.082  -7.129  -4.473  1.00 34.82 ? 125 TYR A CD1 1 
ATOM   956  C CD2 . TYR A 1 125 ? 1.774   -8.554  -4.964  1.00 33.47 ? 125 TYR A CD2 1 
ATOM   957  C CE1 . TYR A 1 125 ? 0.229   -7.188  -3.105  1.00 34.21 ? 125 TYR A CE1 1 
ATOM   958  C CE2 . TYR A 1 125 ? 2.090   -8.622  -3.605  1.00 34.95 ? 125 TYR A CE2 1 
ATOM   959  C CZ  . TYR A 1 125 ? 1.312   -7.939  -2.682  1.00 32.22 ? 125 TYR A CZ  1 
ATOM   960  O OH  . TYR A 1 125 ? 1.612   -8.026  -1.340  1.00 31.42 ? 125 TYR A OH  1 
ATOM   961  N N   . PRO A 1 126 ? -0.551  -9.307  -9.568  1.00 38.94 ? 126 PRO A N   1 
ATOM   962  C CA  . PRO A 1 126 ? -1.088  -9.266  -10.933 1.00 39.63 ? 126 PRO A CA  1 
ATOM   963  C C   . PRO A 1 126 ? -2.303  -10.199 -11.034 1.00 39.17 ? 126 PRO A C   1 
ATOM   964  O O   . PRO A 1 126 ? -3.304  -9.873  -11.673 1.00 37.60 ? 126 PRO A O   1 
ATOM   965  C CB  . PRO A 1 126 ? 0.093   -9.742  -11.781 1.00 40.31 ? 126 PRO A CB  1 
ATOM   966  C CG  . PRO A 1 126 ? 1.286   -9.310  -10.971 1.00 41.29 ? 126 PRO A CG  1 
ATOM   967  C CD  . PRO A 1 126 ? 0.872   -9.687  -9.576  1.00 40.11 ? 126 PRO A CD  1 
ATOM   968  N N   . LYS A 1 127 ? -2.213  -11.353 -10.382 1.00 41.20 ? 127 LYS A N   1 
ATOM   969  C CA  . LYS A 1 127 ? -3.305  -12.327 -10.386 1.00 43.40 ? 127 LYS A CA  1 
ATOM   970  C C   . LYS A 1 127 ? -4.591  -11.723 -9.821  1.00 43.03 ? 127 LYS A C   1 
ATOM   971  O O   . LYS A 1 127 ? -5.647  -11.788 -10.455 1.00 42.19 ? 127 LYS A O   1 
ATOM   972  C CB  . LYS A 1 127 ? -2.908  -13.559 -9.569  1.00 46.56 ? 127 LYS A CB  1 
ATOM   973  C CG  . LYS A 1 127 ? -3.966  -14.654 -9.515  1.00 50.48 ? 127 LYS A CG  1 
ATOM   974  C CD  . LYS A 1 127 ? -3.426  -15.877 -8.792  1.00 52.10 ? 127 LYS A CD  1 
ATOM   975  C CE  . LYS A 1 127 ? -4.492  -16.938 -8.614  1.00 55.35 ? 127 LYS A CE  1 
ATOM   976  N NZ  . LYS A 1 127 ? -3.968  -18.099 -7.841  1.00 54.34 ? 127 LYS A NZ  1 
ATOM   977  N N   . LEU A 1 128 ? -4.497  -11.129 -8.634  1.00 42.14 ? 128 LEU A N   1 
ATOM   978  C CA  . LEU A 1 128 ? -5.656  -10.513 -7.991  1.00 43.34 ? 128 LEU A CA  1 
ATOM   979  C C   . LEU A 1 128 ? -6.182  -9.310  -8.766  1.00 43.63 ? 128 LEU A C   1 
ATOM   980  O O   . LEU A 1 128 ? -7.394  -9.132  -8.906  1.00 43.00 ? 128 LEU A O   1 
ATOM   981  C CB  . LEU A 1 128 ? -5.304  -10.080 -6.562  1.00 44.04 ? 128 LEU A CB  1 
ATOM   982  C CG  . LEU A 1 128 ? -5.045  -11.214 -5.567  1.00 46.51 ? 128 LEU A CG  1 
ATOM   983  C CD1 . LEU A 1 128 ? -4.461  -10.664 -4.264  1.00 46.26 ? 128 LEU A CD1 1 
ATOM   984  C CD2 . LEU A 1 128 ? -6.352  -11.945 -5.309  1.00 46.81 ? 128 LEU A CD2 1 
ATOM   985  N N   . ALA A 1 129 ? -5.271  -8.484  -9.271  1.00 44.13 ? 129 ALA A N   1 
ATOM   986  C CA  . ALA A 1 129 ? -5.667  -7.300  -10.022 1.00 44.35 ? 129 ALA A CA  1 
ATOM   987  C C   . ALA A 1 129 ? -6.541  -7.698  -11.200 1.00 45.66 ? 129 ALA A C   1 
ATOM   988  O O   . ALA A 1 129 ? -7.505  -7.009  -11.537 1.00 46.31 ? 129 ALA A O   1 
ATOM   989  C CB  . ALA A 1 129 ? -4.437  -6.555  -10.512 1.00 44.91 ? 129 ALA A CB  1 
ATOM   990  N N   . LYS A 1 130 ? -6.203  -8.816  -11.827 1.00 45.35 ? 130 LYS A N   1 
ATOM   991  C CA  . LYS A 1 130 ? -6.974  -9.286  -12.963 1.00 47.33 ? 130 LYS A CA  1 
ATOM   992  C C   . LYS A 1 130 ? -8.275  -9.920  -12.477 1.00 47.05 ? 130 LYS A C   1 
ATOM   993  O O   . LYS A 1 130 ? -9.352  -9.628  -13.000 1.00 45.80 ? 130 LYS A O   1 
ATOM   994  C CB  . LYS A 1 130 ? -6.156  -10.302 -13.767 1.00 49.42 ? 130 LYS A CB  1 
ATOM   995  C CG  . LYS A 1 130 ? -6.755  -10.650 -15.118 1.00 52.44 ? 130 LYS A CG  1 
ATOM   996  C CD  . LYS A 1 130 ? -5.924  -11.711 -15.821 1.00 54.69 ? 130 LYS A CD  1 
ATOM   997  C CE  . LYS A 1 130 ? -6.493  -12.044 -17.193 1.00 56.67 ? 130 LYS A CE  1 
ATOM   998  N NZ  . LYS A 1 130 ? -7.883  -12.586 -17.117 1.00 57.13 ? 130 LYS A NZ  1 
ATOM   999  N N   . GLU A 1 131 ? -8.171  -10.776 -11.465 1.00 46.97 ? 131 GLU A N   1 
ATOM   1000 C CA  . GLU A 1 131 ? -9.343  -11.448 -10.916 1.00 47.40 ? 131 GLU A CA  1 
ATOM   1001 C C   . GLU A 1 131 ? -10.481 -10.489 -10.567 1.00 47.48 ? 131 GLU A C   1 
ATOM   1002 O O   . GLU A 1 131 ? -11.645 -10.779 -10.846 1.00 47.54 ? 131 GLU A O   1 
ATOM   1003 C CB  . GLU A 1 131 ? -8.951  -12.259 -9.677  1.00 48.64 ? 131 GLU A CB  1 
ATOM   1004 C CG  . GLU A 1 131 ? -10.130 -12.898 -8.962  1.00 49.85 ? 131 GLU A CG  1 
ATOM   1005 C CD  . GLU A 1 131 ? -9.721  -13.676 -7.727  1.00 51.41 ? 131 GLU A CD  1 
ATOM   1006 O OE1 . GLU A 1 131 ? -10.606 -13.959 -6.887  1.00 52.88 ? 131 GLU A OE1 1 
ATOM   1007 O OE2 . GLU A 1 131 ? -8.521  -14.009 -7.596  1.00 51.81 ? 131 GLU A OE2 1 
ATOM   1008 N N   . PHE A 1 132 ? -10.146 -9.348  -9.967  1.00 46.47 ? 132 PHE A N   1 
ATOM   1009 C CA  . PHE A 1 132 ? -11.154 -8.363  -9.580  1.00 45.23 ? 132 PHE A CA  1 
ATOM   1010 C C   . PHE A 1 132 ? -11.264 -7.196  -10.560 1.00 44.80 ? 132 PHE A C   1 
ATOM   1011 O O   . PHE A 1 132 ? -12.050 -6.273  -10.347 1.00 45.13 ? 132 PHE A O   1 
ATOM   1012 C CB  . PHE A 1 132 ? -10.858 -7.818  -8.179  1.00 43.90 ? 132 PHE A CB  1 
ATOM   1013 C CG  . PHE A 1 132 ? -10.945 -8.853  -7.094  1.00 44.25 ? 132 PHE A CG  1 
ATOM   1014 C CD1 . PHE A 1 132 ? -9.915  -9.769  -6.901  1.00 42.32 ? 132 PHE A CD1 1 
ATOM   1015 C CD2 . PHE A 1 132 ? -12.070 -8.929  -6.281  1.00 44.51 ? 132 PHE A CD2 1 
ATOM   1016 C CE1 . PHE A 1 132 ? -10.006 -10.749 -5.913  1.00 45.01 ? 132 PHE A CE1 1 
ATOM   1017 C CE2 . PHE A 1 132 ? -12.172 -9.906  -5.290  1.00 45.85 ? 132 PHE A CE2 1 
ATOM   1018 C CZ  . PHE A 1 132 ? -11.137 -10.818 -5.107  1.00 44.18 ? 132 PHE A CZ  1 
ATOM   1019 N N   . ASP A 1 133 ? -10.472 -7.239  -11.627 1.00 44.16 ? 133 ASP A N   1 
ATOM   1020 C CA  . ASP A 1 133 ? -10.485 -6.184  -12.636 1.00 43.61 ? 133 ASP A CA  1 
ATOM   1021 C C   . ASP A 1 133 ? -10.306 -4.806  -11.993 1.00 41.27 ? 133 ASP A C   1 
ATOM   1022 O O   . ASP A 1 133 ? -11.112 -3.901  -12.200 1.00 40.71 ? 133 ASP A O   1 
ATOM   1023 C CB  . ASP A 1 133 ? -11.800 -6.244  -13.430 1.00 46.89 ? 133 ASP A CB  1 
ATOM   1024 C CG  . ASP A 1 133 ? -11.891 -5.172  -14.503 1.00 49.78 ? 133 ASP A CG  1 
ATOM   1025 O OD1 . ASP A 1 133 ? -10.933 -5.027  -15.298 1.00 51.56 ? 133 ASP A OD1 1 
ATOM   1026 O OD2 . ASP A 1 133 ? -12.929 -4.478  -14.551 1.00 50.23 ? 133 ASP A OD2 1 
ATOM   1027 N N   . VAL A 1 134 ? -9.241  -4.655  -11.210 1.00 38.69 ? 134 VAL A N   1 
ATOM   1028 C CA  . VAL A 1 134 ? -8.955  -3.388  -10.543 1.00 35.55 ? 134 VAL A CA  1 
ATOM   1029 C C   . VAL A 1 134 ? -7.578  -2.843  -10.915 1.00 34.28 ? 134 VAL A C   1 
ATOM   1030 O O   . VAL A 1 134 ? -6.740  -3.559  -11.459 1.00 32.93 ? 134 VAL A O   1 
ATOM   1031 C CB  . VAL A 1 134 ? -9.025  -3.536  -9.007  1.00 35.64 ? 134 VAL A CB  1 
ATOM   1032 C CG1 . VAL A 1 134 ? -10.460 -3.822  -8.581  1.00 35.16 ? 134 VAL A CG1 1 
ATOM   1033 C CG2 . VAL A 1 134 ? -8.091  -4.654  -8.543  1.00 34.68 ? 134 VAL A CG2 1 
ATOM   1034 N N   . PRO A 1 135 ? -7.337  -1.553  -10.637 1.00 32.26 ? 135 PRO A N   1 
ATOM   1035 C CA  . PRO A 1 135 ? -6.057  -0.914  -10.939 1.00 31.29 ? 135 PRO A CA  1 
ATOM   1036 C C   . PRO A 1 135 ? -4.935  -1.575  -10.146 1.00 32.16 ? 135 PRO A C   1 
ATOM   1037 O O   . PRO A 1 135 ? -5.105  -1.898  -8.968  1.00 31.97 ? 135 PRO A O   1 
ATOM   1038 C CB  . PRO A 1 135 ? -6.277  0.531   -10.495 1.00 31.47 ? 135 PRO A CB  1 
ATOM   1039 C CG  . PRO A 1 135 ? -7.755  0.725   -10.664 1.00 33.14 ? 135 PRO A CG  1 
ATOM   1040 C CD  . PRO A 1 135 ? -8.303  -0.567  -10.120 1.00 34.26 ? 135 PRO A CD  1 
ATOM   1041 N N   . LEU A 1 136 ? -3.798  -1.795  -10.797 1.00 31.80 ? 136 LEU A N   1 
ATOM   1042 C CA  . LEU A 1 136 ? -2.640  -2.381  -10.128 1.00 31.50 ? 136 LEU A CA  1 
ATOM   1043 C C   . LEU A 1 136 ? -1.514  -1.369  -10.244 1.00 31.00 ? 136 LEU A C   1 
ATOM   1044 O O   . LEU A 1 136 ? -0.845  -1.288  -11.273 1.00 29.95 ? 136 LEU A O   1 
ATOM   1045 C CB  . LEU A 1 136 ? -2.221  -3.700  -10.786 1.00 31.37 ? 136 LEU A CB  1 
ATOM   1046 C CG  . LEU A 1 136 ? -0.937  -4.341  -10.242 1.00 31.05 ? 136 LEU A CG  1 
ATOM   1047 C CD1 . LEU A 1 136 ? -1.097  -4.642  -8.748  1.00 29.30 ? 136 LEU A CD1 1 
ATOM   1048 C CD2 . LEU A 1 136 ? -0.637  -5.632  -11.012 1.00 32.90 ? 136 LEU A CD2 1 
ATOM   1049 N N   . LEU A 1 137 ? -1.321  -0.575  -9.198  1.00 31.19 ? 137 LEU A N   1 
ATOM   1050 C CA  . LEU A 1 137 ? -0.270  0.425   -9.215  1.00 31.86 ? 137 LEU A CA  1 
ATOM   1051 C C   . LEU A 1 137 ? 1.099   -0.230  -9.110  1.00 31.52 ? 137 LEU A C   1 
ATOM   1052 O O   . LEU A 1 137 ? 1.247   -1.273  -8.475  1.00 31.78 ? 137 LEU A O   1 
ATOM   1053 C CB  . LEU A 1 137 ? -0.450  1.420   -8.065  1.00 32.46 ? 137 LEU A CB  1 
ATOM   1054 C CG  . LEU A 1 137 ? -1.435  2.578   -8.248  1.00 32.50 ? 137 LEU A CG  1 
ATOM   1055 C CD1 . LEU A 1 137 ? -2.861  2.047   -8.408  1.00 34.23 ? 137 LEU A CD1 1 
ATOM   1056 C CD2 . LEU A 1 137 ? -1.355  3.489   -7.040  1.00 33.28 ? 137 LEU A CD2 1 
ATOM   1057 N N   . PRO A 1 138 ? 2.111   0.359   -9.764  1.00 32.25 ? 138 PRO A N   1 
ATOM   1058 C CA  . PRO A 1 138 ? 3.471   -0.191  -9.714  1.00 31.97 ? 138 PRO A CA  1 
ATOM   1059 C C   . PRO A 1 138 ? 3.958   -0.021  -8.273  1.00 31.77 ? 138 PRO A C   1 
ATOM   1060 O O   . PRO A 1 138 ? 3.387   0.767   -7.517  1.00 31.34 ? 138 PRO A O   1 
ATOM   1061 C CB  . PRO A 1 138 ? 4.249   0.714   -10.673 1.00 34.23 ? 138 PRO A CB  1 
ATOM   1062 C CG  . PRO A 1 138 ? 3.193   1.247   -11.607 1.00 35.58 ? 138 PRO A CG  1 
ATOM   1063 C CD  . PRO A 1 138 ? 2.037   1.509   -10.678 1.00 33.95 ? 138 PRO A CD  1 
ATOM   1064 N N   . PHE A 1 139 ? 5.005   -0.750  -7.895  1.00 31.64 ? 139 PHE A N   1 
ATOM   1065 C CA  . PHE A 1 139 ? 5.565   -0.653  -6.544  1.00 31.31 ? 139 PHE A CA  1 
ATOM   1066 C C   . PHE A 1 139 ? 6.420   0.611   -6.532  1.00 30.14 ? 139 PHE A C   1 
ATOM   1067 O O   . PHE A 1 139 ? 7.474   0.644   -7.155  1.00 31.86 ? 139 PHE A O   1 
ATOM   1068 C CB  . PHE A 1 139 ? 6.427   -1.897  -6.255  1.00 32.16 ? 139 PHE A CB  1 
ATOM   1069 C CG  . PHE A 1 139 ? 6.936   -1.991  -4.833  1.00 31.06 ? 139 PHE A CG  1 
ATOM   1070 C CD1 . PHE A 1 139 ? 6.156   -1.568  -3.764  1.00 31.37 ? 139 PHE A CD1 1 
ATOM   1071 C CD2 . PHE A 1 139 ? 8.182   -2.561  -4.567  1.00 34.37 ? 139 PHE A CD2 1 
ATOM   1072 C CE1 . PHE A 1 139 ? 6.605   -1.710  -2.446  1.00 32.39 ? 139 PHE A CE1 1 
ATOM   1073 C CE2 . PHE A 1 139 ? 8.642   -2.711  -3.253  1.00 34.10 ? 139 PHE A CE2 1 
ATOM   1074 C CZ  . PHE A 1 139 ? 7.851   -2.285  -2.195  1.00 34.47 ? 139 PHE A CZ  1 
ATOM   1075 N N   . PHE A 1 140 ? 5.975   1.651   -5.828  1.00 32.22 ? 140 PHE A N   1 
ATOM   1076 C CA  . PHE A 1 140 ? 6.724   2.909   -5.810  1.00 33.49 ? 140 PHE A CA  1 
ATOM   1077 C C   . PHE A 1 140 ? 8.164   2.797   -5.319  1.00 33.76 ? 140 PHE A C   1 
ATOM   1078 O O   . PHE A 1 140 ? 9.022   3.595   -5.706  1.00 34.02 ? 140 PHE A O   1 
ATOM   1079 C CB  . PHE A 1 140 ? 5.958   3.985   -5.011  1.00 35.50 ? 140 PHE A CB  1 
ATOM   1080 C CG  . PHE A 1 140 ? 5.968   3.792   -3.512  1.00 34.50 ? 140 PHE A CG  1 
ATOM   1081 C CD1 . PHE A 1 140 ? 7.108   4.076   -2.759  1.00 34.03 ? 140 PHE A CD1 1 
ATOM   1082 C CD2 . PHE A 1 140 ? 4.812   3.392   -2.845  1.00 33.04 ? 140 PHE A CD2 1 
ATOM   1083 C CE1 . PHE A 1 140 ? 7.093   3.970   -1.371  1.00 30.55 ? 140 PHE A CE1 1 
ATOM   1084 C CE2 . PHE A 1 140 ? 4.788   3.283   -1.452  1.00 34.54 ? 140 PHE A CE2 1 
ATOM   1085 C CZ  . PHE A 1 140 ? 5.933   3.576   -0.713  1.00 30.95 ? 140 PHE A CZ  1 
ATOM   1086 N N   . MET A 1 141 ? 8.442   1.802   -4.487  1.00 34.27 ? 141 MET A N   1 
ATOM   1087 C CA  . MET A 1 141 ? 9.794   1.631   -3.964  1.00 32.35 ? 141 MET A CA  1 
ATOM   1088 C C   . MET A 1 141 ? 10.825  1.306   -5.047  1.00 33.46 ? 141 MET A C   1 
ATOM   1089 O O   . MET A 1 141 ? 12.026  1.436   -4.814  1.00 31.48 ? 141 MET A O   1 
ATOM   1090 C CB  . MET A 1 141 ? 9.824   0.544   -2.886  1.00 31.63 ? 141 MET A CB  1 
ATOM   1091 C CG  . MET A 1 141 ? 9.260   0.971   -1.532  1.00 30.04 ? 141 MET A CG  1 
ATOM   1092 S SD  . MET A 1 141 ? 10.022  2.485   -0.843  1.00 30.09 ? 141 MET A SD  1 
ATOM   1093 C CE  . MET A 1 141 ? 11.738  1.921   -0.570  1.00 28.94 ? 141 MET A CE  1 
ATOM   1094 N N   . GLU A 1 142 ? 10.367  0.881   -6.223  1.00 33.87 ? 142 GLU A N   1 
ATOM   1095 C CA  . GLU A 1 142 ? 11.292  0.555   -7.313  1.00 35.19 ? 142 GLU A CA  1 
ATOM   1096 C C   . GLU A 1 142 ? 12.113  1.782   -7.700  1.00 33.78 ? 142 GLU A C   1 
ATOM   1097 O O   . GLU A 1 142 ? 13.307  1.682   -7.974  1.00 34.27 ? 142 GLU A O   1 
ATOM   1098 C CB  . GLU A 1 142 ? 10.535  0.060   -8.551  1.00 36.44 ? 142 GLU A CB  1 
ATOM   1099 C CG  . GLU A 1 142 ? 9.753   -1.222  -8.355  1.00 40.41 ? 142 GLU A CG  1 
ATOM   1100 C CD  . GLU A 1 142 ? 10.613  -2.376  -7.896  1.00 41.82 ? 142 GLU A CD  1 
ATOM   1101 O OE1 . GLU A 1 142 ? 11.829  -2.372  -8.178  1.00 44.99 ? 142 GLU A OE1 1 
ATOM   1102 O OE2 . GLU A 1 142 ? 10.070  -3.301  -7.262  1.00 44.80 ? 142 GLU A OE2 1 
ATOM   1103 N N   . GLU A 1 143 ? 11.462  2.938   -7.732  1.00 31.84 ? 143 GLU A N   1 
ATOM   1104 C CA  . GLU A 1 143 ? 12.146  4.173   -8.084  1.00 32.39 ? 143 GLU A CA  1 
ATOM   1105 C C   . GLU A 1 143 ? 12.961  4.691   -6.908  1.00 31.09 ? 143 GLU A C   1 
ATOM   1106 O O   . GLU A 1 143 ? 14.000  5.317   -7.098  1.00 31.18 ? 143 GLU A O   1 
ATOM   1107 C CB  . GLU A 1 143 ? 11.135  5.234   -8.530  1.00 35.71 ? 143 GLU A CB  1 
ATOM   1108 C CG  . GLU A 1 143 ? 10.486  4.929   -9.880  1.00 42.35 ? 143 GLU A CG  1 
ATOM   1109 C CD  . GLU A 1 143 ? 11.448  5.104   -11.034 1.00 47.06 ? 143 GLU A CD  1 
ATOM   1110 O OE1 . GLU A 1 143 ? 11.167  4.580   -12.134 1.00 52.56 ? 143 GLU A OE1 1 
ATOM   1111 O OE2 . GLU A 1 143 ? 12.489  5.776   -10.852 1.00 51.08 ? 143 GLU A OE2 1 
ATOM   1112 N N   . VAL A 1 144 ? 12.502  4.417   -5.693  1.00 28.98 ? 144 VAL A N   1 
ATOM   1113 C CA  . VAL A 1 144 ? 13.216  4.884   -4.515  1.00 27.83 ? 144 VAL A CA  1 
ATOM   1114 C C   . VAL A 1 144 ? 14.540  4.129   -4.325  1.00 29.35 ? 144 VAL A C   1 
ATOM   1115 O O   . VAL A 1 144 ? 15.530  4.712   -3.883  1.00 28.52 ? 144 VAL A O   1 
ATOM   1116 C CB  . VAL A 1 144 ? 12.354  4.744   -3.237  1.00 29.83 ? 144 VAL A CB  1 
ATOM   1117 C CG1 . VAL A 1 144 ? 13.102  5.345   -2.039  1.00 28.54 ? 144 VAL A CG1 1 
ATOM   1118 C CG2 . VAL A 1 144 ? 11.012  5.469   -3.415  1.00 30.04 ? 144 VAL A CG2 1 
ATOM   1119 N N   . TYR A 1 145 ? 14.549  2.831   -4.636  1.00 28.61 ? 145 TYR A N   1 
ATOM   1120 C CA  . TYR A 1 145 ? 15.769  2.019   -4.516  1.00 33.05 ? 145 TYR A CA  1 
ATOM   1121 C C   . TYR A 1 145 ? 16.911  2.604   -5.357  1.00 33.46 ? 145 TYR A C   1 
ATOM   1122 O O   . TYR A 1 145 ? 18.084  2.473   -5.006  1.00 34.72 ? 145 TYR A O   1 
ATOM   1123 C CB  . TYR A 1 145 ? 15.523  0.584   -4.996  1.00 33.12 ? 145 TYR A CB  1 
ATOM   1124 C CG  . TYR A 1 145 ? 14.565  -0.232  -4.165  1.00 35.90 ? 145 TYR A CG  1 
ATOM   1125 C CD1 . TYR A 1 145 ? 13.773  -1.211  -4.762  1.00 37.50 ? 145 TYR A CD1 1 
ATOM   1126 C CD2 . TYR A 1 145 ? 14.469  -0.057  -2.786  1.00 37.61 ? 145 TYR A CD2 1 
ATOM   1127 C CE1 . TYR A 1 145 ? 12.908  -1.997  -4.013  1.00 38.34 ? 145 TYR A CE1 1 
ATOM   1128 C CE2 . TYR A 1 145 ? 13.604  -0.846  -2.020  1.00 37.87 ? 145 TYR A CE2 1 
ATOM   1129 C CZ  . TYR A 1 145 ? 12.827  -1.812  -2.647  1.00 38.05 ? 145 TYR A CZ  1 
ATOM   1130 O OH  . TYR A 1 145 ? 11.965  -2.590  -1.910  1.00 38.54 ? 145 TYR A OH  1 
ATOM   1131 N N   . LEU A 1 146 ? 16.563  3.242   -6.470  1.00 33.08 ? 146 LEU A N   1 
ATOM   1132 C CA  . LEU A 1 146 ? 17.557  3.822   -7.364  1.00 31.99 ? 146 LEU A CA  1 
ATOM   1133 C C   . LEU A 1 146 ? 18.234  5.057   -6.777  1.00 31.56 ? 146 LEU A C   1 
ATOM   1134 O O   . LEU A 1 146 ? 19.145  5.610   -7.385  1.00 29.85 ? 146 LEU A O   1 
ATOM   1135 C CB  . LEU A 1 146 ? 16.907  4.176   -8.708  1.00 33.02 ? 146 LEU A CB  1 
ATOM   1136 C CG  . LEU A 1 146 ? 16.257  3.001   -9.449  1.00 34.23 ? 146 LEU A CG  1 
ATOM   1137 C CD1 . LEU A 1 146 ? 15.520  3.508   -10.699 1.00 35.42 ? 146 LEU A CD1 1 
ATOM   1138 C CD2 . LEU A 1 146 ? 17.321  1.989   -9.834  1.00 35.25 ? 146 LEU A CD2 1 
ATOM   1139 N N   . LYS A 1 147 ? 17.789  5.477   -5.595  1.00 31.01 ? 147 LYS A N   1 
ATOM   1140 C CA  . LYS A 1 147 ? 18.350  6.647   -4.915  1.00 30.85 ? 147 LYS A CA  1 
ATOM   1141 C C   . LYS A 1 147 ? 18.789  6.282   -3.491  1.00 29.46 ? 147 LYS A C   1 
ATOM   1142 O O   . LYS A 1 147 ? 18.038  6.453   -2.536  1.00 28.31 ? 147 LYS A O   1 
ATOM   1143 C CB  . LYS A 1 147 ? 17.307  7.769   -4.849  1.00 32.33 ? 147 LYS A CB  1 
ATOM   1144 C CG  . LYS A 1 147 ? 16.840  8.296   -6.203  1.00 37.28 ? 147 LYS A CG  1 
ATOM   1145 C CD  . LYS A 1 147 ? 17.895  9.155   -6.867  1.00 40.32 ? 147 LYS A CD  1 
ATOM   1146 C CE  . LYS A 1 147 ? 17.378  9.762   -8.167  1.00 44.81 ? 147 LYS A CE  1 
ATOM   1147 N NZ  . LYS A 1 147 ? 18.352  10.724  -8.750  1.00 48.33 ? 147 LYS A NZ  1 
ATOM   1148 N N   . PRO A 1 148 ? 20.023  5.783   -3.331  1.00 28.22 ? 148 PRO A N   1 
ATOM   1149 C CA  . PRO A 1 148 ? 20.505  5.407   -1.997  1.00 27.03 ? 148 PRO A CA  1 
ATOM   1150 C C   . PRO A 1 148 ? 20.241  6.467   -0.930  1.00 27.16 ? 148 PRO A C   1 
ATOM   1151 O O   . PRO A 1 148 ? 19.924  6.143   0.220   1.00 24.60 ? 148 PRO A O   1 
ATOM   1152 C CB  . PRO A 1 148 ? 21.996  5.163   -2.227  1.00 26.38 ? 148 PRO A CB  1 
ATOM   1153 C CG  . PRO A 1 148 ? 22.038  4.659   -3.649  1.00 27.97 ? 148 PRO A CG  1 
ATOM   1154 C CD  . PRO A 1 148 ? 21.087  5.630   -4.337  1.00 28.57 ? 148 PRO A CD  1 
ATOM   1155 N N   . GLN A 1 149 ? 20.367  7.733   -1.324  1.00 26.72 ? 149 GLN A N   1 
ATOM   1156 C CA  . GLN A 1 149 ? 20.151  8.860   -0.421  1.00 27.96 ? 149 GLN A CA  1 
ATOM   1157 C C   . GLN A 1 149 ? 18.701  8.963   0.073   1.00 30.49 ? 149 GLN A C   1 
ATOM   1158 O O   . GLN A 1 149 ? 18.403  9.754   0.970   1.00 30.64 ? 149 GLN A O   1 
ATOM   1159 C CB  . GLN A 1 149 ? 20.551  10.174  -1.111  1.00 27.55 ? 149 GLN A CB  1 
ATOM   1160 C CG  . GLN A 1 149 ? 19.721  10.504  -2.363  1.00 28.99 ? 149 GLN A CG  1 
ATOM   1161 C CD  . GLN A 1 149 ? 20.409  10.124  -3.673  1.00 29.22 ? 149 GLN A CD  1 
ATOM   1162 O OE1 . GLN A 1 149 ? 20.599  10.969  -4.553  1.00 31.00 ? 149 GLN A OE1 1 
ATOM   1163 N NE2 . GLN A 1 149 ? 20.775  8.850   -3.812  1.00 26.12 ? 149 GLN A NE2 1 
ATOM   1164 N N   . TRP A 1 150 ? 17.804  8.178   -0.520  1.00 30.48 ? 150 TRP A N   1 
ATOM   1165 C CA  . TRP A 1 150 ? 16.388  8.168   -0.131  1.00 30.23 ? 150 TRP A CA  1 
ATOM   1166 C C   . TRP A 1 150 ? 16.033  6.909   0.655   1.00 30.98 ? 150 TRP A C   1 
ATOM   1167 O O   . TRP A 1 150 ? 14.872  6.695   0.990   1.00 31.06 ? 150 TRP A O   1 
ATOM   1168 C CB  . TRP A 1 150 ? 15.479  8.240   -1.372  1.00 28.96 ? 150 TRP A CB  1 
ATOM   1169 C CG  . TRP A 1 150 ? 15.411  9.592   -2.008  1.00 30.31 ? 150 TRP A CG  1 
ATOM   1170 C CD1 . TRP A 1 150 ? 15.938  10.752  -1.516  1.00 32.75 ? 150 TRP A CD1 1 
ATOM   1171 C CD2 . TRP A 1 150 ? 14.780  9.936   -3.252  1.00 30.74 ? 150 TRP A CD2 1 
ATOM   1172 N NE1 . TRP A 1 150 ? 15.681  11.794  -2.376  1.00 32.22 ? 150 TRP A NE1 1 
ATOM   1173 C CE2 . TRP A 1 150 ? 14.973  11.322  -3.449  1.00 32.79 ? 150 TRP A CE2 1 
ATOM   1174 C CE3 . TRP A 1 150 ? 14.073  9.206   -4.219  1.00 31.10 ? 150 TRP A CE3 1 
ATOM   1175 C CZ2 . TRP A 1 150 ? 14.484  12.001  -4.574  1.00 34.30 ? 150 TRP A CZ2 1 
ATOM   1176 C CZ3 . TRP A 1 150 ? 13.584  9.882   -5.344  1.00 34.49 ? 150 TRP A CZ3 1 
ATOM   1177 C CH2 . TRP A 1 150 ? 13.797  11.269  -5.509  1.00 34.65 ? 150 TRP A CH2 1 
ATOM   1178 N N   . MET A 1 151 ? 17.028  6.073   0.941   1.00 30.50 ? 151 MET A N   1 
ATOM   1179 C CA  . MET A 1 151 ? 16.798  4.826   1.672   1.00 30.20 ? 151 MET A CA  1 
ATOM   1180 C C   . MET A 1 151 ? 17.334  4.872   3.096   1.00 29.64 ? 151 MET A C   1 
ATOM   1181 O O   . MET A 1 151 ? 18.405  5.428   3.349   1.00 28.38 ? 151 MET A O   1 
ATOM   1182 C CB  . MET A 1 151 ? 17.473  3.656   0.954   1.00 29.23 ? 151 MET A CB  1 
ATOM   1183 C CG  . MET A 1 151 ? 16.900  3.306   -0.393  1.00 31.23 ? 151 MET A CG  1 
ATOM   1184 S SD  . MET A 1 151 ? 15.155  2.889   -0.311  1.00 30.30 ? 151 MET A SD  1 
ATOM   1185 C CE  . MET A 1 151 ? 15.199  1.292   0.533   1.00 30.96 ? 151 MET A CE  1 
ATOM   1186 N N   . GLN A 1 152 ? 16.598  4.283   4.029   1.00 28.77 ? 152 GLN A N   1 
ATOM   1187 C CA  . GLN A 1 152 ? 17.086  4.244   5.399   1.00 32.31 ? 152 GLN A CA  1 
ATOM   1188 C C   . GLN A 1 152 ? 18.170  3.162   5.466   1.00 34.70 ? 152 GLN A C   1 
ATOM   1189 O O   . GLN A 1 152 ? 18.356  2.404   4.509   1.00 30.91 ? 152 GLN A O   1 
ATOM   1190 C CB  . GLN A 1 152 ? 15.952  3.931   6.378   1.00 33.54 ? 152 GLN A CB  1 
ATOM   1191 C CG  . GLN A 1 152 ? 14.797  4.919   6.279   1.00 33.05 ? 152 GLN A CG  1 
ATOM   1192 C CD  . GLN A 1 152 ? 13.870  4.867   7.475   1.00 37.59 ? 152 GLN A CD  1 
ATOM   1193 O OE1 . GLN A 1 152 ? 12.698  5.271   7.394   1.00 35.21 ? 152 GLN A OE1 1 
ATOM   1194 N NE2 . GLN A 1 152 ? 14.387  4.380   8.604   1.00 32.28 ? 152 GLN A NE2 1 
ATOM   1195 N N   . ASP A 1 153 ? 18.877  3.110   6.594   1.00 37.72 ? 153 ASP A N   1 
ATOM   1196 C CA  . ASP A 1 153 ? 19.965  2.156   6.837   1.00 41.97 ? 153 ASP A CA  1 
ATOM   1197 C C   . ASP A 1 153 ? 19.657  0.692   6.556   1.00 41.74 ? 153 ASP A C   1 
ATOM   1198 O O   . ASP A 1 153 ? 20.521  -0.047  6.081   1.00 43.98 ? 153 ASP A O   1 
ATOM   1199 C CB  . ASP A 1 153 ? 20.451  2.282   8.289   1.00 46.90 ? 153 ASP A CB  1 
ATOM   1200 C CG  . ASP A 1 153 ? 21.448  3.407   8.478   1.00 50.48 ? 153 ASP A CG  1 
ATOM   1201 O OD1 . ASP A 1 153 ? 21.393  4.386   7.704   1.00 51.70 ? 153 ASP A OD1 1 
ATOM   1202 O OD2 . ASP A 1 153 ? 22.283  3.318   9.408   1.00 53.32 ? 153 ASP A OD2 1 
ATOM   1203 N N   . ASP A 1 154 ? 18.437  0.263   6.854   1.00 40.25 ? 154 ASP A N   1 
ATOM   1204 C CA  . ASP A 1 154 ? 18.073  -1.130  6.630   1.00 38.19 ? 154 ASP A CA  1 
ATOM   1205 C C   . ASP A 1 154 ? 17.960  -1.483  5.152   1.00 38.61 ? 154 ASP A C   1 
ATOM   1206 O O   . ASP A 1 154 ? 17.759  -2.642  4.804   1.00 39.60 ? 154 ASP A O   1 
ATOM   1207 C CB  . ASP A 1 154 ? 16.755  -1.464  7.342   1.00 35.72 ? 154 ASP A CB  1 
ATOM   1208 C CG  . ASP A 1 154 ? 15.604  -0.572  6.903   1.00 34.43 ? 154 ASP A CG  1 
ATOM   1209 O OD1 . ASP A 1 154 ? 15.664  -0.010  5.782   1.00 29.01 ? 154 ASP A OD1 1 
ATOM   1210 O OD2 . ASP A 1 154 ? 14.635  -0.456  7.681   1.00 34.47 ? 154 ASP A OD2 1 
ATOM   1211 N N   . GLY A 1 155 ? 18.091  -0.486  4.279   1.00 37.89 ? 155 GLY A N   1 
ATOM   1212 C CA  . GLY A 1 155 ? 17.984  -0.746  2.854   1.00 36.07 ? 155 GLY A CA  1 
ATOM   1213 C C   . GLY A 1 155 ? 16.619  -1.278  2.462   1.00 37.12 ? 155 GLY A C   1 
ATOM   1214 O O   . GLY A 1 155 ? 16.450  -1.863  1.389   1.00 37.64 ? 155 GLY A O   1 
ATOM   1215 N N   . ILE A 1 156 ? 15.640  -1.073  3.337   1.00 34.69 ? 156 ILE A N   1 
ATOM   1216 C CA  . ILE A 1 156 ? 14.279  -1.531  3.100   1.00 33.99 ? 156 ILE A CA  1 
ATOM   1217 C C   . ILE A 1 156 ? 13.256  -0.395  3.039   1.00 34.14 ? 156 ILE A C   1 
ATOM   1218 O O   . ILE A 1 156 ? 12.446  -0.326  2.110   1.00 34.27 ? 156 ILE A O   1 
ATOM   1219 C CB  . ILE A 1 156 ? 13.828  -2.499  4.208   1.00 34.95 ? 156 ILE A CB  1 
ATOM   1220 C CG1 . ILE A 1 156 ? 14.616  -3.804  4.114   1.00 37.34 ? 156 ILE A CG1 1 
ATOM   1221 C CG2 . ILE A 1 156 ? 12.340  -2.765  4.108   1.00 34.09 ? 156 ILE A CG2 1 
ATOM   1222 C CD1 . ILE A 1 156 ? 14.466  -4.673  5.345   1.00 38.33 ? 156 ILE A CD1 1 
ATOM   1223 N N   . HIS A 1 157 ? 13.284  0.487   4.034   1.00 32.67 ? 157 HIS A N   1 
ATOM   1224 C CA  . HIS A 1 157 ? 12.321  1.584   4.087   1.00 31.97 ? 157 HIS A CA  1 
ATOM   1225 C C   . HIS A 1 157 ? 12.841  2.920   3.574   1.00 30.70 ? 157 HIS A C   1 
ATOM   1226 O O   . HIS A 1 157 ? 14.017  3.235   3.727   1.00 30.13 ? 157 HIS A O   1 
ATOM   1227 C CB  . HIS A 1 157 ? 11.816  1.775   5.523   1.00 33.03 ? 157 HIS A CB  1 
ATOM   1228 C CG  . HIS A 1 157 ? 11.321  0.517   6.165   1.00 35.00 ? 157 HIS A CG  1 
ATOM   1229 N ND1 . HIS A 1 157 ? 12.125  -0.279  6.954   1.00 36.35 ? 157 HIS A ND1 1 
ATOM   1230 C CD2 . HIS A 1 157 ? 10.108  -0.085  6.134   1.00 33.34 ? 157 HIS A CD2 1 
ATOM   1231 C CE1 . HIS A 1 157 ? 11.426  -1.316  7.385   1.00 34.05 ? 157 HIS A CE1 1 
ATOM   1232 N NE2 . HIS A 1 157 ? 10.200  -1.223  6.902   1.00 32.57 ? 157 HIS A NE2 1 
ATOM   1233 N N   . PRO A 1 158 ? 11.964  3.721   2.943   1.00 28.38 ? 158 PRO A N   1 
ATOM   1234 C CA  . PRO A 1 158 ? 12.342  5.036   2.414   1.00 27.37 ? 158 PRO A CA  1 
ATOM   1235 C C   . PRO A 1 158 ? 12.483  6.001   3.590   1.00 27.48 ? 158 PRO A C   1 
ATOM   1236 O O   . PRO A 1 158 ? 11.764  5.866   4.582   1.00 24.99 ? 158 PRO A O   1 
ATOM   1237 C CB  . PRO A 1 158 ? 11.164  5.390   1.505   1.00 30.17 ? 158 PRO A CB  1 
ATOM   1238 C CG  . PRO A 1 158 ? 10.003  4.769   2.232   1.00 29.87 ? 158 PRO A CG  1 
ATOM   1239 C CD  . PRO A 1 158 ? 10.563  3.404   2.608   1.00 28.70 ? 158 PRO A CD  1 
ATOM   1240 N N   . ASN A 1 159 ? 13.402  6.962   3.489   1.00 27.82 ? 159 ASN A N   1 
ATOM   1241 C CA  . ASN A 1 159 ? 13.617  7.918   4.576   1.00 28.46 ? 159 ASN A CA  1 
ATOM   1242 C C   . ASN A 1 159 ? 12.774  9.187   4.449   1.00 30.50 ? 159 ASN A C   1 
ATOM   1243 O O   . ASN A 1 159 ? 11.949  9.307   3.540   1.00 29.54 ? 159 ASN A O   1 
ATOM   1244 C CB  . ASN A 1 159 ? 15.106  8.291   4.688   1.00 27.91 ? 159 ASN A CB  1 
ATOM   1245 C CG  . ASN A 1 159 ? 15.656  8.944   3.429   1.00 27.26 ? 159 ASN A CG  1 
ATOM   1246 O OD1 . ASN A 1 159 ? 14.908  9.459   2.593   1.00 29.15 ? 159 ASN A OD1 1 
ATOM   1247 N ND2 . ASN A 1 159 ? 16.987  8.945   3.300   1.00 24.99 ? 159 ASN A ND2 1 
ATOM   1248 N N   . ARG A 1 160 ? 12.974  10.127  5.370   1.00 30.36 ? 160 ARG A N   1 
ATOM   1249 C CA  . ARG A 1 160 ? 12.220  11.379  5.345   1.00 32.23 ? 160 ARG A CA  1 
ATOM   1250 C C   . ARG A 1 160 ? 12.383  12.123  4.030   1.00 31.38 ? 160 ARG A C   1 
ATOM   1251 O O   . ARG A 1 160 ? 11.398  12.571  3.436   1.00 31.01 ? 160 ARG A O   1 
ATOM   1252 C CB  . ARG A 1 160 ? 12.642  12.293  6.498   1.00 32.34 ? 160 ARG A CB  1 
ATOM   1253 C CG  . ARG A 1 160 ? 12.243  11.786  7.860   1.00 31.44 ? 160 ARG A CG  1 
ATOM   1254 C CD  . ARG A 1 160 ? 12.524  12.826  8.926   1.00 31.92 ? 160 ARG A CD  1 
ATOM   1255 N NE  . ARG A 1 160 ? 11.971  12.420  10.216  1.00 32.13 ? 160 ARG A NE  1 
ATOM   1256 C CZ  . ARG A 1 160 ? 12.576  11.601  11.071  1.00 35.40 ? 160 ARG A CZ  1 
ATOM   1257 N NH1 . ARG A 1 160 ? 13.767  11.092  10.785  1.00 36.00 ? 160 ARG A NH1 1 
ATOM   1258 N NH2 . ARG A 1 160 ? 11.990  11.293  12.215  1.00 34.95 ? 160 ARG A NH2 1 
ATOM   1259 N N   . ASP A 1 161 ? 13.624  12.253  3.569   1.00 32.27 ? 161 ASP A N   1 
ATOM   1260 C CA  . ASP A 1 161 ? 13.899  12.956  2.316   1.00 32.79 ? 161 ASP A CA  1 
ATOM   1261 C C   . ASP A 1 161 ? 13.159  12.374  1.121   1.00 31.41 ? 161 ASP A C   1 
ATOM   1262 O O   . ASP A 1 161 ? 12.905  13.077  0.156   1.00 31.13 ? 161 ASP A O   1 
ATOM   1263 C CB  . ASP A 1 161 ? 15.398  12.947  2.003   1.00 35.68 ? 161 ASP A CB  1 
ATOM   1264 C CG  . ASP A 1 161 ? 16.212  13.771  2.982   1.00 37.03 ? 161 ASP A CG  1 
ATOM   1265 O OD1 . ASP A 1 161 ? 15.625  14.407  3.882   1.00 38.67 ? 161 ASP A OD1 1 
ATOM   1266 O OD2 . ASP A 1 161 ? 17.451  13.785  2.841   1.00 39.35 ? 161 ASP A OD2 1 
ATOM   1267 N N   . ALA A 1 162 ? 12.823  11.089  1.185   1.00 29.44 ? 162 ALA A N   1 
ATOM   1268 C CA  . ALA A 1 162 ? 12.127  10.433  0.086   1.00 27.85 ? 162 ALA A CA  1 
ATOM   1269 C C   . ALA A 1 162 ? 10.638  10.738  0.014   1.00 27.74 ? 162 ALA A C   1 
ATOM   1270 O O   . ALA A 1 162 ? 10.041  10.708  -1.068  1.00 27.39 ? 162 ALA A O   1 
ATOM   1271 C CB  . ALA A 1 162 ? 12.321  8.916   0.184   1.00 28.82 ? 162 ALA A CB  1 
ATOM   1272 N N   . GLN A 1 163 ? 10.032  11.024  1.160   1.00 26.26 ? 163 GLN A N   1 
ATOM   1273 C CA  . GLN A 1 163 ? 8.591   11.246  1.205   1.00 27.40 ? 163 GLN A CA  1 
ATOM   1274 C C   . GLN A 1 163 ? 8.019   12.229  0.187   1.00 27.61 ? 163 GLN A C   1 
ATOM   1275 O O   . GLN A 1 163 ? 7.005   11.937  -0.452  1.00 26.87 ? 163 GLN A O   1 
ATOM   1276 C CB  . GLN A 1 163 ? 8.162   11.624  2.630   1.00 28.46 ? 163 GLN A CB  1 
ATOM   1277 C CG  . GLN A 1 163 ? 8.645   10.645  3.726   1.00 26.78 ? 163 GLN A CG  1 
ATOM   1278 C CD  . GLN A 1 163 ? 8.336   9.175   3.434   1.00 28.67 ? 163 GLN A CD  1 
ATOM   1279 O OE1 . GLN A 1 163 ? 9.247   8.344   3.375   1.00 31.15 ? 163 GLN A OE1 1 
ATOM   1280 N NE2 . GLN A 1 163 ? 7.061   8.850   3.262   1.00 24.14 ? 163 GLN A NE2 1 
ATOM   1281 N N   . PRO A 1 164 ? 8.642   13.406  0.026   1.00 29.16 ? 164 PRO A N   1 
ATOM   1282 C CA  . PRO A 1 164 ? 8.131   14.378  -0.948  1.00 31.34 ? 164 PRO A CA  1 
ATOM   1283 C C   . PRO A 1 164 ? 8.025   13.746  -2.349  1.00 31.81 ? 164 PRO A C   1 
ATOM   1284 O O   . PRO A 1 164 ? 7.002   13.883  -3.024  1.00 29.74 ? 164 PRO A O   1 
ATOM   1285 C CB  . PRO A 1 164 ? 9.163   15.510  -0.880  1.00 30.51 ? 164 PRO A CB  1 
ATOM   1286 C CG  . PRO A 1 164 ? 9.613   15.461  0.555   1.00 31.36 ? 164 PRO A CG  1 
ATOM   1287 C CD  . PRO A 1 164 ? 9.765   13.969  0.799   1.00 29.97 ? 164 PRO A CD  1 
ATOM   1288 N N   . PHE A 1 165 ? 9.078   13.044  -2.771  1.00 29.92 ? 165 PHE A N   1 
ATOM   1289 C CA  . PHE A 1 165 ? 9.095   12.380  -4.080  1.00 30.14 ? 165 PHE A CA  1 
ATOM   1290 C C   . PHE A 1 165 ? 7.968   11.364  -4.192  1.00 28.87 ? 165 PHE A C   1 
ATOM   1291 O O   . PHE A 1 165 ? 7.241   11.332  -5.186  1.00 26.84 ? 165 PHE A O   1 
ATOM   1292 C CB  . PHE A 1 165 ? 10.425  11.648  -4.322  1.00 32.14 ? 165 PHE A CB  1 
ATOM   1293 C CG  . PHE A 1 165 ? 10.396  10.706  -5.511  1.00 36.37 ? 165 PHE A CG  1 
ATOM   1294 C CD1 . PHE A 1 165 ? 10.616  11.176  -6.804  1.00 38.17 ? 165 PHE A CD1 1 
ATOM   1295 C CD2 . PHE A 1 165 ? 10.107  9.352   -5.335  1.00 36.27 ? 165 PHE A CD2 1 
ATOM   1296 C CE1 . PHE A 1 165 ? 10.544  10.315  -7.904  1.00 38.05 ? 165 PHE A CE1 1 
ATOM   1297 C CE2 . PHE A 1 165 ? 10.032  8.484   -6.426  1.00 36.90 ? 165 PHE A CE2 1 
ATOM   1298 C CZ  . PHE A 1 165 ? 10.250  8.967   -7.713  1.00 39.20 ? 165 PHE A CZ  1 
ATOM   1299 N N   . ILE A 1 166 ? 7.836   10.520  -3.175  1.00 26.32 ? 166 ILE A N   1 
ATOM   1300 C CA  . ILE A 1 166 ? 6.800   9.500   -3.182  1.00 26.51 ? 166 ILE A CA  1 
ATOM   1301 C C   . ILE A 1 166 ? 5.418   10.160  -3.254  1.00 26.62 ? 166 ILE A C   1 
ATOM   1302 O O   . ILE A 1 166 ? 4.549   9.699   -3.991  1.00 27.01 ? 166 ILE A O   1 
ATOM   1303 C CB  . ILE A 1 166 ? 6.891   8.595   -1.917  1.00 27.39 ? 166 ILE A CB  1 
ATOM   1304 C CG1 . ILE A 1 166 ? 8.250   7.874   -1.878  1.00 25.46 ? 166 ILE A CG1 1 
ATOM   1305 C CG2 . ILE A 1 166 ? 5.767   7.569   -1.937  1.00 24.47 ? 166 ILE A CG2 1 
ATOM   1306 C CD1 . ILE A 1 166 ? 8.576   7.204   -0.537  1.00 25.72 ? 166 ILE A CD1 1 
ATOM   1307 N N   . ALA A 1 167 ? 5.217   11.248  -2.512  1.00 27.54 ? 167 ALA A N   1 
ATOM   1308 C CA  . ALA A 1 167 ? 3.920   11.937  -2.541  1.00 28.83 ? 167 ALA A CA  1 
ATOM   1309 C C   . ALA A 1 167 ? 3.595   12.388  -3.964  1.00 28.24 ? 167 ALA A C   1 
ATOM   1310 O O   . ALA A 1 167 ? 2.475   12.216  -4.440  1.00 29.70 ? 167 ALA A O   1 
ATOM   1311 C CB  . ALA A 1 167 ? 3.933   13.151  -1.604  1.00 27.00 ? 167 ALA A CB  1 
ATOM   1312 N N   . ASP A 1 168 ? 4.579   12.974  -4.634  1.00 31.30 ? 168 ASP A N   1 
ATOM   1313 C CA  . ASP A 1 168 ? 4.387   13.444  -6.006  1.00 33.03 ? 168 ASP A CA  1 
ATOM   1314 C C   . ASP A 1 168 ? 4.118   12.257  -6.926  1.00 31.94 ? 168 ASP A C   1 
ATOM   1315 O O   . ASP A 1 168 ? 3.195   12.278  -7.746  1.00 30.04 ? 168 ASP A O   1 
ATOM   1316 C CB  . ASP A 1 168 ? 5.622   14.221  -6.468  1.00 36.51 ? 168 ASP A CB  1 
ATOM   1317 C CG  . ASP A 1 168 ? 5.521   14.674  -7.913  1.00 44.76 ? 168 ASP A CG  1 
ATOM   1318 O OD1 . ASP A 1 168 ? 5.819   13.860  -8.815  1.00 47.41 ? 168 ASP A OD1 1 
ATOM   1319 O OD2 . ASP A 1 168 ? 5.132   15.841  -8.148  1.00 48.42 ? 168 ASP A OD2 1 
ATOM   1320 N N   . TRP A 1 169 ? 4.916   11.206  -6.770  1.00 29.49 ? 169 TRP A N   1 
ATOM   1321 C CA  . TRP A 1 169 ? 4.758   9.999   -7.578  1.00 29.33 ? 169 TRP A CA  1 
ATOM   1322 C C   . TRP A 1 169 ? 3.345   9.428   -7.432  1.00 28.64 ? 169 TRP A C   1 
ATOM   1323 O O   . TRP A 1 169 ? 2.696   9.064   -8.421  1.00 27.17 ? 169 TRP A O   1 
ATOM   1324 C CB  . TRP A 1 169 ? 5.779   8.950   -7.129  1.00 31.88 ? 169 TRP A CB  1 
ATOM   1325 C CG  . TRP A 1 169 ? 5.908   7.769   -8.038  1.00 32.49 ? 169 TRP A CG  1 
ATOM   1326 C CD1 . TRP A 1 169 ? 6.794   7.619   -9.071  1.00 34.35 ? 169 TRP A CD1 1 
ATOM   1327 C CD2 . TRP A 1 169 ? 5.167   6.550   -7.964  1.00 32.23 ? 169 TRP A CD2 1 
ATOM   1328 N NE1 . TRP A 1 169 ? 6.654   6.374   -9.636  1.00 34.22 ? 169 TRP A NE1 1 
ATOM   1329 C CE2 . TRP A 1 169 ? 5.662   5.697   -8.976  1.00 34.16 ? 169 TRP A CE2 1 
ATOM   1330 C CE3 . TRP A 1 169 ? 4.130   6.091   -7.136  1.00 32.85 ? 169 TRP A CE3 1 
ATOM   1331 C CZ2 . TRP A 1 169 ? 5.158   4.409   -9.184  1.00 34.52 ? 169 TRP A CZ2 1 
ATOM   1332 C CZ3 . TRP A 1 169 ? 3.628   4.813   -7.341  1.00 32.62 ? 169 TRP A CZ3 1 
ATOM   1333 C CH2 . TRP A 1 169 ? 4.145   3.985   -8.359  1.00 34.42 ? 169 TRP A CH2 1 
ATOM   1334 N N   . MET A 1 170 ? 2.867   9.345   -6.193  1.00 28.09 ? 170 MET A N   1 
ATOM   1335 C CA  . MET A 1 170 ? 1.538   8.808   -5.934  1.00 29.06 ? 170 MET A CA  1 
ATOM   1336 C C   . MET A 1 170 ? 0.448   9.718   -6.501  1.00 29.55 ? 170 MET A C   1 
ATOM   1337 O O   . MET A 1 170 ? -0.546  9.235   -7.046  1.00 28.73 ? 170 MET A O   1 
ATOM   1338 C CB  . MET A 1 170 ? 1.332   8.598   -4.428  1.00 30.28 ? 170 MET A CB  1 
ATOM   1339 C CG  . MET A 1 170 ? 2.114   7.410   -3.839  1.00 31.70 ? 170 MET A CG  1 
ATOM   1340 S SD  . MET A 1 170 ? 1.687   5.808   -4.587  1.00 34.57 ? 170 MET A SD  1 
ATOM   1341 C CE  . MET A 1 170 ? -0.039  5.734   -4.250  1.00 27.31 ? 170 MET A CE  1 
ATOM   1342 N N   . ALA A 1 171 ? 0.632   11.027  -6.367  1.00 30.09 ? 171 ALA A N   1 
ATOM   1343 C CA  . ALA A 1 171 ? -0.338  11.981  -6.896  1.00 32.56 ? 171 ALA A CA  1 
ATOM   1344 C C   . ALA A 1 171 ? -0.520  11.731  -8.395  1.00 32.90 ? 171 ALA A C   1 
ATOM   1345 O O   . ALA A 1 171 ? -1.645  11.647  -8.882  1.00 34.66 ? 171 ALA A O   1 
ATOM   1346 C CB  . ALA A 1 171 ? 0.143   13.412  -6.650  1.00 30.55 ? 171 ALA A CB  1 
ATOM   1347 N N   . LYS A 1 172 ? 0.586   11.595  -9.119  1.00 34.24 ? 172 LYS A N   1 
ATOM   1348 C CA  . LYS A 1 172 ? 0.522   11.358  -10.555 1.00 36.86 ? 172 LYS A CA  1 
ATOM   1349 C C   . LYS A 1 172 ? -0.138  10.022  -10.872 1.00 36.64 ? 172 LYS A C   1 
ATOM   1350 O O   . LYS A 1 172 ? -0.970  9.935   -11.777 1.00 33.11 ? 172 LYS A O   1 
ATOM   1351 C CB  . LYS A 1 172 ? 1.923   11.404  -11.167 1.00 40.37 ? 172 LYS A CB  1 
ATOM   1352 C CG  . LYS A 1 172 ? 2.586   12.770  -11.072 1.00 45.39 ? 172 LYS A CG  1 
ATOM   1353 C CD  . LYS A 1 172 ? 3.952   12.782  -11.739 1.00 48.91 ? 172 LYS A CD  1 
ATOM   1354 C CE  . LYS A 1 172 ? 4.555   14.182  -11.721 1.00 51.87 ? 172 LYS A CE  1 
ATOM   1355 N NZ  . LYS A 1 172 ? 5.854   14.236  -12.459 1.00 55.54 ? 172 LYS A NZ  1 
ATOM   1356 N N   . GLN A 1 173 ? 0.225   8.979   -10.130 1.00 35.29 ? 173 GLN A N   1 
ATOM   1357 C CA  . GLN A 1 173 ? -0.367  7.660   -10.355 1.00 35.41 ? 173 GLN A CA  1 
ATOM   1358 C C   . GLN A 1 173 ? -1.854  7.605   -10.027 1.00 35.25 ? 173 GLN A C   1 
ATOM   1359 O O   . GLN A 1 173 ? -2.629  6.958   -10.731 1.00 34.27 ? 173 GLN A O   1 
ATOM   1360 C CB  . GLN A 1 173 ? 0.351   6.596   -9.522  1.00 34.56 ? 173 GLN A CB  1 
ATOM   1361 C CG  . GLN A 1 173 ? 1.653   6.129   -10.116 1.00 37.96 ? 173 GLN A CG  1 
ATOM   1362 C CD  . GLN A 1 173 ? 1.450   5.125   -11.237 1.00 38.41 ? 173 GLN A CD  1 
ATOM   1363 O OE1 . GLN A 1 173 ? 2.363   4.857   -12.011 1.00 42.35 ? 173 GLN A OE1 1 
ATOM   1364 N NE2 . GLN A 1 173 ? 0.257   4.559   -11.320 1.00 36.98 ? 173 GLN A NE2 1 
ATOM   1365 N N   . LEU A 1 174 ? -2.252  8.283   -8.955  1.00 35.37 ? 174 LEU A N   1 
ATOM   1366 C CA  . LEU A 1 174 ? -3.648  8.269   -8.518  1.00 36.12 ? 174 LEU A CA  1 
ATOM   1367 C C   . LEU A 1 174 ? -4.565  9.243   -9.248  1.00 35.62 ? 174 LEU A C   1 
ATOM   1368 O O   . LEU A 1 174 ? -5.755  8.991   -9.372  1.00 35.76 ? 174 LEU A O   1 
ATOM   1369 C CB  . LEU A 1 174 ? -3.726  8.558   -7.013  1.00 34.21 ? 174 LEU A CB  1 
ATOM   1370 C CG  . LEU A 1 174 ? -3.099  7.537   -6.056  1.00 37.16 ? 174 LEU A CG  1 
ATOM   1371 C CD1 . LEU A 1 174 ? -2.903  8.172   -4.694  1.00 36.32 ? 174 LEU A CD1 1 
ATOM   1372 C CD2 . LEU A 1 174 ? -3.982  6.295   -5.962  1.00 34.56 ? 174 LEU A CD2 1 
ATOM   1373 N N   . GLN A 1 175 ? -4.008  10.355  -9.710  1.00 38.70 ? 175 GLN A N   1 
ATOM   1374 C CA  . GLN A 1 175 ? -4.783  11.385  -10.391 1.00 40.58 ? 175 GLN A CA  1 
ATOM   1375 C C   . GLN A 1 175 ? -5.829  10.843  -11.376 1.00 42.08 ? 175 GLN A C   1 
ATOM   1376 O O   . GLN A 1 175 ? -7.004  11.201  -11.290 1.00 39.64 ? 175 GLN A O   1 
ATOM   1377 C CB  . GLN A 1 175 ? -3.830  12.353  -11.090 1.00 43.98 ? 175 GLN A CB  1 
ATOM   1378 C CG  . GLN A 1 175 ? -4.464  13.656  -11.527 1.00 50.39 ? 175 GLN A CG  1 
ATOM   1379 C CD  . GLN A 1 175 ? -3.442  14.636  -12.080 1.00 54.46 ? 175 GLN A CD  1 
ATOM   1380 O OE1 . GLN A 1 175 ? -2.745  14.340  -13.058 1.00 56.25 ? 175 GLN A OE1 1 
ATOM   1381 N NE2 . GLN A 1 175 ? -3.345  15.810  -11.455 1.00 55.91 ? 175 GLN A NE2 1 
ATOM   1382 N N   . PRO A 1 176 ? -5.421  9.971   -12.317 1.00 42.66 ? 176 PRO A N   1 
ATOM   1383 C CA  . PRO A 1 176 ? -6.376  9.418   -13.284 1.00 44.39 ? 176 PRO A CA  1 
ATOM   1384 C C   . PRO A 1 176 ? -7.422  8.521   -12.622 1.00 45.20 ? 176 PRO A C   1 
ATOM   1385 O O   . PRO A 1 176 ? -8.562  8.432   -13.081 1.00 45.41 ? 176 PRO A O   1 
ATOM   1386 C CB  . PRO A 1 176 ? -5.485  8.628   -14.245 1.00 43.72 ? 176 PRO A CB  1 
ATOM   1387 C CG  . PRO A 1 176 ? -4.158  9.313   -14.134 1.00 45.63 ? 176 PRO A CG  1 
ATOM   1388 C CD  . PRO A 1 176 ? -4.050  9.551   -12.650 1.00 43.35 ? 176 PRO A CD  1 
ATOM   1389 N N   . LEU A 1 177 ? -7.027  7.867   -11.535 1.00 45.87 ? 177 LEU A N   1 
ATOM   1390 C CA  . LEU A 1 177 ? -7.910  6.953   -10.817 1.00 48.01 ? 177 LEU A CA  1 
ATOM   1391 C C   . LEU A 1 177 ? -8.936  7.671   -9.950  1.00 50.47 ? 177 LEU A C   1 
ATOM   1392 O O   . LEU A 1 177 ? -10.078 7.229   -9.836  1.00 50.93 ? 177 LEU A O   1 
ATOM   1393 C CB  . LEU A 1 177 ? -7.075  6.004   -9.954  1.00 48.30 ? 177 LEU A CB  1 
ATOM   1394 C CG  . LEU A 1 177 ? -5.975  5.241   -10.697 1.00 47.99 ? 177 LEU A CG  1 
ATOM   1395 C CD1 . LEU A 1 177 ? -5.190  4.385   -9.718  1.00 47.97 ? 177 LEU A CD1 1 
ATOM   1396 C CD2 . LEU A 1 177 ? -6.596  4.378   -11.783 1.00 47.98 ? 177 LEU A CD2 1 
ATOM   1397 N N   . VAL A 1 178 ? -8.523  8.768   -9.324  1.00 52.52 ? 178 VAL A N   1 
ATOM   1398 C CA  . VAL A 1 178 ? -9.426  9.543   -8.484  1.00 55.42 ? 178 VAL A CA  1 
ATOM   1399 C C   . VAL A 1 178 ? -10.084 10.589  -9.373  1.00 59.02 ? 178 VAL A C   1 
ATOM   1400 O O   . VAL A 1 178 ? -10.665 11.564  -8.897  1.00 59.61 ? 178 VAL A O   1 
ATOM   1401 C CB  . VAL A 1 178 ? -8.668  10.239  -7.337  1.00 54.12 ? 178 VAL A CB  1 
ATOM   1402 C CG1 . VAL A 1 178 ? -7.995  9.200   -6.467  1.00 51.98 ? 178 VAL A CG1 1 
ATOM   1403 C CG2 . VAL A 1 178 ? -7.645  11.215  -7.897  1.00 52.15 ? 178 VAL A CG2 1 
ATOM   1404 N N   . ASN A 1 179 ? -9.970  10.361  -10.677 1.00 62.98 ? 179 ASN A N   1 
ATOM   1405 C CA  . ASN A 1 179 ? -10.536 11.231  -11.700 1.00 65.85 ? 179 ASN A CA  1 
ATOM   1406 C C   . ASN A 1 179 ? -9.830  12.582  -11.730 1.00 66.51 ? 179 ASN A C   1 
ATOM   1407 O O   . ASN A 1 179 ? -9.225  12.896  -12.778 1.00 67.34 ? 179 ASN A O   1 
ATOM   1408 C CB  . ASN A 1 179 ? -12.035 11.420  -11.458 1.00 68.11 ? 179 ASN A CB  1 
ATOM   1409 C CG  . ASN A 1 179 ? -12.755 11.963  -12.670 1.00 69.95 ? 179 ASN A CG  1 
ATOM   1410 O OD1 . ASN A 1 179 ? -13.970 12.164  -12.644 1.00 71.17 ? 179 ASN A OD1 1 
ATOM   1411 N ND2 . ASN A 1 179 ? -12.009 12.206  -13.745 1.00 70.69 ? 179 ASN A ND2 1 
ATOM   1412 C CG  . HIS A 1 180 ? -7.138  15.071  -7.804  1.00 61.53 ? 180 HIS A CG  1 
ATOM   1413 N ND1 . HIS A 1 180 ? -6.750  16.359  -7.510  1.00 61.12 ? 180 HIS A ND1 1 
ATOM   1414 C CD2 . HIS A 1 180 ? -7.901  14.659  -6.760  1.00 61.31 ? 180 HIS A CD2 1 
ATOM   1415 C CE1 . HIS A 1 180 ? -7.255  16.716  -6.336  1.00 61.99 ? 180 HIS A CE1 1 
ATOM   1416 N NE2 . HIS A 1 180 ? -7.955  15.703  -5.864  1.00 60.75 ? 180 HIS A NE2 1 
HETATM 1417 S S   . SO4 B 2 .   ? 9.315   13.822  12.103  1.00 30.05 ? 501 SO4 A S   1 
HETATM 1418 O O1  . SO4 B 2 .   ? 9.299   12.365  12.338  1.00 29.21 ? 501 SO4 A O1  1 
HETATM 1419 O O2  . SO4 B 2 .   ? 7.930   14.340  12.128  1.00 32.41 ? 501 SO4 A O2  1 
HETATM 1420 O O3  . SO4 B 2 .   ? 9.918   14.103  10.804  1.00 29.40 ? 501 SO4 A O3  1 
HETATM 1421 O O4  . SO4 B 2 .   ? 10.082  14.476  13.176  1.00 32.00 ? 501 SO4 A O4  1 
HETATM 1422 C C1  . GOL C 3 .   ? 7.066   -3.912  3.155   1.00 56.97 ? 301 GOL A C1  1 
HETATM 1423 O O1  . GOL C 3 .   ? 6.688   -3.302  4.627   1.00 58.32 ? 301 GOL A O1  1 
HETATM 1424 C C2  . GOL C 3 .   ? 8.387   -4.551  2.589   1.00 56.83 ? 301 GOL A C2  1 
HETATM 1425 O O2  . GOL C 3 .   ? 9.512   -3.963  3.278   1.00 59.22 ? 301 GOL A O2  1 
HETATM 1426 C C3  . GOL C 3 .   ? 8.535   -4.292  1.054   1.00 56.29 ? 301 GOL A C3  1 
HETATM 1427 O O3  . GOL C 3 .   ? 9.855   -4.622  0.607   1.00 54.89 ? 301 GOL A O3  1 
HETATM 1428 O O   . HOH D 4 .   ? 3.541   -4.190  1.819   1.00 30.16 ? 502 HOH A O   1 
HETATM 1429 O O   . HOH D 4 .   ? 7.213   5.975   4.140   1.00 24.65 ? 503 HOH A O   1 
HETATM 1430 O O   . HOH D 4 .   ? 2.590   -5.868  4.992   1.00 33.96 ? 504 HOH A O   1 
HETATM 1431 O O   . HOH D 4 .   ? 3.057   2.829   12.851  1.00 32.91 ? 505 HOH A O   1 
HETATM 1432 O O   . HOH D 4 .   ? -4.541  10.519  7.738   1.00 30.93 ? 506 HOH A O   1 
HETATM 1433 O O   . HOH D 4 .   ? -0.723  -4.207  -1.766  1.00 30.34 ? 507 HOH A O   1 
HETATM 1434 O O   . HOH D 4 .   ? 9.259   4.985   5.704   1.00 32.25 ? 508 HOH A O   1 
HETATM 1435 O O   . HOH D 4 .   ? 0.523   10.196  7.104   1.00 34.77 ? 509 HOH A O   1 
HETATM 1436 O O   . HOH D 4 .   ? -2.975  -8.139  -13.853 1.00 44.38 ? 510 HOH A O   1 
HETATM 1437 O O   . HOH D 4 .   ? 3.921   8.241   -11.032 1.00 33.92 ? 511 HOH A O   1 
HETATM 1438 O O   . HOH D 4 .   ? 6.099   -2.433  -9.810  1.00 31.74 ? 512 HOH A O   1 
HETATM 1439 O O   . HOH D 4 .   ? 14.067  -0.651  -8.846  1.00 36.29 ? 513 HOH A O   1 
HETATM 1440 O O   . HOH D 4 .   ? 9.201   13.815  5.308   1.00 39.38 ? 514 HOH A O   1 
HETATM 1441 O O   . HOH D 4 .   ? 16.032  11.702  5.388   1.00 35.10 ? 515 HOH A O   1 
HETATM 1442 O O   . HOH D 4 .   ? 13.029  9.404   13.928  1.00 38.15 ? 516 HOH A O   1 
HETATM 1443 O O   . HOH D 4 .   ? -4.803  -5.489  13.239  1.00 35.01 ? 517 HOH A O   1 
HETATM 1444 O O   . HOH D 4 .   ? 18.618  7.907   5.686   1.00 39.38 ? 518 HOH A O   1 
HETATM 1445 O O   . HOH D 4 .   ? 11.102  -2.050  0.319   1.00 43.32 ? 519 HOH A O   1 
HETATM 1446 O O   . HOH D 4 .   ? 2.718   -4.711  -11.458 1.00 40.86 ? 520 HOH A O   1 
HETATM 1447 O O   . HOH D 4 .   ? -2.312  -4.119  13.847  1.00 43.00 ? 521 HOH A O   1 
HETATM 1448 O O   . HOH D 4 .   ? -0.260  -11.573 11.449  1.00 44.48 ? 522 HOH A O   1 
HETATM 1449 O O   . HOH D 4 .   ? 14.576  8.898   7.888   1.00 45.11 ? 523 HOH A O   1 
HETATM 1450 O O   . HOH D 4 .   ? 18.444  5.172   8.519   1.00 42.84 ? 524 HOH A O   1 
HETATM 1451 O O   . HOH D 4 .   ? 1.549   -1.983  -12.071 1.00 32.67 ? 525 HOH A O   1 
HETATM 1452 O O   . HOH D 4 .   ? 1.445   -3.659  13.199  1.00 39.06 ? 526 HOH A O   1 
HETATM 1453 O O   . HOH D 4 .   ? -6.287  -13.877 -12.173 1.00 50.50 ? 527 HOH A O   1 
HETATM 1454 O O   . HOH D 4 .   ? -9.107  6.059   11.106  1.00 38.63 ? 528 HOH A O   1 
HETATM 1455 O O   . HOH D 4 .   ? -15.883 9.358   0.057   1.00 41.27 ? 529 HOH A O   1 
HETATM 1456 O O   . HOH D 4 .   ? 13.132  15.728  0.536   1.00 41.81 ? 530 HOH A O   1 
HETATM 1457 O O   . HOH D 4 .   ? 12.197  15.923  12.189  1.00 33.78 ? 531 HOH A O   1 
HETATM 1458 O O   . HOH D 4 .   ? -2.288  16.303  6.218   1.00 45.12 ? 532 HOH A O   1 
HETATM 1459 O O   . HOH D 4 .   ? 5.956   -2.559  7.027   1.00 54.42 ? 533 HOH A O   1 
HETATM 1460 O O   . HOH D 4 .   ? 11.104  -3.394  12.840  1.00 55.65 ? 534 HOH A O   1 
HETATM 1461 O O   . HOH D 4 .   ? -12.330 -3.574  12.227  1.00 41.63 ? 535 HOH A O   1 
HETATM 1462 O O   . HOH D 4 .   ? 5.937   -7.680  10.761  1.00 48.46 ? 536 HOH A O   1 
HETATM 1463 O O   . HOH D 4 .   ? 17.465  -2.096  -1.120  1.00 45.08 ? 537 HOH A O   1 
HETATM 1464 O O   . HOH D 4 .   ? 14.420  7.395   -9.006  1.00 38.50 ? 538 HOH A O   1 
HETATM 1465 O O   . HOH D 4 .   ? 3.317   18.735  0.632   1.00 51.47 ? 539 HOH A O   1 
HETATM 1466 O O   . HOH D 4 .   ? 18.551  13.191  0.216   1.00 42.18 ? 540 HOH A O   1 
HETATM 1467 O O   . HOH D 4 .   ? 1.843   3.049   -14.272 1.00 45.41 ? 541 HOH A O   1 
HETATM 1468 O O   . HOH D 4 .   ? 15.991  11.044  8.445   1.00 47.95 ? 542 HOH A O   1 
HETATM 1469 O O   . HOH D 4 .   ? -16.003 2.228   12.941  1.00 54.72 ? 543 HOH A O   1 
HETATM 1470 O O   . HOH D 4 .   ? 7.556   -4.817  -8.580  1.00 54.04 ? 544 HOH A O   1 
HETATM 1471 O O   . HOH D 4 .   ? 16.624  3.262   10.066  1.00 47.89 ? 545 HOH A O   1 
HETATM 1472 O O   . HOH D 4 .   ? -17.613 -4.634  3.247   1.00 43.57 ? 546 HOH A O   1 
HETATM 1473 O O   . HOH D 4 .   ? 9.030   16.357  8.594   1.00 43.66 ? 547 HOH A O   1 
HETATM 1474 O O   . HOH D 4 .   ? 7.862   12.129  -7.977  1.00 49.00 ? 548 HOH A O   1 
HETATM 1475 O O   . HOH D 4 .   ? -1.659  5.650   -12.794 1.00 42.09 ? 549 HOH A O   1 
HETATM 1476 O O   . HOH D 4 .   ? 19.578  13.689  -4.202  1.00 41.53 ? 550 HOH A O   1 
HETATM 1477 O O   . HOH D 4 .   ? 9.901   -12.209 3.261   1.00 56.54 ? 551 HOH A O   1 
HETATM 1478 O O   . HOH D 4 .   ? -7.622  -8.005  16.093  1.00 75.97 ? 552 HOH A O   1 
HETATM 1479 O O   . HOH D 4 .   ? -1.855  11.549  7.492   1.00 41.95 ? 553 HOH A O   1 
HETATM 1480 O O   . HOH D 4 .   ? 1.292   7.748   9.508   1.00 61.47 ? 554 HOH A O   1 
HETATM 1481 O O   . HOH D 4 .   ? 1.735   -5.931  -13.886 1.00 42.38 ? 555 HOH A O   1 
HETATM 1482 O O   . HOH D 4 .   ? -10.422 -14.367 3.684   1.00 66.60 ? 556 HOH A O   1 
HETATM 1483 O O   . HOH D 4 .   ? 21.182  13.788  -0.437  1.00 37.15 ? 557 HOH A O   1 
HETATM 1484 O O   . HOH D 4 .   ? 5.711   -16.438 2.622   1.00 44.79 ? 558 HOH A O   1 
HETATM 1485 O O   . HOH D 4 .   ? 8.067   -2.727  8.366   1.00 52.91 ? 559 HOH A O   1 
HETATM 1486 O O   . HOH D 4 .   ? 2.263   16.826  7.432   1.00 44.23 ? 560 HOH A O   1 
HETATM 1487 O O   . HOH D 4 .   ? 12.796  -5.591  -1.890  1.00 72.69 ? 561 HOH A O   1 
HETATM 1488 O O   . HOH D 4 .   ? 2.961   -6.120  14.517  1.00 52.21 ? 562 HOH A O   1 
HETATM 1489 O O   . HOH D 4 .   ? 4.085   -14.092 6.792   1.00 55.17 ? 563 HOH A O   1 
HETATM 1490 O O   . HOH D 4 .   ? 8.188   5.486   -11.714 1.00 56.81 ? 564 HOH A O   1 
HETATM 1491 O O   . HOH D 4 .   ? -2.852  11.247  5.279   1.00 43.62 ? 565 HOH A O   1 
HETATM 1492 O O   . HOH D 4 .   ? 13.579  9.956   -9.410  1.00 46.46 ? 566 HOH A O   1 
HETATM 1493 O O   . HOH D 4 .   ? 3.159   -17.482 -5.947  1.00 55.49 ? 567 HOH A O   1 
HETATM 1494 O O   . HOH D 4 .   ? 15.202  -9.865  2.594   1.00 70.29 ? 568 HOH A O   1 
HETATM 1495 O O   . HOH D 4 .   ? 10.344  -9.958  4.586   1.00 57.04 ? 569 HOH A O   1 
HETATM 1496 O O   . HOH D 4 .   ? 5.073   -4.000  -11.687 1.00 46.16 ? 570 HOH A O   1 
HETATM 1497 O O   . HOH D 4 .   ? 7.186   -7.161  -9.361  1.00 57.28 ? 571 HOH A O   1 
HETATM 1498 O O   . HOH D 4 .   ? 14.776  -2.142  10.107  1.00 55.91 ? 572 HOH A O   1 
HETATM 1499 O O   . HOH D 4 .   ? 1.053   -2.783  15.925  1.00 42.77 ? 573 HOH A O   1 
HETATM 1500 O O   . HOH D 4 .   ? 5.291   4.464   12.034  1.00 58.79 ? 574 HOH A O   1 
HETATM 1501 O O   . HOH D 4 .   ? -7.430  -4.696  15.154  1.00 45.36 ? 575 HOH A O   1 
HETATM 1502 O O   . HOH D 4 .   ? 7.790   -0.407  -11.378 1.00 46.19 ? 576 HOH A O   1 
HETATM 1503 O O   . HOH D 4 .   ? -16.390 -4.618  5.688   1.00 47.87 ? 577 HOH A O   1 
HETATM 1504 O O   . HOH D 4 .   ? 1.638   11.552  13.111  1.00 44.41 ? 578 HOH A O   1 
HETATM 1505 O O   . HOH D 4 .   ? 16.418  -3.352  -3.334  1.00 49.51 ? 579 HOH A O   1 
HETATM 1506 O O   . HOH D 4 .   ? -0.064  5.732   11.240  1.00 42.82 ? 580 HOH A O   1 
HETATM 1507 O O   . HOH D 4 .   ? -7.328  13.108  7.211   1.00 60.24 ? 581 HOH A O   1 
HETATM 1508 O O   . HOH D 4 .   ? -2.115  5.529   -15.309 1.00 45.52 ? 582 HOH A O   1 
HETATM 1509 O O   . HOH D 4 .   ? 16.583  -18.369 -4.515  1.00 60.53 ? 583 HOH A O   1 
HETATM 1510 O O   . HOH D 4 .   ? 2.784   5.012   -15.679 1.00 51.44 ? 584 HOH A O   1 
HETATM 1511 O O   . HOH D 4 .   ? 8.388   10.773  -11.068 1.00 52.47 ? 585 HOH A O   1 
HETATM 1512 O O   . HOH D 4 .   ? 5.343   17.388  -0.677  1.00 57.43 ? 586 HOH A O   1 
HETATM 1513 O O   . HOH D 4 .   ? 21.572  7.176   3.245   1.00 48.19 ? 587 HOH A O   1 
HETATM 1514 O O   . HOH D 4 .   ? 6.718   -10.742 11.615  1.00 95.27 ? 588 HOH A O   1 
HETATM 1515 O O   . HOH D 4 .   ? -12.914 10.235  7.287   1.00 53.65 ? 589 HOH A O   1 
HETATM 1516 O O   . HOH D 4 .   ? -10.257 8.119   12.732  1.00 50.62 ? 590 HOH A O   1 
HETATM 1517 O O   . HOH D 4 .   ? 13.885  16.331  7.808   1.00 53.13 ? 591 HOH A O   1 
HETATM 1518 O O   . HOH D 4 .   ? -4.808  -10.530 13.030  1.00 50.25 ? 592 HOH A O   1 
HETATM 1519 O O   . HOH D 4 .   ? -8.590  -13.996 -19.414 1.00 62.90 ? 593 HOH A O   1 
HETATM 1520 O O   . HOH D 4 .   ? 15.445  7.869   11.542  1.00 54.66 ? 594 HOH A O   1 
HETATM 1521 O O   . HOH D 4 .   ? -5.049  -8.036  14.801  1.00 49.35 ? 595 HOH A O   1 
HETATM 1522 O O   . HOH D 4 .   ? -11.482 -13.554 8.030   1.00 78.54 ? 596 HOH A O   1 
HETATM 1523 O O   . HOH D 4 .   ? -2.151  -13.631 5.567   1.00 52.80 ? 597 HOH A O   1 
HETATM 1524 O O   . HOH D 4 .   ? -6.743  -17.011 9.643   1.00 69.00 ? 598 HOH A O   1 
HETATM 1525 O O   . HOH D 4 .   ? -12.761 -17.237 -2.374  1.00 54.82 ? 599 HOH A O   1 
HETATM 1526 O O   . HOH D 4 .   ? 7.514   3.275   12.858  1.00 50.18 ? 600 HOH A O   1 
HETATM 1527 O O   . HOH D 4 .   ? -17.344 -0.268  13.568  1.00 53.72 ? 601 HOH A O   1 
HETATM 1528 O O   . HOH D 4 .   ? -17.098 11.642  -0.312  1.00 68.36 ? 602 HOH A O   1 
HETATM 1529 O O   . HOH D 4 .   ? -1.871  16.327  -8.385  1.00 53.43 ? 603 HOH A O   1 
HETATM 1530 O O   . HOH D 4 .   ? 16.867  14.946  -1.755  1.00 69.40 ? 604 HOH A O   1 
HETATM 1531 O O   . HOH D 4 .   ? -5.361  21.803  -1.316  1.00 64.05 ? 605 HOH A O   1 
HETATM 1532 O O   . HOH D 4 .   ? 0.795   -16.975 -6.982  1.00 57.20 ? 606 HOH A O   1 
HETATM 1533 O O   . HOH D 4 .   ? -7.753  -20.114 -5.563  1.00 63.67 ? 607 HOH A O   1 
HETATM 1534 O O   . HOH D 4 .   ? -13.215 7.926   -9.488  1.00 54.15 ? 608 HOH A O   1 
HETATM 1535 O O   . HOH D 4 .   ? -1.035  -4.456  16.450  1.00 68.60 ? 609 HOH A O   1 
HETATM 1536 O O   . HOH D 4 .   ? 1.407   -21.900 4.188   1.00 60.88 ? 610 HOH A O   1 
HETATM 1537 O O   . HOH D 4 .   ? -3.276  -15.299 -13.498 1.00 54.58 ? 611 HOH A O   1 
HETATM 1538 O O   . HOH D 4 .   ? 16.445  7.638   -10.512 1.00 47.04 ? 612 HOH A O   1 
HETATM 1539 O O   . HOH D 4 .   ? -1.781  -12.435 -13.516 1.00 55.17 ? 613 HOH A O   1 
HETATM 1540 O O   . HOH D 4 .   ? -19.571 7.514   8.427   1.00 57.61 ? 614 HOH A O   1 
HETATM 1541 O O   . HOH D 4 .   ? 3.946   -23.360 5.206   1.00 59.59 ? 615 HOH A O   1 
HETATM 1542 O O   . HOH D 4 .   ? -3.558  22.786  -2.784  1.00 70.04 ? 616 HOH A O   1 
HETATM 1543 O O   . HOH D 4 .   ? 15.908  -3.728  -5.926  1.00 60.03 ? 617 HOH A O   1 
HETATM 1544 O O   . HOH D 4 .   ? -5.235  -20.074 1.058   1.00 47.02 ? 618 HOH A O   1 
HETATM 1545 O O   . HOH D 4 .   ? -8.585  -6.470  -16.012 1.00 54.47 ? 619 HOH A O   1 
HETATM 1546 O O   . HOH D 4 .   ? -15.686 9.879   -12.576 1.00 54.50 ? 620 HOH A O   1 
HETATM 1547 O O   . HOH D 4 .   ? -13.465 7.334   -14.496 1.00 62.38 ? 621 HOH A O   1 
HETATM 1548 O O   . HOH D 4 .   ? -18.262 -2.498  7.209   1.00 57.18 ? 622 HOH A O   1 
HETATM 1549 O O   . HOH D 4 .   ? 19.868  -3.453  9.146   1.00 58.46 ? 623 HOH A O   1 
HETATM 1550 O O   . HOH D 4 .   ? 1.116   -13.553 -12.368 1.00 62.80 ? 624 HOH A O   1 
HETATM 1551 O O   . HOH D 4 .   ? 11.155  0.622   14.720  1.00 60.15 ? 625 HOH A O   1 
HETATM 1552 O O   . HOH D 4 .   ? 14.732  15.212  11.693  1.00 53.38 ? 626 HOH A O   1 
HETATM 1553 O O   . HOH D 4 .   ? 9.437   14.892  -7.739  1.00 54.26 ? 627 HOH A O   1 
HETATM 1554 O O   . HOH D 4 .   ? 20.547  11.083  3.338   1.00 51.84 ? 628 HOH A O   1 
HETATM 1555 O O   . HOH D 4 .   ? 5.048   -11.653 -11.399 1.00 61.22 ? 629 HOH A O   1 
HETATM 1556 O O   . HOH D 4 .   ? 3.110   -18.198 12.270  1.00 59.45 ? 630 HOH A O   1 
HETATM 1557 O O   . HOH D 4 .   ? 16.789  3.831   12.731  1.00 63.35 ? 631 HOH A O   1 
HETATM 1558 O O   . HOH D 4 .   ? -2.381  -7.737  15.969  1.00 58.01 ? 632 HOH A O   1 
HETATM 1559 O O   . HOH D 4 .   ? 2.537   8.148   -13.706 1.00 47.04 ? 633 HOH A O   1 
HETATM 1560 O O   . HOH D 4 .   ? 12.134  -10.029 -5.687  1.00 65.58 ? 634 HOH A O   1 
HETATM 1561 O O   . HOH D 4 .   ? -11.464 12.300  6.412   1.00 65.52 ? 635 HOH A O   1 
HETATM 1562 O O   . HOH D 4 .   ? 10.403  15.819  7.239   1.00 67.07 ? 636 HOH A O   1 
HETATM 1563 O O   . HOH D 4 .   ? -2.063  10.493  9.751   1.00 45.10 ? 637 HOH A O   1 
HETATM 1564 O O   . HOH D 4 .   ? 9.093   -9.592  -9.218  1.00 74.60 ? 638 HOH A O   1 
HETATM 1565 O O   . HOH D 4 .   ? 2.564   16.753  -3.034  1.00 66.96 ? 639 HOH A O   1 
HETATM 1566 O O   . HOH D 4 .   ? -13.147 -11.120 6.283   1.00 65.05 ? 640 HOH A O   1 
HETATM 1567 O O   . HOH D 4 .   ? 18.005  -5.312  6.882   1.00 61.20 ? 641 HOH A O   1 
HETATM 1568 O O   . HOH D 4 .   ? -13.233 -6.112  15.020  1.00 61.91 ? 642 HOH A O   1 
HETATM 1569 O O   . HOH D 4 .   ? -11.879 -8.739  9.360   1.00 48.72 ? 643 HOH A O   1 
HETATM 1570 O O   . HOH D 4 .   ? -15.154 -7.322  12.796  1.00 54.46 ? 644 HOH A O   1 
HETATM 1571 O O   . HOH D 4 .   ? 16.181  -1.484  -8.199  1.00 46.94 ? 645 HOH A O   1 
HETATM 1572 O O   . HOH D 4 .   ? -2.546  18.716  -12.167 1.00 65.00 ? 646 HOH A O   1 
HETATM 1573 O O   . HOH D 4 .   ? 2.635   6.339   12.052  1.00 44.04 ? 647 HOH A O   1 
HETATM 1574 O O   . HOH D 4 .   ? 8.260   -6.286  11.219  1.00 66.12 ? 648 HOH A O   1 
# 
loop_
_pdbx_poly_seq_scheme.asym_id 
_pdbx_poly_seq_scheme.entity_id 
_pdbx_poly_seq_scheme.seq_id 
_pdbx_poly_seq_scheme.mon_id 
_pdbx_poly_seq_scheme.ndb_seq_num 
_pdbx_poly_seq_scheme.pdb_seq_num 
_pdbx_poly_seq_scheme.auth_seq_num 
_pdbx_poly_seq_scheme.pdb_mon_id 
_pdbx_poly_seq_scheme.auth_mon_id 
_pdbx_poly_seq_scheme.pdb_strand_id 
_pdbx_poly_seq_scheme.pdb_ins_code 
_pdbx_poly_seq_scheme.hetero 
A 1 1   ALA 1   1   1   ALA ALA A . n 
A 1 2   ASP 2   2   2   ASP ASP A . n 
A 1 3   THR 3   3   3   THR THR A . n 
A 1 4   LEU 4   4   4   LEU LEU A . n 
A 1 5   LEU 5   5   5   LEU LEU A . n 
A 1 6   ILE 6   6   6   ILE ILE A . n 
A 1 7   LEU 7   7   7   LEU LEU A . n 
A 1 8   GLY 8   8   8   GLY GLY A . n 
A 1 9   ASP 9   9   9   ASP ASP A . n 
A 1 10  SER 10  10  10  SER SER A . n 
A 1 11  LEU 11  11  11  LEU LEU A . n 
A 1 12  SER 12  12  12  SER SER A . n 
A 1 13  ALA 13  13  13  ALA ALA A . n 
A 1 14  GLY 14  14  14  GLY GLY A . n 
A 1 15  TYR 15  15  15  TYR TYR A . n 
A 1 16  ARG 16  16  16  ARG ARG A . n 
A 1 17  MET 17  17  17  MET MET A . n 
A 1 18  SER 18  18  18  SER SER A . n 
A 1 19  ALA 19  19  19  ALA ALA A . n 
A 1 20  SER 20  20  20  SER SER A . n 
A 1 21  ALA 21  21  21  ALA ALA A . n 
A 1 22  ALA 22  22  22  ALA ALA A . n 
A 1 23  TRP 23  23  23  TRP TRP A . n 
A 1 24  PRO 24  24  24  PRO PRO A . n 
A 1 25  ALA 25  25  25  ALA ALA A . n 
A 1 26  LEU 26  26  26  LEU LEU A . n 
A 1 27  LEU 27  27  27  LEU LEU A . n 
A 1 28  ASN 28  28  28  ASN ASN A . n 
A 1 29  ASP 29  29  29  ASP ASP A . n 
A 1 30  LYS 30  30  30  LYS LYS A . n 
A 1 31  TRP 31  31  31  TRP TRP A . n 
A 1 32  GLN 32  32  ?   ?   ?   A . n 
A 1 33  SER 33  33  33  SER SER A . n 
A 1 34  LYS 34  34  34  LYS LYS A . n 
A 1 35  THR 35  35  35  THR THR A . n 
A 1 36  SER 36  36  36  SER SER A . n 
A 1 37  VAL 37  37  37  VAL VAL A . n 
A 1 38  VAL 38  38  38  VAL VAL A . n 
A 1 39  ASN 39  39  39  ASN ASN A . n 
A 1 40  ALA 40  40  40  ALA ALA A . n 
A 1 41  SER 41  41  41  SER SER A . n 
A 1 42  ILE 42  42  42  ILE ILE A . n 
A 1 43  SER 43  43  43  SER SER A . n 
A 1 44  GLY 44  44  44  GLY GLY A . n 
A 1 45  ASP 45  45  45  ASP ASP A . n 
A 1 46  THR 46  46  46  THR THR A . n 
A 1 47  SER 47  47  47  SER SER A . n 
A 1 48  GLN 48  48  48  GLN GLN A . n 
A 1 49  GLN 49  49  49  GLN GLN A . n 
A 1 50  GLY 50  50  50  GLY GLY A . n 
A 1 51  LEU 51  51  51  LEU LEU A . n 
A 1 52  ALA 52  52  52  ALA ALA A . n 
A 1 53  ARG 53  53  53  ARG ARG A . n 
A 1 54  LEU 54  54  54  LEU LEU A . n 
A 1 55  PRO 55  55  55  PRO PRO A . n 
A 1 56  ALA 56  56  56  ALA ALA A . n 
A 1 57  LEU 57  57  57  LEU LEU A . n 
A 1 58  LEU 58  58  58  LEU LEU A . n 
A 1 59  LYS 59  59  59  LYS LYS A . n 
A 1 60  GLN 60  60  60  GLN GLN A . n 
A 1 61  HIS 61  61  61  HIS HIS A . n 
A 1 62  GLN 62  62  62  GLN GLN A . n 
A 1 63  PRO 63  63  63  PRO PRO A . n 
A 1 64  ARG 64  64  64  ARG ARG A . n 
A 1 65  TRP 65  65  65  TRP TRP A . n 
A 1 66  VAL 66  66  66  VAL VAL A . n 
A 1 67  LEU 67  67  67  LEU LEU A . n 
A 1 68  VAL 68  68  68  VAL VAL A . n 
A 1 69  GLU 69  69  69  GLU GLU A . n 
A 1 70  LEU 70  70  70  LEU LEU A . n 
A 1 71  GLY 71  71  71  GLY GLY A . n 
A 1 72  GLY 72  72  72  GLY GLY A . n 
A 1 73  ASN 73  73  73  ASN ASN A . n 
A 1 74  ASP 74  74  74  ASP ASP A . n 
A 1 75  GLY 75  75  75  GLY GLY A . n 
A 1 76  LEU 76  76  76  LEU LEU A . n 
A 1 77  ARG 77  77  77  ARG ARG A . n 
A 1 78  GLY 78  78  78  GLY GLY A . n 
A 1 79  PHE 79  79  79  PHE PHE A . n 
A 1 80  GLN 80  80  80  GLN GLN A . n 
A 1 81  PRO 81  81  81  PRO PRO A . n 
A 1 82  GLN 82  82  82  GLN GLN A . n 
A 1 83  GLN 83  83  83  GLN GLN A . n 
A 1 84  THR 84  84  84  THR THR A . n 
A 1 85  GLU 85  85  85  GLU GLU A . n 
A 1 86  GLN 86  86  86  GLN GLN A . n 
A 1 87  THR 87  87  87  THR THR A . n 
A 1 88  LEU 88  88  88  LEU LEU A . n 
A 1 89  ARG 89  89  89  ARG ARG A . n 
A 1 90  GLN 90  90  90  GLN GLN A . n 
A 1 91  ILE 91  91  91  ILE ILE A . n 
A 1 92  LEU 92  92  92  LEU LEU A . n 
A 1 93  GLN 93  93  93  GLN GLN A . n 
A 1 94  ASP 94  94  94  ASP ASP A . n 
A 1 95  VAL 95  95  95  VAL VAL A . n 
A 1 96  LYS 96  96  96  LYS LYS A . n 
A 1 97  ALA 97  97  97  ALA ALA A . n 
A 1 98  ALA 98  98  98  ALA ALA A . n 
A 1 99  ASN 99  99  99  ASN ASN A . n 
A 1 100 ALA 100 100 100 ALA ALA A . n 
A 1 101 GLU 101 101 101 GLU GLU A . n 
A 1 102 PRO 102 102 102 PRO PRO A . n 
A 1 103 LEU 103 103 103 LEU LEU A . n 
A 1 104 LEU 104 104 104 LEU LEU A . n 
A 1 105 MET 105 105 105 MET MET A . n 
A 1 106 GLN 106 106 106 GLN GLN A . n 
A 1 107 ILE 107 107 107 ILE ILE A . n 
A 1 108 ARG 108 108 108 ARG ARG A . n 
A 1 109 LEU 109 109 109 LEU LEU A . n 
A 1 110 PRO 110 110 110 PRO PRO A . n 
A 1 111 ALA 111 111 111 ALA ALA A . n 
A 1 112 ASN 112 112 112 ASN ASN A . n 
A 1 113 TYR 113 113 113 TYR TYR A . n 
A 1 114 GLY 114 114 114 GLY GLY A . n 
A 1 115 ARG 115 115 115 ARG ARG A . n 
A 1 116 ARG 116 116 116 ARG ARG A . n 
A 1 117 TYR 117 117 117 TYR TYR A . n 
A 1 118 ASN 118 118 118 ASN ASN A . n 
A 1 119 GLU 119 119 119 GLU GLU A . n 
A 1 120 ALA 120 120 120 ALA ALA A . n 
A 1 121 PHE 121 121 121 PHE PHE A . n 
A 1 122 SER 122 122 122 SER SER A . n 
A 1 123 ALA 123 123 123 ALA ALA A . n 
A 1 124 ILE 124 124 124 ILE ILE A . n 
A 1 125 TYR 125 125 125 TYR TYR A . n 
A 1 126 PRO 126 126 126 PRO PRO A . n 
A 1 127 LYS 127 127 127 LYS LYS A . n 
A 1 128 LEU 128 128 128 LEU LEU A . n 
A 1 129 ALA 129 129 129 ALA ALA A . n 
A 1 130 LYS 130 130 130 LYS LYS A . n 
A 1 131 GLU 131 131 131 GLU GLU A . n 
A 1 132 PHE 132 132 132 PHE PHE A . n 
A 1 133 ASP 133 133 133 ASP ASP A . n 
A 1 134 VAL 134 134 134 VAL VAL A . n 
A 1 135 PRO 135 135 135 PRO PRO A . n 
A 1 136 LEU 136 136 136 LEU LEU A . n 
A 1 137 LEU 137 137 137 LEU LEU A . n 
A 1 138 PRO 138 138 138 PRO PRO A . n 
A 1 139 PHE 139 139 139 PHE PHE A . n 
A 1 140 PHE 140 140 140 PHE PHE A . n 
A 1 141 MET 141 141 141 MET MET A . n 
A 1 142 GLU 142 142 142 GLU GLU A . n 
A 1 143 GLU 143 143 143 GLU GLU A . n 
A 1 144 VAL 144 144 144 VAL VAL A . n 
A 1 145 TYR 145 145 145 TYR TYR A . n 
A 1 146 LEU 146 146 146 LEU LEU A . n 
A 1 147 LYS 147 147 147 LYS LYS A . n 
A 1 148 PRO 148 148 148 PRO PRO A . n 
A 1 149 GLN 149 149 149 GLN GLN A . n 
A 1 150 TRP 150 150 150 TRP TRP A . n 
A 1 151 MET 151 151 151 MET MET A . n 
A 1 152 GLN 152 152 152 GLN GLN A . n 
A 1 153 ASP 153 153 153 ASP ASP A . n 
A 1 154 ASP 154 154 154 ASP ASP A . n 
A 1 155 GLY 155 155 155 GLY GLY A . n 
A 1 156 ILE 156 156 156 ILE ILE A . n 
A 1 157 HIS 157 157 157 HIS HIS A . n 
A 1 158 PRO 158 158 158 PRO PRO A . n 
A 1 159 ASN 159 159 159 ASN ASN A . n 
A 1 160 ARG 160 160 160 ARG ARG A . n 
A 1 161 ASP 161 161 161 ASP ASP A . n 
A 1 162 ALA 162 162 162 ALA ALA A . n 
A 1 163 GLN 163 163 163 GLN GLN A . n 
A 1 164 PRO 164 164 164 PRO PRO A . n 
A 1 165 PHE 165 165 165 PHE PHE A . n 
A 1 166 ILE 166 166 166 ILE ILE A . n 
A 1 167 ALA 167 167 167 ALA ALA A . n 
A 1 168 ASP 168 168 168 ASP ASP A . n 
A 1 169 TRP 169 169 169 TRP TRP A . n 
A 1 170 MET 170 170 170 MET MET A . n 
A 1 171 ALA 171 171 171 ALA ALA A . n 
A 1 172 LYS 172 172 172 LYS LYS A . n 
A 1 173 GLN 173 173 173 GLN GLN A . n 
A 1 174 LEU 174 174 174 LEU LEU A . n 
A 1 175 GLN 175 175 175 GLN GLN A . n 
A 1 176 PRO 176 176 176 PRO PRO A . n 
A 1 177 LEU 177 177 177 LEU LEU A . n 
A 1 178 VAL 178 178 178 VAL VAL A . n 
A 1 179 ASN 179 179 179 ASN ASN A . n 
A 1 180 HIS 180 180 180 HIS HIS A . n 
A 1 181 ASP 181 181 ?   ?   ?   A . n 
A 1 182 SER 182 182 ?   ?   ?   A . n 
A 1 183 LEU 183 183 ?   ?   ?   A . n 
A 1 184 GLU 184 184 ?   ?   ?   A . n 
A 1 185 HIS 185 185 ?   ?   ?   A . n 
A 1 186 HIS 186 186 ?   ?   ?   A . n 
A 1 187 HIS 187 187 ?   ?   ?   A . n 
A 1 188 HIS 188 188 ?   ?   ?   A . n 
A 1 189 HIS 189 189 ?   ?   ?   A . n 
A 1 190 HIS 190 190 ?   ?   ?   A . n 
# 
loop_
_pdbx_nonpoly_scheme.asym_id 
_pdbx_nonpoly_scheme.entity_id 
_pdbx_nonpoly_scheme.mon_id 
_pdbx_nonpoly_scheme.ndb_seq_num 
_pdbx_nonpoly_scheme.pdb_seq_num 
_pdbx_nonpoly_scheme.auth_seq_num 
_pdbx_nonpoly_scheme.pdb_mon_id 
_pdbx_nonpoly_scheme.auth_mon_id 
_pdbx_nonpoly_scheme.pdb_strand_id 
_pdbx_nonpoly_scheme.pdb_ins_code 
B 2 SO4 1   501 501 SO4 SO4 A . 
C 3 GOL 1   301 301 GOL GOL A . 
D 4 HOH 1   502 1   HOH HOH A . 
D 4 HOH 2   503 2   HOH HOH A . 
D 4 HOH 3   504 3   HOH HOH A . 
D 4 HOH 4   505 4   HOH HOH A . 
D 4 HOH 5   506 5   HOH HOH A . 
D 4 HOH 6   507 6   HOH HOH A . 
D 4 HOH 7   508 7   HOH HOH A . 
D 4 HOH 8   509 8   HOH HOH A . 
D 4 HOH 9   510 9   HOH HOH A . 
D 4 HOH 10  511 10  HOH HOH A . 
D 4 HOH 11  512 11  HOH HOH A . 
D 4 HOH 12  513 12  HOH HOH A . 
D 4 HOH 13  514 13  HOH HOH A . 
D 4 HOH 14  515 14  HOH HOH A . 
D 4 HOH 15  516 15  HOH HOH A . 
D 4 HOH 16  517 16  HOH HOH A . 
D 4 HOH 17  518 17  HOH HOH A . 
D 4 HOH 18  519 18  HOH HOH A . 
D 4 HOH 19  520 19  HOH HOH A . 
D 4 HOH 20  521 20  HOH HOH A . 
D 4 HOH 21  522 21  HOH HOH A . 
D 4 HOH 22  523 22  HOH HOH A . 
D 4 HOH 23  524 23  HOH HOH A . 
D 4 HOH 24  525 24  HOH HOH A . 
D 4 HOH 25  526 25  HOH HOH A . 
D 4 HOH 26  527 26  HOH HOH A . 
D 4 HOH 27  528 27  HOH HOH A . 
D 4 HOH 28  529 28  HOH HOH A . 
D 4 HOH 29  530 29  HOH HOH A . 
D 4 HOH 30  531 30  HOH HOH A . 
D 4 HOH 31  532 31  HOH HOH A . 
D 4 HOH 32  533 32  HOH HOH A . 
D 4 HOH 33  534 33  HOH HOH A . 
D 4 HOH 34  535 34  HOH HOH A . 
D 4 HOH 35  536 35  HOH HOH A . 
D 4 HOH 36  537 36  HOH HOH A . 
D 4 HOH 37  538 37  HOH HOH A . 
D 4 HOH 38  539 38  HOH HOH A . 
D 4 HOH 39  540 39  HOH HOH A . 
D 4 HOH 40  541 40  HOH HOH A . 
D 4 HOH 41  542 41  HOH HOH A . 
D 4 HOH 42  543 42  HOH HOH A . 
D 4 HOH 43  544 43  HOH HOH A . 
D 4 HOH 44  545 44  HOH HOH A . 
D 4 HOH 45  546 45  HOH HOH A . 
D 4 HOH 46  547 46  HOH HOH A . 
D 4 HOH 47  548 47  HOH HOH A . 
D 4 HOH 48  549 48  HOH HOH A . 
D 4 HOH 49  550 49  HOH HOH A . 
D 4 HOH 50  551 50  HOH HOH A . 
D 4 HOH 51  552 51  HOH HOH A . 
D 4 HOH 52  553 52  HOH HOH A . 
D 4 HOH 53  554 53  HOH HOH A . 
D 4 HOH 54  555 54  HOH HOH A . 
D 4 HOH 55  556 55  HOH HOH A . 
D 4 HOH 56  557 56  HOH HOH A . 
D 4 HOH 57  558 57  HOH HOH A . 
D 4 HOH 58  559 58  HOH HOH A . 
D 4 HOH 59  560 59  HOH HOH A . 
D 4 HOH 60  561 60  HOH HOH A . 
D 4 HOH 61  562 61  HOH HOH A . 
D 4 HOH 62  563 62  HOH HOH A . 
D 4 HOH 63  564 63  HOH HOH A . 
D 4 HOH 64  565 64  HOH HOH A . 
D 4 HOH 65  566 65  HOH HOH A . 
D 4 HOH 66  567 66  HOH HOH A . 
D 4 HOH 67  568 67  HOH HOH A . 
D 4 HOH 68  569 68  HOH HOH A . 
D 4 HOH 69  570 69  HOH HOH A . 
D 4 HOH 70  571 70  HOH HOH A . 
D 4 HOH 71  572 71  HOH HOH A . 
D 4 HOH 72  573 72  HOH HOH A . 
D 4 HOH 73  574 73  HOH HOH A . 
D 4 HOH 74  575 74  HOH HOH A . 
D 4 HOH 75  576 75  HOH HOH A . 
D 4 HOH 76  577 76  HOH HOH A . 
D 4 HOH 77  578 77  HOH HOH A . 
D 4 HOH 78  579 78  HOH HOH A . 
D 4 HOH 79  580 79  HOH HOH A . 
D 4 HOH 80  581 80  HOH HOH A . 
D 4 HOH 81  582 81  HOH HOH A . 
D 4 HOH 82  583 82  HOH HOH A . 
D 4 HOH 83  584 83  HOH HOH A . 
D 4 HOH 84  585 84  HOH HOH A . 
D 4 HOH 85  586 85  HOH HOH A . 
D 4 HOH 86  587 86  HOH HOH A . 
D 4 HOH 87  588 87  HOH HOH A . 
D 4 HOH 88  589 88  HOH HOH A . 
D 4 HOH 89  590 89  HOH HOH A . 
D 4 HOH 90  591 90  HOH HOH A . 
D 4 HOH 91  592 91  HOH HOH A . 
D 4 HOH 92  593 92  HOH HOH A . 
D 4 HOH 93  594 93  HOH HOH A . 
D 4 HOH 94  595 94  HOH HOH A . 
D 4 HOH 95  596 95  HOH HOH A . 
D 4 HOH 96  597 96  HOH HOH A . 
D 4 HOH 97  598 97  HOH HOH A . 
D 4 HOH 98  599 98  HOH HOH A . 
D 4 HOH 99  600 99  HOH HOH A . 
D 4 HOH 100 601 100 HOH HOH A . 
D 4 HOH 101 602 101 HOH HOH A . 
D 4 HOH 102 603 102 HOH HOH A . 
D 4 HOH 103 604 103 HOH HOH A . 
D 4 HOH 104 605 104 HOH HOH A . 
D 4 HOH 105 606 105 HOH HOH A . 
D 4 HOH 106 607 106 HOH HOH A . 
D 4 HOH 107 608 107 HOH HOH A . 
D 4 HOH 108 609 108 HOH HOH A . 
D 4 HOH 109 610 109 HOH HOH A . 
D 4 HOH 110 611 110 HOH HOH A . 
D 4 HOH 111 612 111 HOH HOH A . 
D 4 HOH 112 613 112 HOH HOH A . 
D 4 HOH 113 614 113 HOH HOH A . 
D 4 HOH 114 615 114 HOH HOH A . 
D 4 HOH 115 616 115 HOH HOH A . 
D 4 HOH 116 617 116 HOH HOH A . 
D 4 HOH 117 618 117 HOH HOH A . 
D 4 HOH 118 619 118 HOH HOH A . 
D 4 HOH 119 620 119 HOH HOH A . 
D 4 HOH 120 621 120 HOH HOH A . 
D 4 HOH 121 622 121 HOH HOH A . 
D 4 HOH 122 623 122 HOH HOH A . 
D 4 HOH 123 624 123 HOH HOH A . 
D 4 HOH 124 625 124 HOH HOH A . 
D 4 HOH 125 626 125 HOH HOH A . 
D 4 HOH 126 627 126 HOH HOH A . 
D 4 HOH 127 628 127 HOH HOH A . 
D 4 HOH 128 629 128 HOH HOH A . 
D 4 HOH 129 630 129 HOH HOH A . 
D 4 HOH 130 631 130 HOH HOH A . 
D 4 HOH 131 632 131 HOH HOH A . 
D 4 HOH 132 633 132 HOH HOH A . 
D 4 HOH 133 634 133 HOH HOH A . 
D 4 HOH 134 635 134 HOH HOH A . 
D 4 HOH 135 636 135 HOH HOH A . 
D 4 HOH 136 637 136 HOH HOH A . 
D 4 HOH 137 638 137 HOH HOH A . 
D 4 HOH 138 639 138 HOH HOH A . 
D 4 HOH 139 640 139 HOH HOH A . 
D 4 HOH 140 641 140 HOH HOH A . 
D 4 HOH 141 642 141 HOH HOH A . 
D 4 HOH 142 643 142 HOH HOH A . 
D 4 HOH 143 644 143 HOH HOH A . 
D 4 HOH 144 645 144 HOH HOH A . 
D 4 HOH 145 646 145 HOH HOH A . 
D 4 HOH 146 647 146 HOH HOH A . 
D 4 HOH 147 648 147 HOH HOH A . 
# 
loop_
_pdbx_struct_assembly.id 
_pdbx_struct_assembly.details 
_pdbx_struct_assembly.method_details 
_pdbx_struct_assembly.oligomeric_details 
_pdbx_struct_assembly.oligomeric_count 
1 author_and_software_defined_assembly PQS  monomeric 1 
2 software_defined_assembly            PISA dimeric   2 
# 
loop_
_pdbx_struct_assembly_gen.assembly_id 
_pdbx_struct_assembly_gen.oper_expression 
_pdbx_struct_assembly_gen.asym_id_list 
1 1   A,B,C,D 
2 1,2 A,B,C,D 
# 
loop_
_pdbx_struct_assembly_prop.biol_id 
_pdbx_struct_assembly_prop.type 
_pdbx_struct_assembly_prop.value 
_pdbx_struct_assembly_prop.details 
2 'ABSA (A^2)' 2010  ? 
2 MORE         -48   ? 
2 'SSA (A^2)'  16700 ? 
# 
loop_
_pdbx_struct_oper_list.id 
_pdbx_struct_oper_list.type 
_pdbx_struct_oper_list.name 
_pdbx_struct_oper_list.symmetry_operation 
_pdbx_struct_oper_list.matrix[1][1] 
_pdbx_struct_oper_list.matrix[1][2] 
_pdbx_struct_oper_list.matrix[1][3] 
_pdbx_struct_oper_list.vector[1] 
_pdbx_struct_oper_list.matrix[2][1] 
_pdbx_struct_oper_list.matrix[2][2] 
_pdbx_struct_oper_list.matrix[2][3] 
_pdbx_struct_oper_list.vector[2] 
_pdbx_struct_oper_list.matrix[3][1] 
_pdbx_struct_oper_list.matrix[3][2] 
_pdbx_struct_oper_list.matrix[3][3] 
_pdbx_struct_oper_list.vector[3] 
1 'identity operation'         1_555 x,y,z            1.0000000000  0.0000000000  0.0000000000 0.0000000000 0.0000000000  1.0000000000 0.0000000000  0.0000000000  0.0000000000 0.0000000000  1.0000000000  0.0000000000  
2 'crystal symmetry operation' 8_665 -y+1,-x+1,-z+1/2 -0.4079046913 -0.8017439208 0.4368299993 2.6832382864 -0.8017439208 0.0856247382 -0.5915024004 15.5002295036 0.4368299993 -0.5915024004 -0.6777200469 24.8116704230 
# 
loop_
_pdbx_audit_revision_history.ordinal 
_pdbx_audit_revision_history.data_content_type 
_pdbx_audit_revision_history.major_revision 
_pdbx_audit_revision_history.minor_revision 
_pdbx_audit_revision_history.revision_date 
1 'Structure model' 1 0 2003-07-08 
2 'Structure model' 1 1 2008-04-27 
3 'Structure model' 1 2 2011-07-13 
4 'Structure model' 1 3 2023-10-25 
# 
_pdbx_audit_revision_details.ordinal             1 
_pdbx_audit_revision_details.revision_ordinal    1 
_pdbx_audit_revision_details.data_content_type   'Structure model' 
_pdbx_audit_revision_details.provider            repository 
_pdbx_audit_revision_details.type                'Initial release' 
_pdbx_audit_revision_details.description         ? 
_pdbx_audit_revision_details.details             ? 
# 
loop_
_pdbx_audit_revision_group.ordinal 
_pdbx_audit_revision_group.revision_ordinal 
_pdbx_audit_revision_group.data_content_type 
_pdbx_audit_revision_group.group 
1 2 'Structure model' 'Version format compliance' 
2 3 'Structure model' 'Derived calculations'      
3 3 'Structure model' 'Version format compliance' 
4 4 'Structure model' 'Data collection'           
5 4 'Structure model' 'Database references'       
6 4 'Structure model' 'Derived calculations'      
7 4 'Structure model' 'Refinement description'    
# 
loop_
_pdbx_audit_revision_category.ordinal 
_pdbx_audit_revision_category.revision_ordinal 
_pdbx_audit_revision_category.data_content_type 
_pdbx_audit_revision_category.category 
1 4 'Structure model' chem_comp_atom                
2 4 'Structure model' chem_comp_bond                
3 4 'Structure model' database_2                    
4 4 'Structure model' pdbx_initial_refinement_model 
5 4 'Structure model' struct_ref_seq_dif            
6 4 'Structure model' struct_site                   
# 
loop_
_pdbx_audit_revision_item.ordinal 
_pdbx_audit_revision_item.revision_ordinal 
_pdbx_audit_revision_item.data_content_type 
_pdbx_audit_revision_item.item 
1 4 'Structure model' '_database_2.pdbx_DOI'                
2 4 'Structure model' '_database_2.pdbx_database_accession' 
3 4 'Structure model' '_struct_ref_seq_dif.details'         
4 4 'Structure model' '_struct_site.pdbx_auth_asym_id'      
5 4 'Structure model' '_struct_site.pdbx_auth_comp_id'      
6 4 'Structure model' '_struct_site.pdbx_auth_seq_id'       
# 
loop_
_refine_B_iso.class 
_refine_B_iso.treatment 
_refine_B_iso.pdbx_refine_id 
_refine_B_iso.details 
polymer    isotropic 'X-RAY DIFFRACTION' ? 
water      isotropic 'X-RAY DIFFRACTION' ? 
nonpolymer isotropic 'X-RAY DIFFRACTION' ? 
# 
loop_
_software.name 
_software.version 
_software.date 
_software.type 
_software.contact_author 
_software.contact_author_email 
_software.location 
_software.classification 
_software.language 
_software.citation_id 
_software.pdbx_ordinal 
CNS       1.0         1998 package 'Axel T. Brunger' axel.brunger@@yale.edu . refinement        Fortran ? 1 
ADSC      '(QUANTUM)' ?    ?       ?                 ?                      ? 'data collection' ?       ? 2 
SCALEPACK .           ?    ?       ?                 ?                      ? 'data scaling'    ?       ? 3 
CNS       .           ?    ?       ?                 ?                      ? phasing           ?       ? 4 
# 
_pdbx_validate_close_contact.id               1 
_pdbx_validate_close_contact.PDB_model_num    1 
_pdbx_validate_close_contact.auth_atom_id_1   O 
_pdbx_validate_close_contact.auth_asym_id_1   A 
_pdbx_validate_close_contact.auth_comp_id_1   HOH 
_pdbx_validate_close_contact.auth_seq_id_1    547 
_pdbx_validate_close_contact.PDB_ins_code_1   ? 
_pdbx_validate_close_contact.label_alt_id_1   ? 
_pdbx_validate_close_contact.auth_atom_id_2   O 
_pdbx_validate_close_contact.auth_asym_id_2   A 
_pdbx_validate_close_contact.auth_comp_id_2   HOH 
_pdbx_validate_close_contact.auth_seq_id_2    636 
_pdbx_validate_close_contact.PDB_ins_code_2   ? 
_pdbx_validate_close_contact.label_alt_id_2   ? 
_pdbx_validate_close_contact.dist             2.00 
# 
loop_
_pdbx_validate_torsion.id 
_pdbx_validate_torsion.PDB_model_num 
_pdbx_validate_torsion.auth_comp_id 
_pdbx_validate_torsion.auth_asym_id 
_pdbx_validate_torsion.auth_seq_id 
_pdbx_validate_torsion.PDB_ins_code 
_pdbx_validate_torsion.label_alt_id 
_pdbx_validate_torsion.phi 
_pdbx_validate_torsion.psi 
1 1 ASP A 9   ? ? -113.00 -148.38 
2 1 ALA A 40  ? ? -95.49  52.75   
3 1 GLN A 62  ? ? 39.70   57.92   
4 1 ASP A 74  ? ? -71.74  32.89   
5 1 ASN A 112 ? ? -72.51  29.33   
6 1 ARG A 115 ? ? -70.76  -108.04 
7 1 ARG A 116 ? ? -6.60   -53.73  
# 
loop_
_pdbx_unobs_or_zero_occ_atoms.id 
_pdbx_unobs_or_zero_occ_atoms.PDB_model_num 
_pdbx_unobs_or_zero_occ_atoms.polymer_flag 
_pdbx_unobs_or_zero_occ_atoms.occupancy_flag 
_pdbx_unobs_or_zero_occ_atoms.auth_asym_id 
_pdbx_unobs_or_zero_occ_atoms.auth_comp_id 
_pdbx_unobs_or_zero_occ_atoms.auth_seq_id 
_pdbx_unobs_or_zero_occ_atoms.PDB_ins_code 
_pdbx_unobs_or_zero_occ_atoms.auth_atom_id 
_pdbx_unobs_or_zero_occ_atoms.label_alt_id 
_pdbx_unobs_or_zero_occ_atoms.label_asym_id 
_pdbx_unobs_or_zero_occ_atoms.label_comp_id 
_pdbx_unobs_or_zero_occ_atoms.label_seq_id 
_pdbx_unobs_or_zero_occ_atoms.label_atom_id 
1 1 Y 1 A HIS 180 ? N  ? A HIS 180 N  
2 1 Y 1 A HIS 180 ? CA ? A HIS 180 CA 
3 1 Y 1 A HIS 180 ? C  ? A HIS 180 C  
4 1 Y 1 A HIS 180 ? O  ? A HIS 180 O  
5 1 Y 1 A HIS 180 ? CB ? A HIS 180 CB 
# 
loop_
_pdbx_unobs_or_zero_occ_residues.id 
_pdbx_unobs_or_zero_occ_residues.PDB_model_num 
_pdbx_unobs_or_zero_occ_residues.polymer_flag 
_pdbx_unobs_or_zero_occ_residues.occupancy_flag 
_pdbx_unobs_or_zero_occ_residues.auth_asym_id 
_pdbx_unobs_or_zero_occ_residues.auth_comp_id 
_pdbx_unobs_or_zero_occ_residues.auth_seq_id 
_pdbx_unobs_or_zero_occ_residues.PDB_ins_code 
_pdbx_unobs_or_zero_occ_residues.label_asym_id 
_pdbx_unobs_or_zero_occ_residues.label_comp_id 
_pdbx_unobs_or_zero_occ_residues.label_seq_id 
1  1 Y 1 A GLN 32  ? A GLN 32  
2  1 Y 1 A ASP 181 ? A ASP 181 
3  1 Y 1 A SER 182 ? A SER 182 
4  1 Y 1 A LEU 183 ? A LEU 183 
5  1 Y 1 A GLU 184 ? A GLU 184 
6  1 Y 1 A HIS 185 ? A HIS 185 
7  1 Y 1 A HIS 186 ? A HIS 186 
8  1 Y 1 A HIS 187 ? A HIS 187 
9  1 Y 1 A HIS 188 ? A HIS 188 
10 1 Y 1 A HIS 189 ? A HIS 189 
11 1 Y 1 A HIS 190 ? A HIS 190 
# 
loop_
_chem_comp_atom.comp_id 
_chem_comp_atom.atom_id 
_chem_comp_atom.type_symbol 
_chem_comp_atom.pdbx_aromatic_flag 
_chem_comp_atom.pdbx_stereo_config 
_chem_comp_atom.pdbx_ordinal 
ALA N    N N N 1   
ALA CA   C N S 2   
ALA C    C N N 3   
ALA O    O N N 4   
ALA CB   C N N 5   
ALA OXT  O N N 6   
ALA H    H N N 7   
ALA H2   H N N 8   
ALA HA   H N N 9   
ALA HB1  H N N 10  
ALA HB2  H N N 11  
ALA HB3  H N N 12  
ALA HXT  H N N 13  
ARG N    N N N 14  
ARG CA   C N S 15  
ARG C    C N N 16  
ARG O    O N N 17  
ARG CB   C N N 18  
ARG CG   C N N 19  
ARG CD   C N N 20  
ARG NE   N N N 21  
ARG CZ   C N N 22  
ARG NH1  N N N 23  
ARG NH2  N N N 24  
ARG OXT  O N N 25  
ARG H    H N N 26  
ARG H2   H N N 27  
ARG HA   H N N 28  
ARG HB2  H N N 29  
ARG HB3  H N N 30  
ARG HG2  H N N 31  
ARG HG3  H N N 32  
ARG HD2  H N N 33  
ARG HD3  H N N 34  
ARG HE   H N N 35  
ARG HH11 H N N 36  
ARG HH12 H N N 37  
ARG HH21 H N N 38  
ARG HH22 H N N 39  
ARG HXT  H N N 40  
ASN N    N N N 41  
ASN CA   C N S 42  
ASN C    C N N 43  
ASN O    O N N 44  
ASN CB   C N N 45  
ASN CG   C N N 46  
ASN OD1  O N N 47  
ASN ND2  N N N 48  
ASN OXT  O N N 49  
ASN H    H N N 50  
ASN H2   H N N 51  
ASN HA   H N N 52  
ASN HB2  H N N 53  
ASN HB3  H N N 54  
ASN HD21 H N N 55  
ASN HD22 H N N 56  
ASN HXT  H N N 57  
ASP N    N N N 58  
ASP CA   C N S 59  
ASP C    C N N 60  
ASP O    O N N 61  
ASP CB   C N N 62  
ASP CG   C N N 63  
ASP OD1  O N N 64  
ASP OD2  O N N 65  
ASP OXT  O N N 66  
ASP H    H N N 67  
ASP H2   H N N 68  
ASP HA   H N N 69  
ASP HB2  H N N 70  
ASP HB3  H N N 71  
ASP HD2  H N N 72  
ASP HXT  H N N 73  
GLN N    N N N 74  
GLN CA   C N S 75  
GLN C    C N N 76  
GLN O    O N N 77  
GLN CB   C N N 78  
GLN CG   C N N 79  
GLN CD   C N N 80  
GLN OE1  O N N 81  
GLN NE2  N N N 82  
GLN OXT  O N N 83  
GLN H    H N N 84  
GLN H2   H N N 85  
GLN HA   H N N 86  
GLN HB2  H N N 87  
GLN HB3  H N N 88  
GLN HG2  H N N 89  
GLN HG3  H N N 90  
GLN HE21 H N N 91  
GLN HE22 H N N 92  
GLN HXT  H N N 93  
GLU N    N N N 94  
GLU CA   C N S 95  
GLU C    C N N 96  
GLU O    O N N 97  
GLU CB   C N N 98  
GLU CG   C N N 99  
GLU CD   C N N 100 
GLU OE1  O N N 101 
GLU OE2  O N N 102 
GLU OXT  O N N 103 
GLU H    H N N 104 
GLU H2   H N N 105 
GLU HA   H N N 106 
GLU HB2  H N N 107 
GLU HB3  H N N 108 
GLU HG2  H N N 109 
GLU HG3  H N N 110 
GLU HE2  H N N 111 
GLU HXT  H N N 112 
GLY N    N N N 113 
GLY CA   C N N 114 
GLY C    C N N 115 
GLY O    O N N 116 
GLY OXT  O N N 117 
GLY H    H N N 118 
GLY H2   H N N 119 
GLY HA2  H N N 120 
GLY HA3  H N N 121 
GLY HXT  H N N 122 
GOL C1   C N N 123 
GOL O1   O N N 124 
GOL C2   C N N 125 
GOL O2   O N N 126 
GOL C3   C N N 127 
GOL O3   O N N 128 
GOL H11  H N N 129 
GOL H12  H N N 130 
GOL HO1  H N N 131 
GOL H2   H N N 132 
GOL HO2  H N N 133 
GOL H31  H N N 134 
GOL H32  H N N 135 
GOL HO3  H N N 136 
HIS N    N N N 137 
HIS CA   C N S 138 
HIS C    C N N 139 
HIS O    O N N 140 
HIS CB   C N N 141 
HIS CG   C Y N 142 
HIS ND1  N Y N 143 
HIS CD2  C Y N 144 
HIS CE1  C Y N 145 
HIS NE2  N Y N 146 
HIS OXT  O N N 147 
HIS H    H N N 148 
HIS H2   H N N 149 
HIS HA   H N N 150 
HIS HB2  H N N 151 
HIS HB3  H N N 152 
HIS HD1  H N N 153 
HIS HD2  H N N 154 
HIS HE1  H N N 155 
HIS HE2  H N N 156 
HIS HXT  H N N 157 
HOH O    O N N 158 
HOH H1   H N N 159 
HOH H2   H N N 160 
ILE N    N N N 161 
ILE CA   C N S 162 
ILE C    C N N 163 
ILE O    O N N 164 
ILE CB   C N S 165 
ILE CG1  C N N 166 
ILE CG2  C N N 167 
ILE CD1  C N N 168 
ILE OXT  O N N 169 
ILE H    H N N 170 
ILE H2   H N N 171 
ILE HA   H N N 172 
ILE HB   H N N 173 
ILE HG12 H N N 174 
ILE HG13 H N N 175 
ILE HG21 H N N 176 
ILE HG22 H N N 177 
ILE HG23 H N N 178 
ILE HD11 H N N 179 
ILE HD12 H N N 180 
ILE HD13 H N N 181 
ILE HXT  H N N 182 
LEU N    N N N 183 
LEU CA   C N S 184 
LEU C    C N N 185 
LEU O    O N N 186 
LEU CB   C N N 187 
LEU CG   C N N 188 
LEU CD1  C N N 189 
LEU CD2  C N N 190 
LEU OXT  O N N 191 
LEU H    H N N 192 
LEU H2   H N N 193 
LEU HA   H N N 194 
LEU HB2  H N N 195 
LEU HB3  H N N 196 
LEU HG   H N N 197 
LEU HD11 H N N 198 
LEU HD12 H N N 199 
LEU HD13 H N N 200 
LEU HD21 H N N 201 
LEU HD22 H N N 202 
LEU HD23 H N N 203 
LEU HXT  H N N 204 
LYS N    N N N 205 
LYS CA   C N S 206 
LYS C    C N N 207 
LYS O    O N N 208 
LYS CB   C N N 209 
LYS CG   C N N 210 
LYS CD   C N N 211 
LYS CE   C N N 212 
LYS NZ   N N N 213 
LYS OXT  O N N 214 
LYS H    H N N 215 
LYS H2   H N N 216 
LYS HA   H N N 217 
LYS HB2  H N N 218 
LYS HB3  H N N 219 
LYS HG2  H N N 220 
LYS HG3  H N N 221 
LYS HD2  H N N 222 
LYS HD3  H N N 223 
LYS HE2  H N N 224 
LYS HE3  H N N 225 
LYS HZ1  H N N 226 
LYS HZ2  H N N 227 
LYS HZ3  H N N 228 
LYS HXT  H N N 229 
MET N    N N N 230 
MET CA   C N S 231 
MET C    C N N 232 
MET O    O N N 233 
MET CB   C N N 234 
MET CG   C N N 235 
MET SD   S N N 236 
MET CE   C N N 237 
MET OXT  O N N 238 
MET H    H N N 239 
MET H2   H N N 240 
MET HA   H N N 241 
MET HB2  H N N 242 
MET HB3  H N N 243 
MET HG2  H N N 244 
MET HG3  H N N 245 
MET HE1  H N N 246 
MET HE2  H N N 247 
MET HE3  H N N 248 
MET HXT  H N N 249 
PHE N    N N N 250 
PHE CA   C N S 251 
PHE C    C N N 252 
PHE O    O N N 253 
PHE CB   C N N 254 
PHE CG   C Y N 255 
PHE CD1  C Y N 256 
PHE CD2  C Y N 257 
PHE CE1  C Y N 258 
PHE CE2  C Y N 259 
PHE CZ   C Y N 260 
PHE OXT  O N N 261 
PHE H    H N N 262 
PHE H2   H N N 263 
PHE HA   H N N 264 
PHE HB2  H N N 265 
PHE HB3  H N N 266 
PHE HD1  H N N 267 
PHE HD2  H N N 268 
PHE HE1  H N N 269 
PHE HE2  H N N 270 
PHE HZ   H N N 271 
PHE HXT  H N N 272 
PRO N    N N N 273 
PRO CA   C N S 274 
PRO C    C N N 275 
PRO O    O N N 276 
PRO CB   C N N 277 
PRO CG   C N N 278 
PRO CD   C N N 279 
PRO OXT  O N N 280 
PRO H    H N N 281 
PRO HA   H N N 282 
PRO HB2  H N N 283 
PRO HB3  H N N 284 
PRO HG2  H N N 285 
PRO HG3  H N N 286 
PRO HD2  H N N 287 
PRO HD3  H N N 288 
PRO HXT  H N N 289 
SER N    N N N 290 
SER CA   C N S 291 
SER C    C N N 292 
SER O    O N N 293 
SER CB   C N N 294 
SER OG   O N N 295 
SER OXT  O N N 296 
SER H    H N N 297 
SER H2   H N N 298 
SER HA   H N N 299 
SER HB2  H N N 300 
SER HB3  H N N 301 
SER HG   H N N 302 
SER HXT  H N N 303 
SO4 S    S N N 304 
SO4 O1   O N N 305 
SO4 O2   O N N 306 
SO4 O3   O N N 307 
SO4 O4   O N N 308 
THR N    N N N 309 
THR CA   C N S 310 
THR C    C N N 311 
THR O    O N N 312 
THR CB   C N R 313 
THR OG1  O N N 314 
THR CG2  C N N 315 
THR OXT  O N N 316 
THR H    H N N 317 
THR H2   H N N 318 
THR HA   H N N 319 
THR HB   H N N 320 
THR HG1  H N N 321 
THR HG21 H N N 322 
THR HG22 H N N 323 
THR HG23 H N N 324 
THR HXT  H N N 325 
TRP N    N N N 326 
TRP CA   C N S 327 
TRP C    C N N 328 
TRP O    O N N 329 
TRP CB   C N N 330 
TRP CG   C Y N 331 
TRP CD1  C Y N 332 
TRP CD2  C Y N 333 
TRP NE1  N Y N 334 
TRP CE2  C Y N 335 
TRP CE3  C Y N 336 
TRP CZ2  C Y N 337 
TRP CZ3  C Y N 338 
TRP CH2  C Y N 339 
TRP OXT  O N N 340 
TRP H    H N N 341 
TRP H2   H N N 342 
TRP HA   H N N 343 
TRP HB2  H N N 344 
TRP HB3  H N N 345 
TRP HD1  H N N 346 
TRP HE1  H N N 347 
TRP HE3  H N N 348 
TRP HZ2  H N N 349 
TRP HZ3  H N N 350 
TRP HH2  H N N 351 
TRP HXT  H N N 352 
TYR N    N N N 353 
TYR CA   C N S 354 
TYR C    C N N 355 
TYR O    O N N 356 
TYR CB   C N N 357 
TYR CG   C Y N 358 
TYR CD1  C Y N 359 
TYR CD2  C Y N 360 
TYR CE1  C Y N 361 
TYR CE2  C Y N 362 
TYR CZ   C Y N 363 
TYR OH   O N N 364 
TYR OXT  O N N 365 
TYR H    H N N 366 
TYR H2   H N N 367 
TYR HA   H N N 368 
TYR HB2  H N N 369 
TYR HB3  H N N 370 
TYR HD1  H N N 371 
TYR HD2  H N N 372 
TYR HE1  H N N 373 
TYR HE2  H N N 374 
TYR HH   H N N 375 
TYR HXT  H N N 376 
VAL N    N N N 377 
VAL CA   C N S 378 
VAL C    C N N 379 
VAL O    O N N 380 
VAL CB   C N N 381 
VAL CG1  C N N 382 
VAL CG2  C N N 383 
VAL OXT  O N N 384 
VAL H    H N N 385 
VAL H2   H N N 386 
VAL HA   H N N 387 
VAL HB   H N N 388 
VAL HG11 H N N 389 
VAL HG12 H N N 390 
VAL HG13 H N N 391 
VAL HG21 H N N 392 
VAL HG22 H N N 393 
VAL HG23 H N N 394 
VAL HXT  H N N 395 
# 
loop_
_chem_comp_bond.comp_id 
_chem_comp_bond.atom_id_1 
_chem_comp_bond.atom_id_2 
_chem_comp_bond.value_order 
_chem_comp_bond.pdbx_aromatic_flag 
_chem_comp_bond.pdbx_stereo_config 
_chem_comp_bond.pdbx_ordinal 
ALA N   CA   sing N N 1   
ALA N   H    sing N N 2   
ALA N   H2   sing N N 3   
ALA CA  C    sing N N 4   
ALA CA  CB   sing N N 5   
ALA CA  HA   sing N N 6   
ALA C   O    doub N N 7   
ALA C   OXT  sing N N 8   
ALA CB  HB1  sing N N 9   
ALA CB  HB2  sing N N 10  
ALA CB  HB3  sing N N 11  
ALA OXT HXT  sing N N 12  
ARG N   CA   sing N N 13  
ARG N   H    sing N N 14  
ARG N   H2   sing N N 15  
ARG CA  C    sing N N 16  
ARG CA  CB   sing N N 17  
ARG CA  HA   sing N N 18  
ARG C   O    doub N N 19  
ARG C   OXT  sing N N 20  
ARG CB  CG   sing N N 21  
ARG CB  HB2  sing N N 22  
ARG CB  HB3  sing N N 23  
ARG CG  CD   sing N N 24  
ARG CG  HG2  sing N N 25  
ARG CG  HG3  sing N N 26  
ARG CD  NE   sing N N 27  
ARG CD  HD2  sing N N 28  
ARG CD  HD3  sing N N 29  
ARG NE  CZ   sing N N 30  
ARG NE  HE   sing N N 31  
ARG CZ  NH1  sing N N 32  
ARG CZ  NH2  doub N N 33  
ARG NH1 HH11 sing N N 34  
ARG NH1 HH12 sing N N 35  
ARG NH2 HH21 sing N N 36  
ARG NH2 HH22 sing N N 37  
ARG OXT HXT  sing N N 38  
ASN N   CA   sing N N 39  
ASN N   H    sing N N 40  
ASN N   H2   sing N N 41  
ASN CA  C    sing N N 42  
ASN CA  CB   sing N N 43  
ASN CA  HA   sing N N 44  
ASN C   O    doub N N 45  
ASN C   OXT  sing N N 46  
ASN CB  CG   sing N N 47  
ASN CB  HB2  sing N N 48  
ASN CB  HB3  sing N N 49  
ASN CG  OD1  doub N N 50  
ASN CG  ND2  sing N N 51  
ASN ND2 HD21 sing N N 52  
ASN ND2 HD22 sing N N 53  
ASN OXT HXT  sing N N 54  
ASP N   CA   sing N N 55  
ASP N   H    sing N N 56  
ASP N   H2   sing N N 57  
ASP CA  C    sing N N 58  
ASP CA  CB   sing N N 59  
ASP CA  HA   sing N N 60  
ASP C   O    doub N N 61  
ASP C   OXT  sing N N 62  
ASP CB  CG   sing N N 63  
ASP CB  HB2  sing N N 64  
ASP CB  HB3  sing N N 65  
ASP CG  OD1  doub N N 66  
ASP CG  OD2  sing N N 67  
ASP OD2 HD2  sing N N 68  
ASP OXT HXT  sing N N 69  
GLN N   CA   sing N N 70  
GLN N   H    sing N N 71  
GLN N   H2   sing N N 72  
GLN CA  C    sing N N 73  
GLN CA  CB   sing N N 74  
GLN CA  HA   sing N N 75  
GLN C   O    doub N N 76  
GLN C   OXT  sing N N 77  
GLN CB  CG   sing N N 78  
GLN CB  HB2  sing N N 79  
GLN CB  HB3  sing N N 80  
GLN CG  CD   sing N N 81  
GLN CG  HG2  sing N N 82  
GLN CG  HG3  sing N N 83  
GLN CD  OE1  doub N N 84  
GLN CD  NE2  sing N N 85  
GLN NE2 HE21 sing N N 86  
GLN NE2 HE22 sing N N 87  
GLN OXT HXT  sing N N 88  
GLU N   CA   sing N N 89  
GLU N   H    sing N N 90  
GLU N   H2   sing N N 91  
GLU CA  C    sing N N 92  
GLU CA  CB   sing N N 93  
GLU CA  HA   sing N N 94  
GLU C   O    doub N N 95  
GLU C   OXT  sing N N 96  
GLU CB  CG   sing N N 97  
GLU CB  HB2  sing N N 98  
GLU CB  HB3  sing N N 99  
GLU CG  CD   sing N N 100 
GLU CG  HG2  sing N N 101 
GLU CG  HG3  sing N N 102 
GLU CD  OE1  doub N N 103 
GLU CD  OE2  sing N N 104 
GLU OE2 HE2  sing N N 105 
GLU OXT HXT  sing N N 106 
GLY N   CA   sing N N 107 
GLY N   H    sing N N 108 
GLY N   H2   sing N N 109 
GLY CA  C    sing N N 110 
GLY CA  HA2  sing N N 111 
GLY CA  HA3  sing N N 112 
GLY C   O    doub N N 113 
GLY C   OXT  sing N N 114 
GLY OXT HXT  sing N N 115 
GOL C1  O1   sing N N 116 
GOL C1  C2   sing N N 117 
GOL C1  H11  sing N N 118 
GOL C1  H12  sing N N 119 
GOL O1  HO1  sing N N 120 
GOL C2  O2   sing N N 121 
GOL C2  C3   sing N N 122 
GOL C2  H2   sing N N 123 
GOL O2  HO2  sing N N 124 
GOL C3  O3   sing N N 125 
GOL C3  H31  sing N N 126 
GOL C3  H32  sing N N 127 
GOL O3  HO3  sing N N 128 
HIS N   CA   sing N N 129 
HIS N   H    sing N N 130 
HIS N   H2   sing N N 131 
HIS CA  C    sing N N 132 
HIS CA  CB   sing N N 133 
HIS CA  HA   sing N N 134 
HIS C   O    doub N N 135 
HIS C   OXT  sing N N 136 
HIS CB  CG   sing N N 137 
HIS CB  HB2  sing N N 138 
HIS CB  HB3  sing N N 139 
HIS CG  ND1  sing Y N 140 
HIS CG  CD2  doub Y N 141 
HIS ND1 CE1  doub Y N 142 
HIS ND1 HD1  sing N N 143 
HIS CD2 NE2  sing Y N 144 
HIS CD2 HD2  sing N N 145 
HIS CE1 NE2  sing Y N 146 
HIS CE1 HE1  sing N N 147 
HIS NE2 HE2  sing N N 148 
HIS OXT HXT  sing N N 149 
HOH O   H1   sing N N 150 
HOH O   H2   sing N N 151 
ILE N   CA   sing N N 152 
ILE N   H    sing N N 153 
ILE N   H2   sing N N 154 
ILE CA  C    sing N N 155 
ILE CA  CB   sing N N 156 
ILE CA  HA   sing N N 157 
ILE C   O    doub N N 158 
ILE C   OXT  sing N N 159 
ILE CB  CG1  sing N N 160 
ILE CB  CG2  sing N N 161 
ILE CB  HB   sing N N 162 
ILE CG1 CD1  sing N N 163 
ILE CG1 HG12 sing N N 164 
ILE CG1 HG13 sing N N 165 
ILE CG2 HG21 sing N N 166 
ILE CG2 HG22 sing N N 167 
ILE CG2 HG23 sing N N 168 
ILE CD1 HD11 sing N N 169 
ILE CD1 HD12 sing N N 170 
ILE CD1 HD13 sing N N 171 
ILE OXT HXT  sing N N 172 
LEU N   CA   sing N N 173 
LEU N   H    sing N N 174 
LEU N   H2   sing N N 175 
LEU CA  C    sing N N 176 
LEU CA  CB   sing N N 177 
LEU CA  HA   sing N N 178 
LEU C   O    doub N N 179 
LEU C   OXT  sing N N 180 
LEU CB  CG   sing N N 181 
LEU CB  HB2  sing N N 182 
LEU CB  HB3  sing N N 183 
LEU CG  CD1  sing N N 184 
LEU CG  CD2  sing N N 185 
LEU CG  HG   sing N N 186 
LEU CD1 HD11 sing N N 187 
LEU CD1 HD12 sing N N 188 
LEU CD1 HD13 sing N N 189 
LEU CD2 HD21 sing N N 190 
LEU CD2 HD22 sing N N 191 
LEU CD2 HD23 sing N N 192 
LEU OXT HXT  sing N N 193 
LYS N   CA   sing N N 194 
LYS N   H    sing N N 195 
LYS N   H2   sing N N 196 
LYS CA  C    sing N N 197 
LYS CA  CB   sing N N 198 
LYS CA  HA   sing N N 199 
LYS C   O    doub N N 200 
LYS C   OXT  sing N N 201 
LYS CB  CG   sing N N 202 
LYS CB  HB2  sing N N 203 
LYS CB  HB3  sing N N 204 
LYS CG  CD   sing N N 205 
LYS CG  HG2  sing N N 206 
LYS CG  HG3  sing N N 207 
LYS CD  CE   sing N N 208 
LYS CD  HD2  sing N N 209 
LYS CD  HD3  sing N N 210 
LYS CE  NZ   sing N N 211 
LYS CE  HE2  sing N N 212 
LYS CE  HE3  sing N N 213 
LYS NZ  HZ1  sing N N 214 
LYS NZ  HZ2  sing N N 215 
LYS NZ  HZ3  sing N N 216 
LYS OXT HXT  sing N N 217 
MET N   CA   sing N N 218 
MET N   H    sing N N 219 
MET N   H2   sing N N 220 
MET CA  C    sing N N 221 
MET CA  CB   sing N N 222 
MET CA  HA   sing N N 223 
MET C   O    doub N N 224 
MET C   OXT  sing N N 225 
MET CB  CG   sing N N 226 
MET CB  HB2  sing N N 227 
MET CB  HB3  sing N N 228 
MET CG  SD   sing N N 229 
MET CG  HG2  sing N N 230 
MET CG  HG3  sing N N 231 
MET SD  CE   sing N N 232 
MET CE  HE1  sing N N 233 
MET CE  HE2  sing N N 234 
MET CE  HE3  sing N N 235 
MET OXT HXT  sing N N 236 
PHE N   CA   sing N N 237 
PHE N   H    sing N N 238 
PHE N   H2   sing N N 239 
PHE CA  C    sing N N 240 
PHE CA  CB   sing N N 241 
PHE CA  HA   sing N N 242 
PHE C   O    doub N N 243 
PHE C   OXT  sing N N 244 
PHE CB  CG   sing N N 245 
PHE CB  HB2  sing N N 246 
PHE CB  HB3  sing N N 247 
PHE CG  CD1  doub Y N 248 
PHE CG  CD2  sing Y N 249 
PHE CD1 CE1  sing Y N 250 
PHE CD1 HD1  sing N N 251 
PHE CD2 CE2  doub Y N 252 
PHE CD2 HD2  sing N N 253 
PHE CE1 CZ   doub Y N 254 
PHE CE1 HE1  sing N N 255 
PHE CE2 CZ   sing Y N 256 
PHE CE2 HE2  sing N N 257 
PHE CZ  HZ   sing N N 258 
PHE OXT HXT  sing N N 259 
PRO N   CA   sing N N 260 
PRO N   CD   sing N N 261 
PRO N   H    sing N N 262 
PRO CA  C    sing N N 263 
PRO CA  CB   sing N N 264 
PRO CA  HA   sing N N 265 
PRO C   O    doub N N 266 
PRO C   OXT  sing N N 267 
PRO CB  CG   sing N N 268 
PRO CB  HB2  sing N N 269 
PRO CB  HB3  sing N N 270 
PRO CG  CD   sing N N 271 
PRO CG  HG2  sing N N 272 
PRO CG  HG3  sing N N 273 
PRO CD  HD2  sing N N 274 
PRO CD  HD3  sing N N 275 
PRO OXT HXT  sing N N 276 
SER N   CA   sing N N 277 
SER N   H    sing N N 278 
SER N   H2   sing N N 279 
SER CA  C    sing N N 280 
SER CA  CB   sing N N 281 
SER CA  HA   sing N N 282 
SER C   O    doub N N 283 
SER C   OXT  sing N N 284 
SER CB  OG   sing N N 285 
SER CB  HB2  sing N N 286 
SER CB  HB3  sing N N 287 
SER OG  HG   sing N N 288 
SER OXT HXT  sing N N 289 
SO4 S   O1   doub N N 290 
SO4 S   O2   doub N N 291 
SO4 S   O3   sing N N 292 
SO4 S   O4   sing N N 293 
THR N   CA   sing N N 294 
THR N   H    sing N N 295 
THR N   H2   sing N N 296 
THR CA  C    sing N N 297 
THR CA  CB   sing N N 298 
THR CA  HA   sing N N 299 
THR C   O    doub N N 300 
THR C   OXT  sing N N 301 
THR CB  OG1  sing N N 302 
THR CB  CG2  sing N N 303 
THR CB  HB   sing N N 304 
THR OG1 HG1  sing N N 305 
THR CG2 HG21 sing N N 306 
THR CG2 HG22 sing N N 307 
THR CG2 HG23 sing N N 308 
THR OXT HXT  sing N N 309 
TRP N   CA   sing N N 310 
TRP N   H    sing N N 311 
TRP N   H2   sing N N 312 
TRP CA  C    sing N N 313 
TRP CA  CB   sing N N 314 
TRP CA  HA   sing N N 315 
TRP C   O    doub N N 316 
TRP C   OXT  sing N N 317 
TRP CB  CG   sing N N 318 
TRP CB  HB2  sing N N 319 
TRP CB  HB3  sing N N 320 
TRP CG  CD1  doub Y N 321 
TRP CG  CD2  sing Y N 322 
TRP CD1 NE1  sing Y N 323 
TRP CD1 HD1  sing N N 324 
TRP CD2 CE2  doub Y N 325 
TRP CD2 CE3  sing Y N 326 
TRP NE1 CE2  sing Y N 327 
TRP NE1 HE1  sing N N 328 
TRP CE2 CZ2  sing Y N 329 
TRP CE3 CZ3  doub Y N 330 
TRP CE3 HE3  sing N N 331 
TRP CZ2 CH2  doub Y N 332 
TRP CZ2 HZ2  sing N N 333 
TRP CZ3 CH2  sing Y N 334 
TRP CZ3 HZ3  sing N N 335 
TRP CH2 HH2  sing N N 336 
TRP OXT HXT  sing N N 337 
TYR N   CA   sing N N 338 
TYR N   H    sing N N 339 
TYR N   H2   sing N N 340 
TYR CA  C    sing N N 341 
TYR CA  CB   sing N N 342 
TYR CA  HA   sing N N 343 
TYR C   O    doub N N 344 
TYR C   OXT  sing N N 345 
TYR CB  CG   sing N N 346 
TYR CB  HB2  sing N N 347 
TYR CB  HB3  sing N N 348 
TYR CG  CD1  doub Y N 349 
TYR CG  CD2  sing Y N 350 
TYR CD1 CE1  sing Y N 351 
TYR CD1 HD1  sing N N 352 
TYR CD2 CE2  doub Y N 353 
TYR CD2 HD2  sing N N 354 
TYR CE1 CZ   doub Y N 355 
TYR CE1 HE1  sing N N 356 
TYR CE2 CZ   sing Y N 357 
TYR CE2 HE2  sing N N 358 
TYR CZ  OH   sing N N 359 
TYR OH  HH   sing N N 360 
TYR OXT HXT  sing N N 361 
VAL N   CA   sing N N 362 
VAL N   H    sing N N 363 
VAL N   H2   sing N N 364 
VAL CA  C    sing N N 365 
VAL CA  CB   sing N N 366 
VAL CA  HA   sing N N 367 
VAL C   O    doub N N 368 
VAL C   OXT  sing N N 369 
VAL CB  CG1  sing N N 370 
VAL CB  CG2  sing N N 371 
VAL CB  HB   sing N N 372 
VAL CG1 HG11 sing N N 373 
VAL CG1 HG12 sing N N 374 
VAL CG1 HG13 sing N N 375 
VAL CG2 HG21 sing N N 376 
VAL CG2 HG22 sing N N 377 
VAL CG2 HG23 sing N N 378 
VAL OXT HXT  sing N N 379 
# 
loop_
_pdbx_entity_nonpoly.entity_id 
_pdbx_entity_nonpoly.name 
_pdbx_entity_nonpoly.comp_id 
2 'SULFATE ION' SO4 
3 GLYCEROL      GOL 
4 water         HOH 
# 
_pdbx_initial_refinement_model.id               1 
_pdbx_initial_refinement_model.entity_id_list   ? 
_pdbx_initial_refinement_model.type             'experimental model' 
_pdbx_initial_refinement_model.source_name      PDB 
_pdbx_initial_refinement_model.accession_code   1JRL 
_pdbx_initial_refinement_model.details          'PDB ENTRY 1JRL' 
# 
